data_5KQL
# 
_entry.id   5KQL 
# 
_audit_conform.dict_name       mmcif_pdbx.dic 
_audit_conform.dict_version    5.379 
_audit_conform.dict_location   http://mmcif.pdb.org/dictionaries/ascii/mmcif_pdbx.dic 
# 
loop_
_database_2.database_id 
_database_2.database_code 
_database_2.pdbx_database_accession 
_database_2.pdbx_DOI 
PDB   5KQL         pdb_00005kql 10.2210/pdb5kql/pdb 
WWPDB D_1000222623 ?            ?                   
# 
loop_
_pdbx_database_related.content_type 
_pdbx_database_related.db_id 
_pdbx_database_related.db_name 
_pdbx_database_related.details 
unspecified 5KQG PDB . 
unspecified 5KQM PDB . 
unspecified 5KQP PDB . 
# 
_pdbx_database_status.status_code                     REL 
_pdbx_database_status.status_code_sf                  REL 
_pdbx_database_status.status_code_mr                  ? 
_pdbx_database_status.entry_id                        5KQL 
_pdbx_database_status.recvd_initial_deposition_date   2016-07-06 
_pdbx_database_status.SG_entry                        N 
_pdbx_database_status.deposit_site                    RCSB 
_pdbx_database_status.process_site                    RCSB 
_pdbx_database_status.status_code_cs                  ? 
_pdbx_database_status.methods_development_category    ? 
_pdbx_database_status.pdb_format_compatible           Y 
_pdbx_database_status.status_code_nmr_data            ? 
# 
loop_
_audit_author.name 
_audit_author.pdbx_ordinal 
'Wang, J.'     1 
'Zhang, Z.-Y.' 2 
'Yu, Z.-H.'    3 
# 
_citation.abstract                  ? 
_citation.abstract_id_CAS           ? 
_citation.book_id_ISBN              ? 
_citation.book_publisher            ? 
_citation.book_publisher_city       ? 
_citation.book_title                ? 
_citation.coordinate_linkage        ? 
_citation.country                   US 
_citation.database_id_Medline       ? 
_citation.details                   ? 
_citation.id                        primary 
_citation.journal_abbrev            J.Med.Chem. 
_citation.journal_id_ASTM           JMCMAR 
_citation.journal_id_CSD            0151 
_citation.journal_id_ISSN           0022-2623 
_citation.journal_full              ? 
_citation.journal_issue             ? 
_citation.journal_volume            ? 
_citation.language                  ? 
_citation.page_first                ? 
_citation.page_last                 ? 
_citation.title                     'Inhibition of low molecular weight protein tyrosine phosphatase by an induced-fit mechanism.' 
_citation.year                      2016 
_citation.database_id_CSD           ? 
_citation.pdbx_database_id_DOI      10.1021/acs.jmedchem.6b00993 
_citation.pdbx_database_id_PubMed   27676368 
_citation.unpublished_flag          ? 
# 
loop_
_citation_author.citation_id 
_citation_author.name 
_citation_author.ordinal 
_citation_author.identifier_ORCID 
primary 'He, R.'      1 ? 
primary 'Wang, J.'    2 ? 
primary 'Yu, Z.H.'    3 ? 
primary 'Zhang, R.Y.' 4 ? 
primary 'Liu, S.'     5 ? 
primary 'Wu, L.'      6 ? 
primary 'Zhang, Z.Y.' 7 ? 
# 
_cell.angle_alpha                  90.00 
_cell.angle_alpha_esd              ? 
_cell.angle_beta                   90.00 
_cell.angle_beta_esd               ? 
_cell.angle_gamma                  90.00 
_cell.angle_gamma_esd              ? 
_cell.entry_id                     5KQL 
_cell.details                      ? 
_cell.formula_units_Z              ? 
_cell.length_a                     34.190 
_cell.length_a_esd                 ? 
_cell.length_b                     54.573 
_cell.length_b_esd                 ? 
_cell.length_c                     97.515 
_cell.length_c_esd                 ? 
_cell.volume                       ? 
_cell.volume_esd                   ? 
_cell.Z_PDB                        4 
_cell.reciprocal_angle_alpha       ? 
_cell.reciprocal_angle_beta        ? 
_cell.reciprocal_angle_gamma       ? 
_cell.reciprocal_angle_alpha_esd   ? 
_cell.reciprocal_angle_beta_esd    ? 
_cell.reciprocal_angle_gamma_esd   ? 
_cell.reciprocal_length_a          ? 
_cell.reciprocal_length_b          ? 
_cell.reciprocal_length_c          ? 
_cell.reciprocal_length_a_esd      ? 
_cell.reciprocal_length_b_esd      ? 
_cell.reciprocal_length_c_esd      ? 
_cell.pdbx_unique_axis             ? 
# 
_symmetry.entry_id                         5KQL 
_symmetry.cell_setting                     ? 
_symmetry.Int_Tables_number                19 
_symmetry.space_group_name_Hall            ? 
_symmetry.space_group_name_H-M             'P 21 21 21' 
_symmetry.pdbx_full_space_group_name_H-M   ? 
# 
loop_
_entity.id 
_entity.type 
_entity.src_method 
_entity.pdbx_description 
_entity.formula_weight 
_entity.pdbx_number_of_molecules 
_entity.pdbx_ec 
_entity.pdbx_mutation 
_entity.pdbx_fragment 
_entity.details 
1 polymer     man 'Low molecular weight phosphotyrosine protein phosphatase'            20236.879 1   3.1.3.48,3.1.3.2 ? ? ? 
2 non-polymer syn '(1~{S})-2-oxidanylidene-1-phenyl-2-phenylazanyl-ethanesulfonic acid' 291.322   1   ?                ? ? ? 
3 water       nat water                                                                 18.015    268 ?                ? ? ? 
# 
_entity_name_com.entity_id   1 
_entity_name_com.name        
'LMW-PTPase,Adipocyte acid phosphatase,Low molecular weight cytosolic acid phosphatase,Red cell acid phosphatase 1' 
# 
_entity_poly.entity_id                      1 
_entity_poly.type                           'polypeptide(L)' 
_entity_poly.nstd_linkage                   no 
_entity_poly.nstd_monomer                   no 
_entity_poly.pdbx_seq_one_letter_code       
;MGSSHHHHHHSSGLVPRGSHMAEQATKSVLFVCLGNICRSPIAEAVFRKLVTDQNISENWRVDSAATSGYEIGNPPDYRG
QSCMKRHGIPMSHVARQITKEDFATFDYILCMDESNLRDLNRKSNQVKTCKAKIELLGSYDPQKQLIIEDPYYGNDSDFE
TVYQQCVRCCRAFLEKAH
;
_entity_poly.pdbx_seq_one_letter_code_can   
;MGSSHHHHHHSSGLVPRGSHMAEQATKSVLFVCLGNICRSPIAEAVFRKLVTDQNISENWRVDSAATSGYEIGNPPDYRG
QSCMKRHGIPMSHVARQITKEDFATFDYILCMDESNLRDLNRKSNQVKTCKAKIELLGSYDPQKQLIIEDPYYGNDSDFE
TVYQQCVRCCRAFLEKAH
;
_entity_poly.pdbx_strand_id                 A 
_entity_poly.pdbx_target_identifier         ? 
# 
loop_
_entity_poly_seq.entity_id 
_entity_poly_seq.num 
_entity_poly_seq.mon_id 
_entity_poly_seq.hetero 
1 1   MET n 
1 2   GLY n 
1 3   SER n 
1 4   SER n 
1 5   HIS n 
1 6   HIS n 
1 7   HIS n 
1 8   HIS n 
1 9   HIS n 
1 10  HIS n 
1 11  SER n 
1 12  SER n 
1 13  GLY n 
1 14  LEU n 
1 15  VAL n 
1 16  PRO n 
1 17  ARG n 
1 18  GLY n 
1 19  SER n 
1 20  HIS n 
1 21  MET n 
1 22  ALA n 
1 23  GLU n 
1 24  GLN n 
1 25  ALA n 
1 26  THR n 
1 27  LYS n 
1 28  SER n 
1 29  VAL n 
1 30  LEU n 
1 31  PHE n 
1 32  VAL n 
1 33  CYS n 
1 34  LEU n 
1 35  GLY n 
1 36  ASN n 
1 37  ILE n 
1 38  CYS n 
1 39  ARG n 
1 40  SER n 
1 41  PRO n 
1 42  ILE n 
1 43  ALA n 
1 44  GLU n 
1 45  ALA n 
1 46  VAL n 
1 47  PHE n 
1 48  ARG n 
1 49  LYS n 
1 50  LEU n 
1 51  VAL n 
1 52  THR n 
1 53  ASP n 
1 54  GLN n 
1 55  ASN n 
1 56  ILE n 
1 57  SER n 
1 58  GLU n 
1 59  ASN n 
1 60  TRP n 
1 61  ARG n 
1 62  VAL n 
1 63  ASP n 
1 64  SER n 
1 65  ALA n 
1 66  ALA n 
1 67  THR n 
1 68  SER n 
1 69  GLY n 
1 70  TYR n 
1 71  GLU n 
1 72  ILE n 
1 73  GLY n 
1 74  ASN n 
1 75  PRO n 
1 76  PRO n 
1 77  ASP n 
1 78  TYR n 
1 79  ARG n 
1 80  GLY n 
1 81  GLN n 
1 82  SER n 
1 83  CYS n 
1 84  MET n 
1 85  LYS n 
1 86  ARG n 
1 87  HIS n 
1 88  GLY n 
1 89  ILE n 
1 90  PRO n 
1 91  MET n 
1 92  SER n 
1 93  HIS n 
1 94  VAL n 
1 95  ALA n 
1 96  ARG n 
1 97  GLN n 
1 98  ILE n 
1 99  THR n 
1 100 LYS n 
1 101 GLU n 
1 102 ASP n 
1 103 PHE n 
1 104 ALA n 
1 105 THR n 
1 106 PHE n 
1 107 ASP n 
1 108 TYR n 
1 109 ILE n 
1 110 LEU n 
1 111 CYS n 
1 112 MET n 
1 113 ASP n 
1 114 GLU n 
1 115 SER n 
1 116 ASN n 
1 117 LEU n 
1 118 ARG n 
1 119 ASP n 
1 120 LEU n 
1 121 ASN n 
1 122 ARG n 
1 123 LYS n 
1 124 SER n 
1 125 ASN n 
1 126 GLN n 
1 127 VAL n 
1 128 LYS n 
1 129 THR n 
1 130 CYS n 
1 131 LYS n 
1 132 ALA n 
1 133 LYS n 
1 134 ILE n 
1 135 GLU n 
1 136 LEU n 
1 137 LEU n 
1 138 GLY n 
1 139 SER n 
1 140 TYR n 
1 141 ASP n 
1 142 PRO n 
1 143 GLN n 
1 144 LYS n 
1 145 GLN n 
1 146 LEU n 
1 147 ILE n 
1 148 ILE n 
1 149 GLU n 
1 150 ASP n 
1 151 PRO n 
1 152 TYR n 
1 153 TYR n 
1 154 GLY n 
1 155 ASN n 
1 156 ASP n 
1 157 SER n 
1 158 ASP n 
1 159 PHE n 
1 160 GLU n 
1 161 THR n 
1 162 VAL n 
1 163 TYR n 
1 164 GLN n 
1 165 GLN n 
1 166 CYS n 
1 167 VAL n 
1 168 ARG n 
1 169 CYS n 
1 170 CYS n 
1 171 ARG n 
1 172 ALA n 
1 173 PHE n 
1 174 LEU n 
1 175 GLU n 
1 176 LYS n 
1 177 ALA n 
1 178 HIS n 
# 
_entity_src_gen.entity_id                          1 
_entity_src_gen.pdbx_src_id                        1 
_entity_src_gen.pdbx_alt_source_flag               sample 
_entity_src_gen.pdbx_seq_type                      'Biological sequence' 
_entity_src_gen.pdbx_beg_seq_num                   1 
_entity_src_gen.pdbx_end_seq_num                   178 
_entity_src_gen.gene_src_common_name               Human 
_entity_src_gen.gene_src_genus                     ? 
_entity_src_gen.pdbx_gene_src_gene                 ACP1 
_entity_src_gen.gene_src_species                   ? 
_entity_src_gen.gene_src_strain                    ? 
_entity_src_gen.gene_src_tissue                    ? 
_entity_src_gen.gene_src_tissue_fraction           ? 
_entity_src_gen.gene_src_details                   ? 
_entity_src_gen.pdbx_gene_src_fragment             ? 
_entity_src_gen.pdbx_gene_src_scientific_name      'Homo sapiens' 
_entity_src_gen.pdbx_gene_src_ncbi_taxonomy_id     9606 
_entity_src_gen.pdbx_gene_src_variant              ? 
_entity_src_gen.pdbx_gene_src_cell_line            ? 
_entity_src_gen.pdbx_gene_src_atcc                 ? 
_entity_src_gen.pdbx_gene_src_organ                ? 
_entity_src_gen.pdbx_gene_src_organelle            ? 
_entity_src_gen.pdbx_gene_src_cell                 ? 
_entity_src_gen.pdbx_gene_src_cellular_location    ? 
_entity_src_gen.host_org_common_name               ? 
_entity_src_gen.pdbx_host_org_scientific_name      'Escherichia coli BL21(DE3)' 
_entity_src_gen.pdbx_host_org_ncbi_taxonomy_id     469008 
_entity_src_gen.host_org_genus                     ? 
_entity_src_gen.pdbx_host_org_gene                 ? 
_entity_src_gen.pdbx_host_org_organ                ? 
_entity_src_gen.host_org_species                   ? 
_entity_src_gen.pdbx_host_org_tissue               ? 
_entity_src_gen.pdbx_host_org_tissue_fraction      ? 
_entity_src_gen.pdbx_host_org_strain               ? 
_entity_src_gen.pdbx_host_org_variant              ? 
_entity_src_gen.pdbx_host_org_cell_line            ? 
_entity_src_gen.pdbx_host_org_atcc                 ? 
_entity_src_gen.pdbx_host_org_culture_collection   ? 
_entity_src_gen.pdbx_host_org_cell                 ? 
_entity_src_gen.pdbx_host_org_organelle            ? 
_entity_src_gen.pdbx_host_org_cellular_location    ? 
_entity_src_gen.pdbx_host_org_vector_type          ? 
_entity_src_gen.pdbx_host_org_vector               ? 
_entity_src_gen.host_org_details                   ? 
_entity_src_gen.expression_system_id               ? 
_entity_src_gen.plasmid_name                       ? 
_entity_src_gen.plasmid_details                    ? 
_entity_src_gen.pdbx_description                   ? 
# 
_struct_ref.id                         1 
_struct_ref.db_name                    UNP 
_struct_ref.db_code                    PPAC_HUMAN 
_struct_ref.pdbx_db_accession          P24666 
_struct_ref.pdbx_db_isoform            ? 
_struct_ref.entity_id                  1 
_struct_ref.pdbx_seq_one_letter_code   
;MAEQATKSVLFVCLGNICRSPIAEAVFRKLVTDQNISENWRVDSAATSGYEIGNPPDYRGQSCMKRHGIPMSHVARQITK
EDFATFDYILCMDESNLRDLNRKSNQVKTCKAKIELLGSYDPQKQLIIEDPYYGNDSDFETVYQQCVRCCRAFLEKAH
;
_struct_ref.pdbx_align_begin           1 
# 
_struct_ref_seq.align_id                      1 
_struct_ref_seq.ref_id                        1 
_struct_ref_seq.pdbx_PDB_id_code              5KQL 
_struct_ref_seq.pdbx_strand_id                A 
_struct_ref_seq.seq_align_beg                 21 
_struct_ref_seq.pdbx_seq_align_beg_ins_code   ? 
_struct_ref_seq.seq_align_end                 178 
_struct_ref_seq.pdbx_seq_align_end_ins_code   ? 
_struct_ref_seq.pdbx_db_accession             P24666 
_struct_ref_seq.db_align_beg                  1 
_struct_ref_seq.pdbx_db_align_beg_ins_code    ? 
_struct_ref_seq.db_align_end                  158 
_struct_ref_seq.pdbx_db_align_end_ins_code    ? 
_struct_ref_seq.pdbx_auth_seq_align_beg       0 
_struct_ref_seq.pdbx_auth_seq_align_end       157 
# 
loop_
_struct_ref_seq_dif.align_id 
_struct_ref_seq_dif.pdbx_pdb_id_code 
_struct_ref_seq_dif.mon_id 
_struct_ref_seq_dif.pdbx_pdb_strand_id 
_struct_ref_seq_dif.seq_num 
_struct_ref_seq_dif.pdbx_pdb_ins_code 
_struct_ref_seq_dif.pdbx_seq_db_name 
_struct_ref_seq_dif.pdbx_seq_db_accession_code 
_struct_ref_seq_dif.db_mon_id 
_struct_ref_seq_dif.pdbx_seq_db_seq_num 
_struct_ref_seq_dif.details 
_struct_ref_seq_dif.pdbx_auth_seq_num 
_struct_ref_seq_dif.pdbx_ordinal 
1 5KQL MET A 1  ? UNP P24666 ? ? 'initiating methionine' -20 1  
1 5KQL GLY A 2  ? UNP P24666 ? ? 'expression tag'        -19 2  
1 5KQL SER A 3  ? UNP P24666 ? ? 'expression tag'        -18 3  
1 5KQL SER A 4  ? UNP P24666 ? ? 'expression tag'        -17 4  
1 5KQL HIS A 5  ? UNP P24666 ? ? 'expression tag'        -16 5  
1 5KQL HIS A 6  ? UNP P24666 ? ? 'expression tag'        -15 6  
1 5KQL HIS A 7  ? UNP P24666 ? ? 'expression tag'        -14 7  
1 5KQL HIS A 8  ? UNP P24666 ? ? 'expression tag'        -13 8  
1 5KQL HIS A 9  ? UNP P24666 ? ? 'expression tag'        -12 9  
1 5KQL HIS A 10 ? UNP P24666 ? ? 'expression tag'        -11 10 
1 5KQL SER A 11 ? UNP P24666 ? ? 'expression tag'        -10 11 
1 5KQL SER A 12 ? UNP P24666 ? ? 'expression tag'        -9  12 
1 5KQL GLY A 13 ? UNP P24666 ? ? 'expression tag'        -8  13 
1 5KQL LEU A 14 ? UNP P24666 ? ? 'expression tag'        -7  14 
1 5KQL VAL A 15 ? UNP P24666 ? ? 'expression tag'        -6  15 
1 5KQL PRO A 16 ? UNP P24666 ? ? 'expression tag'        -5  16 
1 5KQL ARG A 17 ? UNP P24666 ? ? 'expression tag'        -4  17 
1 5KQL GLY A 18 ? UNP P24666 ? ? 'expression tag'        -3  18 
1 5KQL SER A 19 ? UNP P24666 ? ? 'expression tag'        -2  19 
1 5KQL HIS A 20 ? UNP P24666 ? ? 'expression tag'        -1  20 
# 
loop_
_chem_comp.id 
_chem_comp.type 
_chem_comp.mon_nstd_flag 
_chem_comp.name 
_chem_comp.pdbx_synonyms 
_chem_comp.formula 
_chem_comp.formula_weight 
6VY non-polymer         . '(1~{S})-2-oxidanylidene-1-phenyl-2-phenylazanyl-ethanesulfonic acid' ? 'C14 H13 N O4 S' 291.322 
ALA 'L-peptide linking' y ALANINE                                                               ? 'C3 H7 N O2'     89.093  
ARG 'L-peptide linking' y ARGININE                                                              ? 'C6 H15 N4 O2 1' 175.209 
ASN 'L-peptide linking' y ASPARAGINE                                                            ? 'C4 H8 N2 O3'    132.118 
ASP 'L-peptide linking' y 'ASPARTIC ACID'                                                       ? 'C4 H7 N O4'     133.103 
CYS 'L-peptide linking' y CYSTEINE                                                              ? 'C3 H7 N O2 S'   121.158 
GLN 'L-peptide linking' y GLUTAMINE                                                             ? 'C5 H10 N2 O3'   146.144 
GLU 'L-peptide linking' y 'GLUTAMIC ACID'                                                       ? 'C5 H9 N O4'     147.129 
GLY 'peptide linking'   y GLYCINE                                                               ? 'C2 H5 N O2'     75.067  
HIS 'L-peptide linking' y HISTIDINE                                                             ? 'C6 H10 N3 O2 1' 156.162 
HOH non-polymer         . WATER                                                                 ? 'H2 O'           18.015  
ILE 'L-peptide linking' y ISOLEUCINE                                                            ? 'C6 H13 N O2'    131.173 
LEU 'L-peptide linking' y LEUCINE                                                               ? 'C6 H13 N O2'    131.173 
LYS 'L-peptide linking' y LYSINE                                                                ? 'C6 H15 N2 O2 1' 147.195 
MET 'L-peptide linking' y METHIONINE                                                            ? 'C5 H11 N O2 S'  149.211 
PHE 'L-peptide linking' y PHENYLALANINE                                                         ? 'C9 H11 N O2'    165.189 
PRO 'L-peptide linking' y PROLINE                                                               ? 'C5 H9 N O2'     115.130 
SER 'L-peptide linking' y SERINE                                                                ? 'C3 H7 N O3'     105.093 
THR 'L-peptide linking' y THREONINE                                                             ? 'C4 H9 N O3'     119.119 
TRP 'L-peptide linking' y TRYPTOPHAN                                                            ? 'C11 H12 N2 O2'  204.225 
TYR 'L-peptide linking' y TYROSINE                                                              ? 'C9 H11 N O3'    181.189 
VAL 'L-peptide linking' y VALINE                                                                ? 'C5 H11 N O2'    117.146 
# 
_exptl.absorpt_coefficient_mu     ? 
_exptl.absorpt_correction_T_max   ? 
_exptl.absorpt_correction_T_min   ? 
_exptl.absorpt_correction_type    ? 
_exptl.absorpt_process_details    ? 
_exptl.entry_id                   5KQL 
_exptl.crystals_number            1 
_exptl.details                    ? 
_exptl.method                     'X-RAY DIFFRACTION' 
_exptl.method_details             ? 
# 
_exptl_crystal.colour                      ? 
_exptl_crystal.density_diffrn              ? 
_exptl_crystal.density_Matthews            2.25 
_exptl_crystal.density_method              ? 
_exptl_crystal.density_percent_sol         45.28 
_exptl_crystal.description                 ? 
_exptl_crystal.F_000                       ? 
_exptl_crystal.id                          1 
_exptl_crystal.preparation                 ? 
_exptl_crystal.size_max                    ? 
_exptl_crystal.size_mid                    ? 
_exptl_crystal.size_min                    ? 
_exptl_crystal.size_rad                    ? 
_exptl_crystal.colour_lustre               ? 
_exptl_crystal.colour_modifier             ? 
_exptl_crystal.colour_primary              ? 
_exptl_crystal.density_meas                ? 
_exptl_crystal.density_meas_esd            ? 
_exptl_crystal.density_meas_gt             ? 
_exptl_crystal.density_meas_lt             ? 
_exptl_crystal.density_meas_temp           ? 
_exptl_crystal.density_meas_temp_esd       ? 
_exptl_crystal.density_meas_temp_gt        ? 
_exptl_crystal.density_meas_temp_lt        ? 
_exptl_crystal.pdbx_crystal_image_url      ? 
_exptl_crystal.pdbx_crystal_image_format   ? 
_exptl_crystal.pdbx_mosaicity              ? 
_exptl_crystal.pdbx_mosaicity_esd          ? 
# 
_exptl_crystal_grow.apparatus       ? 
_exptl_crystal_grow.atmosphere      ? 
_exptl_crystal_grow.crystal_id      1 
_exptl_crystal_grow.details         ? 
_exptl_crystal_grow.method          'VAPOR DIFFUSION, HANGING DROP' 
_exptl_crystal_grow.method_ref      ? 
_exptl_crystal_grow.pH              ? 
_exptl_crystal_grow.pressure        ? 
_exptl_crystal_grow.pressure_esd    ? 
_exptl_crystal_grow.seeding         ? 
_exptl_crystal_grow.seeding_ref     ? 
_exptl_crystal_grow.temp            293 
_exptl_crystal_grow.temp_details    ? 
_exptl_crystal_grow.temp_esd        ? 
_exptl_crystal_grow.time            ? 
_exptl_crystal_grow.pdbx_details    '25-30% PEGME 5000, 100 mM Bis-Tris, pH 6.0-6.5' 
_exptl_crystal_grow.pdbx_pH_range   6.0-6.5 
# 
_diffrn.ambient_environment    ? 
_diffrn.ambient_temp           100 
_diffrn.ambient_temp_details   ? 
_diffrn.ambient_temp_esd       ? 
_diffrn.crystal_id             1 
_diffrn.crystal_support        ? 
_diffrn.crystal_treatment      ? 
_diffrn.details                ? 
_diffrn.id                     1 
_diffrn.ambient_pressure       ? 
_diffrn.ambient_pressure_esd   ? 
_diffrn.ambient_pressure_gt    ? 
_diffrn.ambient_pressure_lt    ? 
_diffrn.ambient_temp_gt        ? 
_diffrn.ambient_temp_lt        ? 
# 
_diffrn_detector.details                      ? 
_diffrn_detector.detector                     CCD 
_diffrn_detector.diffrn_id                    1 
_diffrn_detector.type                         'ADSC QUANTUM 315r' 
_diffrn_detector.area_resol_mean              ? 
_diffrn_detector.dtime                        ? 
_diffrn_detector.pdbx_frames_total            ? 
_diffrn_detector.pdbx_collection_time_total   ? 
_diffrn_detector.pdbx_collection_date         2012-03-23 
# 
_diffrn_radiation.collimation                      ? 
_diffrn_radiation.diffrn_id                        1 
_diffrn_radiation.filter_edge                      ? 
_diffrn_radiation.inhomogeneity                    ? 
_diffrn_radiation.monochromator                    ? 
_diffrn_radiation.polarisn_norm                    ? 
_diffrn_radiation.polarisn_ratio                   ? 
_diffrn_radiation.probe                            ? 
_diffrn_radiation.type                             ? 
_diffrn_radiation.xray_symbol                      ? 
_diffrn_radiation.wavelength_id                    1 
_diffrn_radiation.pdbx_monochromatic_or_laue_m_l   M 
_diffrn_radiation.pdbx_wavelength_list             ? 
_diffrn_radiation.pdbx_wavelength                  ? 
_diffrn_radiation.pdbx_diffrn_protocol             'SINGLE WAVELENGTH' 
_diffrn_radiation.pdbx_analyzer                    ? 
_diffrn_radiation.pdbx_scattering_type             x-ray 
# 
_diffrn_radiation_wavelength.id           1 
_diffrn_radiation_wavelength.wavelength   0.97934 
_diffrn_radiation_wavelength.wt           1.0 
# 
_diffrn_source.current                     ? 
_diffrn_source.details                     ? 
_diffrn_source.diffrn_id                   1 
_diffrn_source.power                       ? 
_diffrn_source.size                        ? 
_diffrn_source.source                      SYNCHROTRON 
_diffrn_source.target                      ? 
_diffrn_source.type                        'APS BEAMLINE 19-ID' 
_diffrn_source.voltage                     ? 
_diffrn_source.take-off_angle              ? 
_diffrn_source.pdbx_wavelength_list        0.97934 
_diffrn_source.pdbx_wavelength             ? 
_diffrn_source.pdbx_synchrotron_beamline   19-ID 
_diffrn_source.pdbx_synchrotron_site       APS 
# 
_reflns.B_iso_Wilson_estimate            ? 
_reflns.entry_id                         5KQL 
_reflns.data_reduction_details           ? 
_reflns.data_reduction_method            ? 
_reflns.d_resolution_high                1.45 
_reflns.d_resolution_low                 50.00 
_reflns.details                          ? 
_reflns.limit_h_max                      ? 
_reflns.limit_h_min                      ? 
_reflns.limit_k_max                      ? 
_reflns.limit_k_min                      ? 
_reflns.limit_l_max                      ? 
_reflns.limit_l_min                      ? 
_reflns.number_all                       ? 
_reflns.number_obs                       33262 
_reflns.observed_criterion               ? 
_reflns.observed_criterion_F_max         ? 
_reflns.observed_criterion_F_min         ? 
_reflns.observed_criterion_I_max         ? 
_reflns.observed_criterion_I_min         ? 
_reflns.observed_criterion_sigma_F       ? 
_reflns.observed_criterion_sigma_I       ? 
_reflns.percent_possible_obs             99.9 
_reflns.R_free_details                   ? 
_reflns.Rmerge_F_all                     ? 
_reflns.Rmerge_F_obs                     ? 
_reflns.Friedel_coverage                 ? 
_reflns.number_gt                        ? 
_reflns.threshold_expression             ? 
_reflns.pdbx_redundancy                  7.0 
_reflns.pdbx_Rmerge_I_obs                ? 
_reflns.pdbx_Rmerge_I_all                ? 
_reflns.pdbx_Rsym_value                  ? 
_reflns.pdbx_netI_over_av_sigmaI         ? 
_reflns.pdbx_netI_over_sigmaI            24.4 
_reflns.pdbx_res_netI_over_av_sigmaI_2   ? 
_reflns.pdbx_res_netI_over_sigmaI_2      ? 
_reflns.pdbx_chi_squared                 ? 
_reflns.pdbx_scaling_rejects             ? 
_reflns.pdbx_d_res_high_opt              ? 
_reflns.pdbx_d_res_low_opt               ? 
_reflns.pdbx_d_res_opt_method            ? 
_reflns.phase_calculation_details        ? 
_reflns.pdbx_Rrim_I_all                  ? 
_reflns.pdbx_Rpim_I_all                  ? 
_reflns.pdbx_d_opt                       ? 
_reflns.pdbx_number_measured_all         ? 
_reflns.pdbx_diffrn_id                   1 
_reflns.pdbx_ordinal                     1 
_reflns.pdbx_CC_half                     ? 
_reflns.pdbx_R_split                     ? 
# 
_reflns_shell.d_res_high                  . 
_reflns_shell.d_res_low                   ? 
_reflns_shell.meanI_over_sigI_all         ? 
_reflns_shell.meanI_over_sigI_obs         ? 
_reflns_shell.number_measured_all         ? 
_reflns_shell.number_measured_obs         ? 
_reflns_shell.number_possible             ? 
_reflns_shell.number_unique_all           ? 
_reflns_shell.number_unique_obs           ? 
_reflns_shell.percent_possible_all        ? 
_reflns_shell.percent_possible_obs        ? 
_reflns_shell.Rmerge_F_all                ? 
_reflns_shell.Rmerge_F_obs                ? 
_reflns_shell.Rmerge_I_all                ? 
_reflns_shell.Rmerge_I_obs                ? 
_reflns_shell.meanI_over_sigI_gt          ? 
_reflns_shell.meanI_over_uI_all           ? 
_reflns_shell.meanI_over_uI_gt            ? 
_reflns_shell.number_measured_gt          ? 
_reflns_shell.number_unique_gt            ? 
_reflns_shell.percent_possible_gt         ? 
_reflns_shell.Rmerge_F_gt                 ? 
_reflns_shell.Rmerge_I_gt                 ? 
_reflns_shell.pdbx_redundancy             ? 
_reflns_shell.pdbx_Rsym_value             ? 
_reflns_shell.pdbx_chi_squared            ? 
_reflns_shell.pdbx_netI_over_sigmaI_all   ? 
_reflns_shell.pdbx_netI_over_sigmaI_obs   ? 
_reflns_shell.pdbx_Rrim_I_all             ? 
_reflns_shell.pdbx_Rpim_I_all             ? 
_reflns_shell.pdbx_rejects                ? 
_reflns_shell.pdbx_ordinal                1 
_reflns_shell.pdbx_diffrn_id              1 
_reflns_shell.pdbx_CC_half                ? 
_reflns_shell.pdbx_R_split                ? 
# 
_refine.aniso_B[1][1]                            -0.9368 
_refine.aniso_B[1][2]                            -0.0000 
_refine.aniso_B[1][3]                            0.0000 
_refine.aniso_B[2][2]                            2.1861 
_refine.aniso_B[2][3]                            0.0000 
_refine.aniso_B[3][3]                            -1.2493 
_refine.B_iso_max                                ? 
_refine.B_iso_mean                               ? 
_refine.B_iso_min                                ? 
_refine.correlation_coeff_Fo_to_Fc               ? 
_refine.correlation_coeff_Fo_to_Fc_free          ? 
_refine.details                                  ? 
_refine.diff_density_max                         ? 
_refine.diff_density_max_esd                     ? 
_refine.diff_density_min                         ? 
_refine.diff_density_min_esd                     ? 
_refine.diff_density_rms                         ? 
_refine.diff_density_rms_esd                     ? 
_refine.entry_id                                 5KQL 
_refine.pdbx_refine_id                           'X-RAY DIFFRACTION' 
_refine.ls_abs_structure_details                 ? 
_refine.ls_abs_structure_Flack                   ? 
_refine.ls_abs_structure_Flack_esd               ? 
_refine.ls_abs_structure_Rogers                  ? 
_refine.ls_abs_structure_Rogers_esd              ? 
_refine.ls_d_res_high                            1.450 
_refine.ls_d_res_low                             21.629 
_refine.ls_extinction_coef                       ? 
_refine.ls_extinction_coef_esd                   ? 
_refine.ls_extinction_expression                 ? 
_refine.ls_extinction_method                     ? 
_refine.ls_goodness_of_fit_all                   ? 
_refine.ls_goodness_of_fit_all_esd               ? 
_refine.ls_goodness_of_fit_obs                   ? 
_refine.ls_goodness_of_fit_obs_esd               ? 
_refine.ls_hydrogen_treatment                    ? 
_refine.ls_matrix_type                           ? 
_refine.ls_number_constraints                    ? 
_refine.ls_number_parameters                     ? 
_refine.ls_number_reflns_all                     ? 
_refine.ls_number_reflns_obs                     33197 
_refine.ls_number_reflns_R_free                  1680 
_refine.ls_number_reflns_R_work                  ? 
_refine.ls_number_restraints                     ? 
_refine.ls_percent_reflns_obs                    99.90 
_refine.ls_percent_reflns_R_free                 5.06 
_refine.ls_R_factor_all                          ? 
_refine.ls_R_factor_obs                          0.1647 
_refine.ls_R_factor_R_free                       0.1765 
_refine.ls_R_factor_R_free_error                 ? 
_refine.ls_R_factor_R_free_error_details         ? 
_refine.ls_R_factor_R_work                       0.1640 
_refine.ls_R_Fsqd_factor_obs                     ? 
_refine.ls_R_I_factor_obs                        ? 
_refine.ls_redundancy_reflns_all                 ? 
_refine.ls_redundancy_reflns_obs                 ? 
_refine.ls_restrained_S_all                      ? 
_refine.ls_restrained_S_obs                      ? 
_refine.ls_shift_over_esd_max                    ? 
_refine.ls_shift_over_esd_mean                   ? 
_refine.ls_structure_factor_coef                 ? 
_refine.ls_weighting_details                     ? 
_refine.ls_weighting_scheme                      ? 
_refine.ls_wR_factor_all                         ? 
_refine.ls_wR_factor_obs                         ? 
_refine.ls_wR_factor_R_free                      ? 
_refine.ls_wR_factor_R_work                      ? 
_refine.occupancy_max                            ? 
_refine.occupancy_min                            ? 
_refine.solvent_model_details                    ? 
_refine.solvent_model_param_bsol                 44.303 
_refine.solvent_model_param_ksol                 0.355 
_refine.ls_R_factor_gt                           ? 
_refine.ls_goodness_of_fit_gt                    ? 
_refine.ls_goodness_of_fit_ref                   ? 
_refine.ls_shift_over_su_max                     ? 
_refine.ls_shift_over_su_max_lt                  ? 
_refine.ls_shift_over_su_mean                    ? 
_refine.ls_shift_over_su_mean_lt                 ? 
_refine.pdbx_ls_sigma_I                          ? 
_refine.pdbx_ls_sigma_F                          1.34 
_refine.pdbx_ls_sigma_Fsqd                       ? 
_refine.pdbx_data_cutoff_high_absF               ? 
_refine.pdbx_data_cutoff_high_rms_absF           ? 
_refine.pdbx_data_cutoff_low_absF                ? 
_refine.pdbx_isotropic_thermal_model             ? 
_refine.pdbx_ls_cross_valid_method               'FREE R-VALUE' 
_refine.pdbx_method_to_determine_struct          'MOLECULAR REPLACEMENT' 
_refine.pdbx_starting_model                      5PNT 
_refine.pdbx_stereochemistry_target_values       ? 
_refine.pdbx_R_Free_selection_details            ? 
_refine.pdbx_stereochem_target_val_spec_case     ? 
_refine.pdbx_overall_ESU_R                       ? 
_refine.pdbx_overall_ESU_R_Free                  ? 
_refine.pdbx_solvent_vdw_probe_radii             0.90 
_refine.pdbx_solvent_ion_probe_radii             ? 
_refine.pdbx_solvent_shrinkage_radii             0.77 
_refine.pdbx_real_space_R                        ? 
_refine.pdbx_density_correlation                 ? 
_refine.pdbx_pd_number_of_powder_patterns        ? 
_refine.pdbx_pd_number_of_points                 ? 
_refine.pdbx_pd_meas_number_of_points            ? 
_refine.pdbx_pd_proc_ls_prof_R_factor            ? 
_refine.pdbx_pd_proc_ls_prof_wR_factor           ? 
_refine.pdbx_pd_Marquardt_correlation_coeff      ? 
_refine.pdbx_pd_Fsqrd_R_factor                   ? 
_refine.pdbx_pd_ls_matrix_band_width             ? 
_refine.pdbx_overall_phase_error                 16.75 
_refine.pdbx_overall_SU_R_free_Cruickshank_DPI   ? 
_refine.pdbx_overall_SU_R_free_Blow_DPI          ? 
_refine.pdbx_overall_SU_R_Blow_DPI               ? 
_refine.pdbx_TLS_residual_ADP_flag               ? 
_refine.pdbx_diffrn_id                           1 
_refine.overall_SU_B                             ? 
_refine.overall_SU_ML                            0.24 
_refine.overall_SU_R_Cruickshank_DPI             ? 
_refine.overall_SU_R_free                        ? 
_refine.overall_FOM_free_R_set                   ? 
_refine.overall_FOM_work_R_set                   ? 
_refine.pdbx_average_fsc_overall                 ? 
_refine.pdbx_average_fsc_work                    ? 
_refine.pdbx_average_fsc_free                    ? 
# 
_refine_hist.pdbx_refine_id                   'X-RAY DIFFRACTION' 
_refine_hist.cycle_id                         LAST 
_refine_hist.pdbx_number_atoms_protein        1230 
_refine_hist.pdbx_number_atoms_nucleic_acid   0 
_refine_hist.pdbx_number_atoms_ligand         20 
_refine_hist.number_atoms_solvent             268 
_refine_hist.number_atoms_total               1518 
_refine_hist.d_res_high                       1.450 
_refine_hist.d_res_low                        21.629 
# 
loop_
_refine_ls_restr.pdbx_refine_id 
_refine_ls_restr.criterion 
_refine_ls_restr.dev_ideal 
_refine_ls_restr.dev_ideal_target 
_refine_ls_restr.number 
_refine_ls_restr.rejects 
_refine_ls_restr.type 
_refine_ls_restr.weight 
_refine_ls_restr.pdbx_restraint_function 
'X-RAY DIFFRACTION' ? 0.006  ? 1307 ? f_bond_d           ? ? 
'X-RAY DIFFRACTION' ? 1.095  ? 1774 ? f_angle_d          ? ? 
'X-RAY DIFFRACTION' ? 12.777 ? 502  ? f_dihedral_angle_d ? ? 
'X-RAY DIFFRACTION' ? 0.076  ? 192  ? f_chiral_restr     ? ? 
'X-RAY DIFFRACTION' ? 0.006  ? 233  ? f_plane_restr      ? ? 
# 
loop_
_refine_ls_shell.pdbx_refine_id 
_refine_ls_shell.d_res_high 
_refine_ls_shell.d_res_low 
_refine_ls_shell.number_reflns_all 
_refine_ls_shell.number_reflns_obs 
_refine_ls_shell.number_reflns_R_free 
_refine_ls_shell.number_reflns_R_work 
_refine_ls_shell.percent_reflns_obs 
_refine_ls_shell.percent_reflns_R_free 
_refine_ls_shell.R_factor_all 
_refine_ls_shell.R_factor_obs 
_refine_ls_shell.R_factor_R_free 
_refine_ls_shell.R_factor_R_free_error 
_refine_ls_shell.R_factor_R_work 
_refine_ls_shell.redundancy_reflns_all 
_refine_ls_shell.redundancy_reflns_obs 
_refine_ls_shell.wR_factor_all 
_refine_ls_shell.wR_factor_obs 
_refine_ls_shell.wR_factor_R_free 
_refine_ls_shell.wR_factor_R_work 
_refine_ls_shell.pdbx_total_number_of_bins_used 
_refine_ls_shell.pdbx_phase_error 
_refine_ls_shell.pdbx_fsc_work 
_refine_ls_shell.pdbx_fsc_free 
'X-RAY DIFFRACTION' 1.4500 1.4921  . . 118 2607 99.00  . . . 0.2628 . 0.2313 . . . . . . . . . . 
'X-RAY DIFFRACTION' 1.4921 1.5402  . . 134 2561 100.00 . . . 0.2252 . 0.1988 . . . . . . . . . . 
'X-RAY DIFFRACTION' 1.5402 1.5953  . . 140 2590 100.00 . . . 0.2179 . 0.1740 . . . . . . . . . . 
'X-RAY DIFFRACTION' 1.5953 1.6591  . . 135 2602 100.00 . . . 0.2044 . 0.1703 . . . . . . . . . . 
'X-RAY DIFFRACTION' 1.6591 1.7346  . . 142 2576 100.00 . . . 0.1831 . 0.1536 . . . . . . . . . . 
'X-RAY DIFFRACTION' 1.7346 1.8260  . . 153 2595 100.00 . . . 0.1762 . 0.1571 . . . . . . . . . . 
'X-RAY DIFFRACTION' 1.8260 1.9403  . . 136 2614 100.00 . . . 0.1955 . 0.1663 . . . . . . . . . . 
'X-RAY DIFFRACTION' 1.9403 2.0900  . . 141 2605 100.00 . . . 0.1861 . 0.1640 . . . . . . . . . . 
'X-RAY DIFFRACTION' 2.0900 2.3002  . . 132 2658 100.00 . . . 0.2051 . 0.1637 . . . . . . . . . . 
'X-RAY DIFFRACTION' 2.3002 2.6325  . . 133 2650 100.00 . . . 0.1835 . 0.1690 . . . . . . . . . . 
'X-RAY DIFFRACTION' 2.6325 3.3147  . . 150 2654 100.00 . . . 0.1805 . 0.1633 . . . . . . . . . . 
'X-RAY DIFFRACTION' 3.3147 21.6310 . . 166 2805 100.00 . . . 0.1372 . 0.1514 . . . . . . . . . . 
# 
_struct.entry_id                     5KQL 
_struct.title                        
'Co-crystal structure of LMW-PTP in complex with 2-oxo-1-phenyl-2-(phenylamino)ethanesulfonic acid' 
_struct.pdbx_model_details           ? 
_struct.pdbx_formula_weight          ? 
_struct.pdbx_formula_weight_method   ? 
_struct.pdbx_model_type_details      ? 
_struct.pdbx_CASP_flag               N 
# 
_struct_keywords.entry_id        5KQL 
_struct_keywords.text            'LMW-PTP, Inhibitor, Complex, hydrolase-hydrolase inhibitor complex' 
_struct_keywords.pdbx_keywords   'hydrolase/hydrolase inhibitor' 
# 
loop_
_struct_asym.id 
_struct_asym.pdbx_blank_PDB_chainid_flag 
_struct_asym.pdbx_modified 
_struct_asym.entity_id 
_struct_asym.details 
A N N 1 ? 
B N N 2 ? 
C N N 3 ? 
# 
loop_
_struct_conf.conf_type_id 
_struct_conf.id 
_struct_conf.pdbx_PDB_helix_id 
_struct_conf.beg_label_comp_id 
_struct_conf.beg_label_asym_id 
_struct_conf.beg_label_seq_id 
_struct_conf.pdbx_beg_PDB_ins_code 
_struct_conf.end_label_comp_id 
_struct_conf.end_label_asym_id 
_struct_conf.end_label_seq_id 
_struct_conf.pdbx_end_PDB_ins_code 
_struct_conf.beg_auth_comp_id 
_struct_conf.beg_auth_asym_id 
_struct_conf.beg_auth_seq_id 
_struct_conf.end_auth_comp_id 
_struct_conf.end_auth_asym_id 
_struct_conf.end_auth_seq_id 
_struct_conf.pdbx_PDB_helix_class 
_struct_conf.details 
_struct_conf.pdbx_PDB_helix_length 
HELX_P HELX_P1 AA1 CYS A 38  ? GLN A 54  ? CYS A 17  GLN A 33  1 ? 17 
HELX_P HELX_P2 AA2 ILE A 56  ? GLU A 58  ? ILE A 35  GLU A 37  5 ? 3  
HELX_P HELX_P3 AA3 ASP A 77  ? HIS A 87  ? ASP A 56  HIS A 66  1 ? 11 
HELX_P HELX_P4 AA4 THR A 99  ? PHE A 106 ? THR A 78  PHE A 85  1 ? 8  
HELX_P HELX_P5 AA5 ASP A 113 ? ASN A 125 ? ASP A 92  ASN A 104 1 ? 13 
HELX_P HELX_P6 AA6 GLY A 138 ? ASP A 141 ? GLY A 117 ASP A 120 5 ? 4  
HELX_P HELX_P7 AA7 ASN A 155 ? LYS A 176 ? ASN A 134 LYS A 155 1 ? 22 
# 
_struct_conf_type.id          HELX_P 
_struct_conf_type.criteria    ? 
_struct_conf_type.reference   ? 
# 
_struct_sheet.id               AA1 
_struct_sheet.type             ? 
_struct_sheet.number_strands   4 
_struct_sheet.details          ? 
# 
loop_
_struct_sheet_order.sheet_id 
_struct_sheet_order.range_id_1 
_struct_sheet_order.range_id_2 
_struct_sheet_order.offset 
_struct_sheet_order.sense 
AA1 1 2 ? parallel 
AA1 2 3 ? parallel 
AA1 3 4 ? parallel 
# 
loop_
_struct_sheet_range.sheet_id 
_struct_sheet_range.id 
_struct_sheet_range.beg_label_comp_id 
_struct_sheet_range.beg_label_asym_id 
_struct_sheet_range.beg_label_seq_id 
_struct_sheet_range.pdbx_beg_PDB_ins_code 
_struct_sheet_range.end_label_comp_id 
_struct_sheet_range.end_label_asym_id 
_struct_sheet_range.end_label_seq_id 
_struct_sheet_range.pdbx_end_PDB_ins_code 
_struct_sheet_range.beg_auth_comp_id 
_struct_sheet_range.beg_auth_asym_id 
_struct_sheet_range.beg_auth_seq_id 
_struct_sheet_range.end_auth_comp_id 
_struct_sheet_range.end_auth_asym_id 
_struct_sheet_range.end_auth_seq_id 
AA1 1 TRP A 60  ? ALA A 66  ? TRP A 39  ALA A 45  
AA1 2 LYS A 27  ? CYS A 33  ? LYS A 6   CYS A 12  
AA1 3 TYR A 108 ? CYS A 111 ? TYR A 87  CYS A 90  
AA1 4 LYS A 133 ? LEU A 136 ? LYS A 112 LEU A 115 
# 
loop_
_pdbx_struct_sheet_hbond.sheet_id 
_pdbx_struct_sheet_hbond.range_id_1 
_pdbx_struct_sheet_hbond.range_id_2 
_pdbx_struct_sheet_hbond.range_1_label_atom_id 
_pdbx_struct_sheet_hbond.range_1_label_comp_id 
_pdbx_struct_sheet_hbond.range_1_label_asym_id 
_pdbx_struct_sheet_hbond.range_1_label_seq_id 
_pdbx_struct_sheet_hbond.range_1_PDB_ins_code 
_pdbx_struct_sheet_hbond.range_1_auth_atom_id 
_pdbx_struct_sheet_hbond.range_1_auth_comp_id 
_pdbx_struct_sheet_hbond.range_1_auth_asym_id 
_pdbx_struct_sheet_hbond.range_1_auth_seq_id 
_pdbx_struct_sheet_hbond.range_2_label_atom_id 
_pdbx_struct_sheet_hbond.range_2_label_comp_id 
_pdbx_struct_sheet_hbond.range_2_label_asym_id 
_pdbx_struct_sheet_hbond.range_2_label_seq_id 
_pdbx_struct_sheet_hbond.range_2_PDB_ins_code 
_pdbx_struct_sheet_hbond.range_2_auth_atom_id 
_pdbx_struct_sheet_hbond.range_2_auth_comp_id 
_pdbx_struct_sheet_hbond.range_2_auth_asym_id 
_pdbx_struct_sheet_hbond.range_2_auth_seq_id 
AA1 1 2 O ARG A 61  ? O ARG A 40 N LYS A 27  ? N LYS A 6   
AA1 2 3 N LEU A 30  ? N LEU A 9  O TYR A 108 ? O TYR A 87  
AA1 3 4 N ILE A 109 ? N ILE A 88 O LYS A 133 ? O LYS A 112 
# 
_struct_site.id                   AC1 
_struct_site.pdbx_evidence_code   Software 
_struct_site.pdbx_auth_asym_id    A 
_struct_site.pdbx_auth_comp_id    6VY 
_struct_site.pdbx_auth_seq_id     200 
_struct_site.pdbx_auth_ins_code   ? 
_struct_site.pdbx_num_residues    13 
_struct_site.details              'binding site for residue 6VY A 200' 
# 
loop_
_struct_site_gen.id 
_struct_site_gen.site_id 
_struct_site_gen.pdbx_num_res 
_struct_site_gen.label_comp_id 
_struct_site_gen.label_asym_id 
_struct_site_gen.label_seq_id 
_struct_site_gen.pdbx_auth_ins_code 
_struct_site_gen.auth_comp_id 
_struct_site_gen.auth_asym_id 
_struct_site_gen.auth_seq_id 
_struct_site_gen.label_atom_id 
_struct_site_gen.label_alt_id 
_struct_site_gen.symmetry 
_struct_site_gen.details 
1  AC1 13 CYS A 33  ? CYS A 12  . ? 1_555 ? 
2  AC1 13 LEU A 34  ? LEU A 13  . ? 1_555 ? 
3  AC1 13 GLY A 35  ? GLY A 14  . ? 1_555 ? 
4  AC1 13 ASN A 36  ? ASN A 15  . ? 1_555 ? 
5  AC1 13 ILE A 37  ? ILE A 16  . ? 1_555 ? 
6  AC1 13 CYS A 38  ? CYS A 17  . ? 1_555 ? 
7  AC1 13 ARG A 39  ? ARG A 18  . ? 1_555 ? 
8  AC1 13 TYR A 70  ? TYR A 49  . ? 1_555 ? 
9  AC1 13 PRO A 75  ? PRO A 54  . ? 4_555 ? 
10 AC1 13 ASP A 77  ? ASP A 56  . ? 1_555 ? 
11 AC1 13 ARG A 118 ? ARG A 97  . ? 4_455 ? 
12 AC1 13 ASP A 150 ? ASP A 129 . ? 1_555 ? 
13 AC1 13 TYR A 152 ? TYR A 131 . ? 1_555 ? 
# 
_atom_sites.entry_id                    5KQL 
_atom_sites.fract_transf_matrix[1][1]   0.01781694 
_atom_sites.fract_transf_matrix[1][2]   -0.01507055 
_atom_sites.fract_transf_matrix[1][3]   0.01763181 
_atom_sites.fract_transf_matrix[2][1]   0.00391302 
_atom_sites.fract_transf_matrix[2][2]   0.01536761 
_atom_sites.fract_transf_matrix[2][3]   0.00918116 
_atom_sites.fract_transf_matrix[3][1]   -0.00783225 
_atom_sites.fract_transf_matrix[3][2]   -0.00180988 
_atom_sites.fract_transf_matrix[3][3]   0.00636752 
_atom_sites.fract_transf_vector[1]      0.075146 
_atom_sites.fract_transf_vector[2]      0.094674 
_atom_sites.fract_transf_vector[3]      0.114486 
# 
loop_
_atom_type.symbol 
C 
H 
N 
O 
S 
# 
loop_
_atom_site.group_PDB 
_atom_site.id 
_atom_site.type_symbol 
_atom_site.label_atom_id 
_atom_site.label_alt_id 
_atom_site.label_comp_id 
_atom_site.label_asym_id 
_atom_site.label_entity_id 
_atom_site.label_seq_id 
_atom_site.pdbx_PDB_ins_code 
_atom_site.Cartn_x 
_atom_site.Cartn_y 
_atom_site.Cartn_z 
_atom_site.occupancy 
_atom_site.B_iso_or_equiv 
_atom_site.pdbx_formal_charge 
_atom_site.auth_seq_id 
_atom_site.auth_comp_id 
_atom_site.auth_asym_id 
_atom_site.auth_atom_id 
_atom_site.pdbx_PDB_model_num 
ATOM   1    N N    . ALA A 1 25  ? -18.947 -4.169  11.311  1.00 54.28 ? 4   ALA A N    1 
ATOM   2    C CA   . ALA A 1 25  ? -17.723 -3.543  11.803  1.00 54.50 ? 4   ALA A CA   1 
ATOM   3    C C    . ALA A 1 25  ? -16.776 -3.202  10.654  1.00 36.19 ? 4   ALA A C    1 
ATOM   4    O O    . ALA A 1 25  ? -16.283 -4.095  9.963   1.00 42.65 ? 4   ALA A O    1 
ATOM   5    C CB   . ALA A 1 25  ? -17.030 -4.453  12.815  1.00 51.98 ? 4   ALA A CB   1 
ATOM   6    N N    . THR A 1 26  ? -16.532 -1.909  10.452  1.00 38.56 ? 5   THR A N    1 
ATOM   7    C CA   . THR A 1 26  ? -15.669 -1.463  9.361   1.00 29.28 ? 5   THR A CA   1 
ATOM   8    C C    . THR A 1 26  ? -14.235 -1.935  9.569   1.00 27.62 ? 5   THR A C    1 
ATOM   9    O O    . THR A 1 26  ? -13.670 -1.817  10.660  1.00 32.54 ? 5   THR A O    1 
ATOM   10   C CB   . THR A 1 26  ? -15.667 0.068   9.197   1.00 28.32 ? 5   THR A CB   1 
ATOM   11   O OG1  . THR A 1 26  ? -16.969 0.517   8.804   1.00 43.60 ? 5   THR A OG1  1 
ATOM   12   C CG2  . THR A 1 26  ? -14.659 0.491   8.135   1.00 29.61 ? 5   THR A CG2  1 
ATOM   13   N N    . LYS A 1 27  ? -13.664 -2.478  8.503   1.00 17.70 ? 6   LYS A N    1 
ATOM   14   C CA   . LYS A 1 27  ? -12.292 -2.942  8.501   1.00 17.72 ? 6   LYS A CA   1 
ATOM   15   C C    . LYS A 1 27  ? -11.461 -1.865  7.825   1.00 14.12 ? 6   LYS A C    1 
ATOM   16   O O    . LYS A 1 27  ? -11.977 -1.081  7.028   1.00 16.02 ? 6   LYS A O    1 
ATOM   17   C CB   . LYS A 1 27  ? -12.189 -4.267  7.741   1.00 18.83 ? 6   LYS A CB   1 
ATOM   18   C CG   . LYS A 1 27  ? -12.964 -5.408  8.416   1.00 21.51 ? 6   LYS A CG   1 
ATOM   19   C CD   . LYS A 1 27  ? -13.593 -6.360  7.400   1.00 29.66 ? 6   LYS A CD   1 
ATOM   20   C CE   . LYS A 1 27  ? -12.702 -7.559  7.122   1.00 36.64 ? 6   LYS A CE   1 
ATOM   21   N NZ   . LYS A 1 27  ? -13.383 -8.596  6.282   1.00 31.55 ? 6   LYS A NZ   1 
ATOM   22   N N    . SER A 1 28  ? -10.182 -1.803  8.165   1.00 13.88 ? 7   SER A N    1 
ATOM   23   C CA   . SER A 1 28  ? -9.329  -0.772  7.586   1.00 12.43 ? 7   SER A CA   1 
ATOM   24   C C    . SER A 1 28  ? -7.931  -1.291  7.269   1.00 13.19 ? 7   SER A C    1 
ATOM   25   O O    . SER A 1 28  ? -7.382  -2.141  7.982   1.00 13.20 ? 7   SER A O    1 
ATOM   26   C CB   . SER A 1 28  ? -9.253  0.444   8.514   1.00 13.04 ? 7   SER A CB   1 
ATOM   27   O OG   . SER A 1 28  ? -8.723  0.084   9.777   1.00 15.36 ? 7   SER A OG   1 
ATOM   28   N N    . VAL A 1 29  ? -7.380  -0.779  6.174   1.00 11.65 ? 8   VAL A N    1 
ATOM   29   C CA   . VAL A 1 29  ? -6.025  -1.119  5.763   1.00 11.54 ? 8   VAL A CA   1 
ATOM   30   C C    . VAL A 1 29  ? -5.311  0.118   5.225   1.00 10.30 ? 8   VAL A C    1 
ATOM   31   O O    . VAL A 1 29  ? -5.890  0.909   4.469   1.00 10.70 ? 8   VAL A O    1 
ATOM   32   C CB   . VAL A 1 29  ? -6.010  -2.270  4.726   1.00 12.20 ? 8   VAL A CB   1 
ATOM   33   C CG1  . VAL A 1 29  ? -6.841  -1.917  3.486   1.00 12.19 ? 8   VAL A CG1  1 
ATOM   34   C CG2  . VAL A 1 29  ? -4.586  -2.619  4.339   1.00 12.89 ? 8   VAL A CG2  1 
ATOM   35   N N    . LEU A 1 30  ? -4.074  0.294   5.676   1.00 9.48  ? 9   LEU A N    1 
ATOM   36   C CA   . LEU A 1 30  ? -3.194  1.353   5.196   1.00 8.88  ? 9   LEU A CA   1 
ATOM   37   C C    . LEU A 1 30  ? -2.018  0.707   4.478   1.00 8.01  ? 9   LEU A C    1 
ATOM   38   O O    . LEU A 1 30  ? -1.255  -0.051  5.091   1.00 10.40 ? 9   LEU A O    1 
ATOM   39   C CB   . LEU A 1 30  ? -2.686  2.179   6.379   1.00 10.31 ? 9   LEU A CB   1 
ATOM   40   C CG   . LEU A 1 30  ? -1.748  3.343   6.041   1.00 8.78  ? 9   LEU A CG   1 
ATOM   41   C CD1  . LEU A 1 30  ? -2.521  4.419   5.288   1.00 10.50 ? 9   LEU A CD1  1 
ATOM   42   C CD2  . LEU A 1 30  ? -1.106  3.906   7.312   1.00 11.33 ? 9   LEU A CD2  1 
ATOM   43   N N    . PHE A 1 31  ? -1.858  1.006   3.193   1.00 9.71  ? 10  PHE A N    1 
ATOM   44   C CA   . PHE A 1 31  ? -0.685  0.532   2.459   1.00 8.18  ? 10  PHE A CA   1 
ATOM   45   C C    . PHE A 1 31  ? 0.416   1.573   2.602   1.00 9.96  ? 10  PHE A C    1 
ATOM   46   O O    . PHE A 1 31  ? 0.144   2.783   2.553   1.00 10.38 ? 10  PHE A O    1 
ATOM   47   C CB   . PHE A 1 31  ? -1.050  0.303   0.988   1.00 9.25  ? 10  PHE A CB   1 
ATOM   48   C CG   . PHE A 1 31  ? -2.104  -0.754  0.801   1.00 9.21  ? 10  PHE A CG   1 
ATOM   49   C CD1  . PHE A 1 31  ? -1.741  -2.096  0.775   1.00 9.48  ? 10  PHE A CD1  1 
ATOM   50   C CD2  . PHE A 1 31  ? -3.445  -0.419  0.673   1.00 10.03 ? 10  PHE A CD2  1 
ATOM   51   C CE1  . PHE A 1 31  ? -2.702  -3.092  0.615   1.00 10.41 ? 10  PHE A CE1  1 
ATOM   52   C CE2  . PHE A 1 31  ? -4.409  -1.406  0.521   1.00 10.47 ? 10  PHE A CE2  1 
ATOM   53   C CZ   . PHE A 1 31  ? -4.034  -2.741  0.490   1.00 10.92 ? 10  PHE A CZ   1 
ATOM   54   N N    . VAL A 1 32  ? 1.654   1.118   2.791   1.00 8.05  ? 11  VAL A N    1 
ATOM   55   C CA   . VAL A 1 32  ? 2.751   2.045   3.049   1.00 10.03 ? 11  VAL A CA   1 
ATOM   56   C C    . VAL A 1 32  ? 3.982   1.744   2.202   1.00 9.38  ? 11  VAL A C    1 
ATOM   57   O O    . VAL A 1 32  ? 4.405   0.587   2.074   1.00 10.63 ? 11  VAL A O    1 
ATOM   58   C CB   . VAL A 1 32  ? 3.159   2.025   4.532   1.00 8.24  ? 11  VAL A CB   1 
ATOM   59   C CG1  . VAL A 1 32  ? 4.416   2.869   4.747   1.00 9.88  ? 11  VAL A CG1  1 
ATOM   60   C CG2  . VAL A 1 32  ? 2.018   2.526   5.409   1.00 10.26 ? 11  VAL A CG2  1 
ATOM   61   N N    . CYS A 1 33  ? 4.551   2.793   1.612   1.00 8.55  ? 12  CYS A N    1 
ATOM   62   C CA   . CYS A 1 33  ? 5.846   2.683   0.938   1.00 8.71  ? 12  CYS A CA   1 
ATOM   63   C C    . CYS A 1 33  ? 6.716   3.871   1.324   1.00 9.32  ? 12  CYS A C    1 
ATOM   64   O O    . CYS A 1 33  ? 6.389   4.598   2.273   1.00 10.18 ? 12  CYS A O    1 
ATOM   65   C CB   . CYS A 1 33  ? 5.673   2.562   -0.587  1.00 10.39 ? 12  CYS A CB   1 
ATOM   66   S SG   . CYS A 1 33  ? 4.907   3.981   -1.422  1.00 10.17 ? 12  CYS A SG   1 
ATOM   67   N N    . LEU A 1 34  ? 7.829   4.064   0.629   1.00 8.88  ? 13  LEU A N    1 
ATOM   68   C CA   . LEU A 1 34  ? 8.769   5.111   1.018   1.00 9.23  ? 13  LEU A CA   1 
ATOM   69   C C    . LEU A 1 34  ? 8.252   6.516   0.712   1.00 7.55  ? 13  LEU A C    1 
ATOM   70   O O    . LEU A 1 34  ? 8.280   7.390   1.570   1.00 9.77  ? 13  LEU A O    1 
ATOM   71   C CB   . LEU A 1 34  ? 10.112  4.900   0.322   1.00 10.36 ? 13  LEU A CB   1 
ATOM   72   C CG   . LEU A 1 34  ? 11.140  6.006   0.578   1.00 9.57  ? 13  LEU A CG   1 
ATOM   73   C CD1  . LEU A 1 34  ? 11.564  6.017   2.035   1.00 12.52 ? 13  LEU A CD1  1 
ATOM   74   C CD2  . LEU A 1 34  ? 12.338  5.796   -0.330  1.00 12.55 ? 13  LEU A CD2  1 
ATOM   75   N N    . GLY A 1 35  ? 7.763   6.722   -0.513  1.00 9.18  ? 14  GLY A N    1 
ATOM   76   C CA   . GLY A 1 35  ? 7.304   8.035   -0.929  1.00 9.75  ? 14  GLY A CA   1 
ATOM   77   C C    . GLY A 1 35  ? 5.799   8.238   -0.949  1.00 8.85  ? 14  GLY A C    1 
ATOM   78   O O    . GLY A 1 35  ? 5.346   9.378   -0.939  1.00 9.71  ? 14  GLY A O    1 
ATOM   79   N N    . ASN A 1 36  ? 5.030   7.145   -0.991  1.00 8.66  ? 15  ASN A N    1 
ATOM   80   C CA   . ASN A 1 36  ? 3.570   7.209   -1.163  1.00 8.92  ? 15  ASN A CA   1 
ATOM   81   C C    . ASN A 1 36  ? 3.158   7.897   -2.470  1.00 9.16  ? 15  ASN A C    1 
ATOM   82   O O    . ASN A 1 36  ? 2.124   8.558   -2.532  1.00 10.20 ? 15  ASN A O    1 
ATOM   83   C CB   . ASN A 1 36  ? 2.912   7.876   0.058   1.00 8.89  ? 15  ASN A CB   1 
ATOM   84   C CG   . ASN A 1 36  ? 1.373   7.800   0.055   1.00 9.76  ? 15  ASN A CG   1 
ATOM   85   O OD1  . ASN A 1 36  ? 0.712   8.772   0.423   1.00 10.22 ? 15  ASN A OD1  1 
ATOM   86   N ND2  . ASN A 1 36  ? 0.813   6.655   -0.314  1.00 9.12  ? 15  ASN A ND2  1 
ATOM   87   N N    . ILE A 1 37  ? 3.967   7.713   -3.513  1.00 9.08  ? 16  ILE A N    1 
ATOM   88   C CA   . ILE A 1 37  ? 3.555   8.116   -4.859  1.00 9.46  ? 16  ILE A CA   1 
ATOM   89   C C    . ILE A 1 37  ? 3.588   6.978   -5.868  1.00 10.34 ? 16  ILE A C    1 
ATOM   90   O O    . ILE A 1 37  ? 3.160   7.166   -7.004  1.00 12.27 ? 16  ILE A O    1 
ATOM   91   C CB   . ILE A 1 37  ? 4.319   9.361   -5.410  1.00 9.06  ? 16  ILE A CB   1 
ATOM   92   C CG1  . ILE A 1 37  ? 5.807   9.066   -5.595  1.00 10.94 ? 16  ILE A CG1  1 
ATOM   93   C CG2  . ILE A 1 37  ? 4.071   10.579  -4.529  1.00 11.06 ? 16  ILE A CG2  1 
ATOM   94   C CD1  . ILE A 1 37  ? 6.527   10.166  -6.381  1.00 11.08 ? 16  ILE A CD1  1 
ATOM   95   N N    . CYS A 1 38  ? 4.065   5.801   -5.478  1.00 11.32 ? 17  CYS A N    1 
ATOM   96   C CA   . CYS A 1 38  ? 3.992   4.684   -6.402  1.00 11.35 ? 17  CYS A CA   1 
ATOM   97   C C    . CYS A 1 38  ? 3.457   3.388   -5.804  1.00 10.22 ? 17  CYS A C    1 
ATOM   98   O O    . CYS A 1 38  ? 2.303   3.042   -6.043  1.00 9.30  ? 17  CYS A O    1 
ATOM   99   C CB   . CYS A 1 38  ? 5.325   4.455   -7.114  1.00 9.08  ? 17  CYS A CB   1 
ATOM   100  S SG   . CYS A 1 38  ? 5.228   3.125   -8.350  1.00 12.57 ? 17  CYS A SG   1 
ATOM   101  N N    . ARG A 1 39  ? 4.282   2.667   -5.049  1.00 9.30  ? 18  ARG A N    1 
ATOM   102  C CA   . ARG A 1 39  ? 3.891   1.320   -4.650  1.00 10.00 ? 18  ARG A CA   1 
ATOM   103  C C    . ARG A 1 39  ? 2.610   1.329   -3.818  1.00 8.99  ? 18  ARG A C    1 
ATOM   104  O O    . ARG A 1 39  ? 1.670   0.581   -4.123  1.00 10.43 ? 18  ARG A O    1 
ATOM   105  C CB   . ARG A 1 39  ? 5.030   0.618   -3.914  1.00 8.93  ? 18  ARG A CB   1 
ATOM   106  C CG   . ARG A 1 39  ? 6.193   0.241   -4.830  1.00 9.01  ? 18  ARG A CG   1 
ATOM   107  C CD   . ARG A 1 39  ? 7.400   -0.203  -4.031  1.00 11.00 ? 18  ARG A CD   1 
ATOM   108  N NE   . ARG A 1 39  ? 7.987   0.933   -3.324  1.00 11.19 ? 18  ARG A NE   1 
ATOM   109  C CZ   . ARG A 1 39  ? 8.918   0.842   -2.379  1.00 10.60 ? 18  ARG A CZ   1 
ATOM   110  N NH1  . ARG A 1 39  ? 9.392   -0.341  -2.001  1.00 10.58 ? 18  ARG A NH1  1 
ATOM   111  N NH2  . ARG A 1 39  ? 9.368   1.946   -1.797  1.00 11.20 ? 18  ARG A NH2  1 
ATOM   112  N N    . SER A 1 40  ? 2.541   2.176   -2.791  1.00 8.56  ? 19  SER A N    1 
ATOM   113  C CA   . SER A 1 40  ? 1.352   2.176   -1.937  1.00 9.14  ? 19  SER A CA   1 
ATOM   114  C C    . SER A 1 40  ? 0.076   2.775   -2.559  1.00 9.22  ? 19  SER A C    1 
ATOM   115  O O    . SER A 1 40  ? -0.999  2.230   -2.337  1.00 9.85  ? 19  SER A O    1 
ATOM   116  C CB   . SER A 1 40  ? 1.634   2.722   -0.524  1.00 9.47  ? 19  SER A CB   1 
ATOM   117  O OG   . SER A 1 40  ? 2.076   4.063   -0.536  1.00 9.58  ? 19  SER A OG   1 
ATOM   118  N N    . PRO A 1 41  ? 0.182   3.855   -3.367  1.00 8.30  ? 20  PRO A N    1 
ATOM   119  C CA   . PRO A 1 41  ? -1.085  4.263   -3.998  1.00 9.09  ? 20  PRO A CA   1 
ATOM   120  C C    . PRO A 1 41  ? -1.576  3.257   -5.043  1.00 9.19  ? 20  PRO A C    1 
ATOM   121  O O    . PRO A 1 41  ? -2.787  3.140   -5.241  1.00 9.29  ? 20  PRO A O    1 
ATOM   122  C CB   . PRO A 1 41  ? -0.775  5.633   -4.620  1.00 10.23 ? 20  PRO A CB   1 
ATOM   123  C CG   . PRO A 1 41  ? 0.724   5.734   -4.628  1.00 11.29 ? 20  PRO A CG   1 
ATOM   124  C CD   . PRO A 1 41  ? 1.252   4.860   -3.526  1.00 9.48  ? 20  PRO A CD   1 
ATOM   125  N N    . ILE A 1 42  ? -0.673  2.519   -5.682  1.00 9.22  ? 21  ILE A N    1 
ATOM   126  C CA   . ILE A 1 42  ? -1.090  1.432   -6.562  1.00 9.70  ? 21  ILE A CA   1 
ATOM   127  C C    . ILE A 1 42  ? -1.800  0.347   -5.743  1.00 9.92  ? 21  ILE A C    1 
ATOM   128  O O    . ILE A 1 42  ? -2.916  -0.064  -6.083  1.00 9.87  ? 21  ILE A O    1 
ATOM   129  C CB   . ILE A 1 42  ? 0.094   0.856   -7.366  1.00 9.39  ? 21  ILE A CB   1 
ATOM   130  C CG1  . ILE A 1 42  ? 0.497   1.853   -8.455  1.00 11.77 ? 21  ILE A CG1  1 
ATOM   131  C CG2  . ILE A 1 42  ? -0.281  -0.487  -7.981  1.00 11.78 ? 21  ILE A CG2  1 
ATOM   132  C CD1  . ILE A 1 42  ? 1.746   1.445   -9.212  1.00 12.73 ? 21  ILE A CD1  1 
ATOM   133  N N    . ALA A 1 43  ? -1.192  -0.101  -4.643  1.00 9.81  ? 22  ALA A N    1 
ATOM   134  C CA   . ALA A 1 43  ? -1.831  -1.124  -3.817  1.00 10.29 ? 22  ALA A CA   1 
ATOM   135  C C    . ALA A 1 43  ? -3.203  -0.641  -3.331  1.00 9.83  ? 22  ALA A C    1 
ATOM   136  O O    . ALA A 1 43  ? -4.184  -1.393  -3.358  1.00 9.89  ? 22  ALA A O    1 
ATOM   137  C CB   . ALA A 1 43  ? -0.941  -1.495  -2.630  1.00 9.21  ? 22  ALA A CB   1 
ATOM   138  N N    . GLU A 1 44  ? -3.272  0.607   -2.872  1.00 9.86  ? 23  GLU A N    1 
ATOM   139  C CA   . GLU A 1 44  ? -4.527  1.180   -2.393  1.00 11.18 ? 23  GLU A CA   1 
ATOM   140  C C    . GLU A 1 44  ? -5.616  1.123   -3.475  1.00 11.39 ? 23  GLU A C    1 
ATOM   141  O O    . GLU A 1 44  ? -6.751  0.712   -3.211  1.00 10.68 ? 23  GLU A O    1 
ATOM   142  C CB   . GLU A 1 44  ? -4.305  2.632   -1.960  1.00 9.95  ? 23  GLU A CB   1 
ATOM   143  C CG   . GLU A 1 44  ? -5.565  3.314   -1.454  1.00 11.99 ? 23  GLU A CG   1 
ATOM   144  C CD   . GLU A 1 44  ? -5.473  4.829   -1.506  1.00 12.26 ? 23  GLU A CD   1 
ATOM   145  O OE1  . GLU A 1 44  ? -4.371  5.382   -1.691  1.00 11.11 ? 23  GLU A OE1  1 
ATOM   146  O OE2  . GLU A 1 44  ? -6.526  5.481   -1.357  1.00 14.01 ? 23  GLU A OE2  1 
ATOM   147  N N    . ALA A 1 45  ? -5.267  1.525   -4.693  1.00 9.90  ? 24  ALA A N    1 
ATOM   148  C CA   . ALA A 1 45  ? -6.239  1.574   -5.785  1.00 11.12 ? 24  ALA A CA   1 
ATOM   149  C C    . ALA A 1 45  ? -6.653  0.177   -6.223  1.00 10.33 ? 24  ALA A C    1 
ATOM   150  O O    . ALA A 1 45  ? -7.818  -0.063  -6.543  1.00 11.54 ? 24  ALA A O    1 
ATOM   151  C CB   . ALA A 1 45  ? -5.666  2.360   -6.965  1.00 12.80 ? 24  ALA A CB   1 
ATOM   152  N N    . VAL A 1 46  ? -5.695  -0.742  -6.244  1.00 10.84 ? 25  VAL A N    1 
ATOM   153  C CA   . VAL A 1 46  ? -5.989  -2.128  -6.583  1.00 12.19 ? 25  VAL A CA   1 
ATOM   154  C C    . VAL A 1 46  ? -6.946  -2.687  -5.531  1.00 10.80 ? 25  VAL A C    1 
ATOM   155  O O    . VAL A 1 46  ? -7.970  -3.297  -5.867  1.00 11.42 ? 25  VAL A O    1 
ATOM   156  C CB   . VAL A 1 46  ? -4.693  -2.963  -6.644  1.00 10.52 ? 25  VAL A CB   1 
ATOM   157  C CG1  . VAL A 1 46  ? -5.001  -4.456  -6.638  1.00 13.91 ? 25  VAL A CG1  1 
ATOM   158  C CG2  . VAL A 1 46  ? -3.870  -2.572  -7.872  1.00 11.47 ? 25  VAL A CG2  1 
ATOM   159  N N    . PHE A 1 47  ? -6.638  -2.479  -4.255  1.00 11.58 ? 26  PHE A N    1 
ATOM   160  C CA   . PHE A 1 47  ? -7.498  -3.011  -3.200  1.00 11.06 ? 26  PHE A CA   1 
ATOM   161  C C    . PHE A 1 47  ? -8.903  -2.405  -3.222  1.00 12.22 ? 26  PHE A C    1 
ATOM   162  O O    . PHE A 1 47  ? -9.905  -3.121  -3.074  1.00 11.01 ? 26  PHE A O    1 
ATOM   163  C CB   . PHE A 1 47  ? -6.856  -2.824  -1.823  1.00 11.04 ? 26  PHE A CB   1 
ATOM   164  C CG   . PHE A 1 47  ? -7.616  -3.503  -0.712  1.00 10.48 ? 26  PHE A CG   1 
ATOM   165  C CD1  . PHE A 1 47  ? -7.422  -4.853  -0.434  1.00 12.41 ? 26  PHE A CD1  1 
ATOM   166  C CD2  . PHE A 1 47  ? -8.544  -2.795  0.038   1.00 10.53 ? 26  PHE A CD2  1 
ATOM   167  C CE1  . PHE A 1 47  ? -8.139  -5.472  0.585   1.00 11.88 ? 26  PHE A CE1  1 
ATOM   168  C CE2  . PHE A 1 47  ? -9.265  -3.416  1.044   1.00 11.62 ? 26  PHE A CE2  1 
ATOM   169  C CZ   . PHE A 1 47  ? -9.050  -4.752  1.319   1.00 11.47 ? 26  PHE A CZ   1 
ATOM   170  N N    . ARG A 1 48  ? -8.985  -1.091  -3.393  1.00 11.44 ? 27  ARG A N    1 
ATOM   171  C CA   . ARG A 1 48  ? -10.288 -0.433  -3.441  1.00 11.05 ? 27  ARG A CA   1 
ATOM   172  C C    . ARG A 1 48  ? -11.133 -0.989  -4.586  1.00 12.61 ? 27  ARG A C    1 
ATOM   173  O O    . ARG A 1 48  ? -12.339 -1.212  -4.413  1.00 12.82 ? 27  ARG A O    1 
ATOM   174  C CB   . ARG A 1 48  ? -10.146 1.088   -3.550  1.00 11.08 ? 27  ARG A CB   1 
ATOM   175  C CG   . ARG A 1 48  ? -11.502 1.790   -3.528  1.00 13.79 ? 27  ARG A CG   1 
ATOM   176  C CD   . ARG A 1 48  ? -11.379 3.304   -3.424  1.00 15.78 ? 27  ARG A CD   1 
ATOM   177  N NE   . ARG A 1 48  ? -10.851 3.732   -2.130  1.00 14.25 ? 27  ARG A NE   1 
ATOM   178  C CZ   . ARG A 1 48  ? -9.637  4.252   -1.957  1.00 15.48 ? 27  ARG A CZ   1 
ATOM   179  N NH1  . ARG A 1 48  ? -8.821  4.418   -2.993  1.00 15.62 ? 27  ARG A NH1  1 
ATOM   180  N NH2  . ARG A 1 48  ? -9.246  4.613   -0.748  1.00 15.34 ? 27  ARG A NH2  1 
ATOM   181  N N    . LYS A 1 49  ? -10.517 -1.235  -5.740  1.00 12.03 ? 28  LYS A N    1 
ATOM   182  C CA   . LYS A 1 49  ? -11.257 -1.808  -6.862  1.00 13.99 ? 28  LYS A CA   1 
ATOM   183  C C    . LYS A 1 49  ? -11.769 -3.197  -6.506  1.00 15.08 ? 28  LYS A C    1 
ATOM   184  O O    . LYS A 1 49  ? -12.917 -3.534  -6.795  1.00 15.06 ? 28  LYS A O    1 
ATOM   185  C CB   . LYS A 1 49  ? -10.417 -1.875  -8.139  1.00 16.05 ? 28  LYS A CB   1 
ATOM   186  C CG   . LYS A 1 49  ? -11.199 -2.505  -9.287  1.00 19.78 ? 28  LYS A CG   1 
ATOM   187  C CD   . LYS A 1 49  ? -10.637 -2.132  -10.642 1.00 25.87 ? 28  LYS A CD   1 
ATOM   188  C CE   . LYS A 1 49  ? -11.530 -2.688  -11.743 1.00 32.12 ? 28  LYS A CE   1 
ATOM   189  N NZ   . LYS A 1 49  ? -11.690 -4.161  -11.575 1.00 34.92 ? 28  LYS A NZ   1 
ATOM   190  N N    . LEU A 1 50  ? -10.921 -3.999  -5.874  1.00 11.88 ? 29  LEU A N    1 
ATOM   191  C CA   A LEU A 1 50  ? -11.284 -5.350  -5.487  0.51 13.41 ? 29  LEU A CA   1 
ATOM   192  C CA   B LEU A 1 50  ? -11.292 -5.355  -5.495  0.49 13.41 ? 29  LEU A CA   1 
ATOM   193  C C    . LEU A 1 50  ? -12.525 -5.351  -4.602  1.00 14.96 ? 29  LEU A C    1 
ATOM   194  O O    . LEU A 1 50  ? -13.490 -6.066  -4.871  1.00 16.35 ? 29  LEU A O    1 
ATOM   195  C CB   A LEU A 1 50  ? -10.124 -6.008  -4.750  0.51 14.76 ? 29  LEU A CB   1 
ATOM   196  C CB   B LEU A 1 50  ? -10.136 -6.074  -4.795  0.49 14.74 ? 29  LEU A CB   1 
ATOM   197  C CG   A LEU A 1 50  ? -10.368 -7.434  -4.271  0.51 13.77 ? 29  LEU A CG   1 
ATOM   198  C CG   B LEU A 1 50  ? -8.944  -6.523  -5.642  0.49 14.01 ? 29  LEU A CG   1 
ATOM   199  C CD1  A LEU A 1 50  ? -10.594 -8.347  -5.467  0.51 18.00 ? 29  LEU A CD1  1 
ATOM   200  C CD1  B LEU A 1 50  ? -7.895  -7.213  -4.778  0.49 18.85 ? 29  LEU A CD1  1 
ATOM   201  C CD2  A LEU A 1 50  ? -9.188  -7.904  -3.445  0.51 15.15 ? 29  LEU A CD2  1 
ATOM   202  C CD2  B LEU A 1 50  ? -9.393  -7.448  -6.769  0.49 20.07 ? 29  LEU A CD2  1 
ATOM   203  N N    . VAL A 1 51  ? -12.508 -4.551  -3.538  1.00 11.51 ? 30  VAL A N    1 
ATOM   204  C CA   . VAL A 1 51  ? -13.674 -4.526  -2.648  1.00 12.01 ? 30  VAL A CA   1 
ATOM   205  C C    . VAL A 1 51  ? -14.911 -3.922  -3.304  1.00 12.95 ? 30  VAL A C    1 
ATOM   206  O O    . VAL A 1 51  ? -16.030 -4.366  -3.042  1.00 14.00 ? 30  VAL A O    1 
ATOM   207  C CB   . VAL A 1 51  ? -13.377 -3.899  -1.261  1.00 11.87 ? 30  VAL A CB   1 
ATOM   208  C CG1  . VAL A 1 51  ? -12.406 -4.795  -0.477  1.00 13.45 ? 30  VAL A CG1  1 
ATOM   209  C CG2  . VAL A 1 51  ? -12.832 -2.472  -1.379  1.00 12.56 ? 30  VAL A CG2  1 
ATOM   210  N N    . THR A 1 52  ? -14.714 -2.944  -4.185  1.00 11.67 ? 31  THR A N    1 
ATOM   211  C CA   . THR A 1 52  ? -15.823 -2.343  -4.913  1.00 14.25 ? 31  THR A CA   1 
ATOM   212  C C    . THR A 1 52  ? -16.456 -3.389  -5.840  1.00 15.70 ? 31  THR A C    1 
ATOM   213  O O    . THR A 1 52  ? -17.694 -3.518  -5.901  1.00 14.82 ? 31  THR A O    1 
ATOM   214  C CB   . THR A 1 52  ? -15.352 -1.119  -5.704  1.00 14.37 ? 31  THR A CB   1 
ATOM   215  O OG1  . THR A 1 52  ? -14.809 -0.161  -4.792  1.00 15.79 ? 31  THR A OG1  1 
ATOM   216  C CG2  . THR A 1 52  ? -16.524 -0.489  -6.443  1.00 17.87 ? 31  THR A CG2  1 
ATOM   217  N N    . ASP A 1 53  ? -15.608 -4.157  -6.521  1.00 14.48 ? 32  ASP A N    1 
ATOM   218  C CA   . ASP A 1 53  ? -16.058 -5.228  -7.421  1.00 16.54 ? 32  ASP A CA   1 
ATOM   219  C C    . ASP A 1 53  ? -16.831 -6.314  -6.678  1.00 16.57 ? 32  ASP A C    1 
ATOM   220  O O    . ASP A 1 53  ? -17.632 -7.030  -7.288  1.00 20.04 ? 32  ASP A O    1 
ATOM   221  C CB   . ASP A 1 53  ? -14.873 -5.887  -8.135  1.00 19.95 ? 32  ASP A CB   1 
ATOM   222  C CG   . ASP A 1 53  ? -14.305 -5.036  -9.264  1.00 23.23 ? 32  ASP A CG   1 
ATOM   223  O OD1  . ASP A 1 53  ? -14.933 -4.020  -9.643  1.00 21.42 ? 32  ASP A OD1  1 
ATOM   224  O OD2  . ASP A 1 53  ? -13.231 -5.415  -9.785  1.00 28.64 ? 32  ASP A OD2  1 
ATOM   225  N N    . GLN A 1 54  ? -16.569 -6.473  -5.384  1.00 14.02 ? 33  GLN A N    1 
ATOM   226  C CA   . GLN A 1 54  ? -17.249 -7.511  -4.611  1.00 15.23 ? 33  GLN A CA   1 
ATOM   227  C C    . GLN A 1 54  ? -18.332 -6.930  -3.697  1.00 15.10 ? 33  GLN A C    1 
ATOM   228  O O    . GLN A 1 54  ? -18.788 -7.586  -2.762  1.00 15.02 ? 33  GLN A O    1 
ATOM   229  C CB   . GLN A 1 54  ? -16.241 -8.370  -3.832  1.00 21.50 ? 33  GLN A CB   1 
ATOM   230  C CG   . GLN A 1 54  ? -15.254 -9.077  -4.751  1.00 26.35 ? 33  GLN A CG   1 
ATOM   231  C CD   . GLN A 1 54  ? -14.365 -10.089 -4.047  1.00 27.74 ? 33  GLN A CD   1 
ATOM   232  O OE1  . GLN A 1 54  ? -14.550 -10.399 -2.872  1.00 26.27 ? 33  GLN A OE1  1 
ATOM   233  N NE2  . GLN A 1 54  ? -13.388 -10.612 -4.779  1.00 35.41 ? 33  GLN A NE2  1 
ATOM   234  N N    . ASN A 1 55  ? -18.742 -5.698  -3.990  1.00 14.23 ? 34  ASN A N    1 
ATOM   235  C CA   . ASN A 1 55  ? -19.880 -5.056  -3.327  1.00 14.51 ? 34  ASN A CA   1 
ATOM   236  C C    . ASN A 1 55  ? -19.661 -4.713  -1.863  1.00 17.64 ? 34  ASN A C    1 
ATOM   237  O O    . ASN A 1 55  ? -20.631 -4.514  -1.125  1.00 19.72 ? 34  ASN A O    1 
ATOM   238  C CB   . ASN A 1 55  ? -21.148 -5.921  -3.430  1.00 15.38 ? 34  ASN A CB   1 
ATOM   239  C CG   . ASN A 1 55  ? -21.489 -6.302  -4.849  1.00 14.98 ? 34  ASN A CG   1 
ATOM   240  O OD1  . ASN A 1 55  ? -21.293 -5.526  -5.787  1.00 14.72 ? 34  ASN A OD1  1 
ATOM   241  N ND2  . ASN A 1 55  ? -22.004 -7.513  -5.017  1.00 12.86 ? 34  ASN A ND2  1 
ATOM   242  N N    . ILE A 1 56  ? -18.403 -4.643  -1.435  1.00 14.72 ? 35  ILE A N    1 
ATOM   243  C CA   . ILE A 1 56  ? -18.116 -4.421  -0.025  1.00 17.16 ? 35  ILE A CA   1 
ATOM   244  C C    . ILE A 1 56  ? -17.202 -3.223  0.260   1.00 15.10 ? 35  ILE A C    1 
ATOM   245  O O    . ILE A 1 56  ? -16.603 -3.150  1.325   1.00 15.51 ? 35  ILE A O    1 
ATOM   246  C CB   . ILE A 1 56  ? -17.524 -5.680  0.634   1.00 15.70 ? 35  ILE A CB   1 
ATOM   247  C CG1  . ILE A 1 56  ? -16.329 -6.205  -0.168  1.00 16.64 ? 35  ILE A CG1  1 
ATOM   248  C CG2  . ILE A 1 56  ? -18.604 -6.767  0.763   1.00 19.27 ? 35  ILE A CG2  1 
ATOM   249  C CD1  . ILE A 1 56  ? -15.541 -7.310  0.538   1.00 20.96 ? 35  ILE A CD1  1 
ATOM   250  N N    . SER A 1 57  ? -17.118 -2.276  -0.666  1.00 15.84 ? 36  SER A N    1 
ATOM   251  C CA   . SER A 1 57  ? -16.289 -1.096  -0.407  1.00 14.07 ? 36  SER A CA   1 
ATOM   252  C C    . SER A 1 57  ? -16.766 -0.339  0.833   1.00 18.43 ? 36  SER A C    1 
ATOM   253  O O    . SER A 1 57  ? -15.964 0.230   1.572   1.00 17.00 ? 36  SER A O    1 
ATOM   254  C CB   . SER A 1 57  ? -16.235 -0.172  -1.628  1.00 17.40 ? 36  SER A CB   1 
ATOM   255  O OG   . SER A 1 57  ? -17.498 0.403   -1.895  1.00 21.51 ? 36  SER A OG   1 
ATOM   256  N N    . GLU A 1 58  ? -18.071 -0.346  1.078   1.00 18.99 ? 37  GLU A N    1 
ATOM   257  C CA   . GLU A 1 58  ? -18.604 0.370   2.240   1.00 20.25 ? 37  GLU A CA   1 
ATOM   258  C C    . GLU A 1 58  ? -18.151 -0.236  3.573   1.00 17.83 ? 37  GLU A C    1 
ATOM   259  O O    . GLU A 1 58  ? -18.258 0.409   4.619   1.00 20.45 ? 37  GLU A O    1 
ATOM   260  C CB   . GLU A 1 58  ? -20.133 0.462   2.180   1.00 22.53 ? 37  GLU A CB   1 
ATOM   261  C CG   . GLU A 1 58  ? -20.813 -0.753  1.580   1.00 33.84 ? 37  GLU A CG   1 
ATOM   262  C CD   . GLU A 1 58  ? -20.648 -0.822  0.068   1.00 27.27 ? 37  GLU A CD   1 
ATOM   263  O OE1  . GLU A 1 58  ? -20.964 0.173   -0.619  1.00 43.09 ? 37  GLU A OE1  1 
ATOM   264  O OE2  . GLU A 1 58  ? -20.196 -1.868  -0.431  1.00 30.71 ? 37  GLU A OE2  1 
ATOM   265  N N    . ASN A 1 59  ? -17.655 -1.470  3.537   1.00 16.60 ? 38  ASN A N    1 
ATOM   266  C CA   . ASN A 1 59  ? -17.179 -2.153  4.739   1.00 20.02 ? 38  ASN A CA   1 
ATOM   267  C C    . ASN A 1 59  ? -15.705 -1.885  5.037   1.00 17.34 ? 38  ASN A C    1 
ATOM   268  O O    . ASN A 1 59  ? -15.179 -2.364  6.042   1.00 18.08 ? 38  ASN A O    1 
ATOM   269  C CB   . ASN A 1 59  ? -17.380 -3.666  4.619   1.00 22.07 ? 38  ASN A CB   1 
ATOM   270  C CG   . ASN A 1 59  ? -18.837 -4.059  4.481   1.00 30.08 ? 38  ASN A CG   1 
ATOM   271  O OD1  . ASN A 1 59  ? -19.737 -3.284  4.808   1.00 33.40 ? 38  ASN A OD1  1 
ATOM   272  N ND2  . ASN A 1 59  ? -19.075 -5.277  4.004   1.00 27.19 ? 38  ASN A ND2  1 
ATOM   273  N N    . TRP A 1 60  ? -15.052 -1.136  4.153   1.00 16.01 ? 39  TRP A N    1 
ATOM   274  C CA   . TRP A 1 60  ? -13.606 -0.928  4.230   1.00 13.26 ? 39  TRP A CA   1 
ATOM   275  C C    . TRP A 1 60  ? -13.198 0.538   4.184   1.00 13.32 ? 39  TRP A C    1 
ATOM   276  O O    . TRP A 1 60  ? -13.697 1.316   3.365   1.00 18.22 ? 39  TRP A O    1 
ATOM   277  C CB   . TRP A 1 60  ? -12.911 -1.664  3.076   1.00 13.83 ? 39  TRP A CB   1 
ATOM   278  C CG   . TRP A 1 60  ? -12.734 -3.117  3.305   1.00 14.53 ? 39  TRP A CG   1 
ATOM   279  C CD1  . TRP A 1 60  ? -13.588 -4.128  2.934   1.00 13.56 ? 39  TRP A CD1  1 
ATOM   280  C CD2  . TRP A 1 60  ? -11.632 -3.746  3.964   1.00 13.49 ? 39  TRP A CD2  1 
ATOM   281  N NE1  . TRP A 1 60  ? -13.076 -5.343  3.318   1.00 14.64 ? 39  TRP A NE1  1 
ATOM   282  C CE2  . TRP A 1 60  ? -11.875 -5.137  3.952   1.00 14.79 ? 39  TRP A CE2  1 
ATOM   283  C CE3  . TRP A 1 60  ? -10.455 -3.269  4.564   1.00 13.11 ? 39  TRP A CE3  1 
ATOM   284  C CZ2  . TRP A 1 60  ? -10.994 -6.053  4.527   1.00 15.10 ? 39  TRP A CZ2  1 
ATOM   285  C CZ3  . TRP A 1 60  ? -9.585  -4.176  5.127   1.00 15.28 ? 39  TRP A CZ3  1 
ATOM   286  C CH2  . TRP A 1 60  ? -9.855  -5.552  5.108   1.00 15.64 ? 39  TRP A CH2  1 
ATOM   287  N N    . ARG A 1 61  ? -12.264 0.894   5.056   1.00 12.40 ? 40  ARG A N    1 
ATOM   288  C CA   . ARG A 1 61  ? -11.523 2.142   4.955   1.00 12.61 ? 40  ARG A CA   1 
ATOM   289  C C    . ARG A 1 61  ? -10.160 1.779   4.375   1.00 12.46 ? 40  ARG A C    1 
ATOM   290  O O    . ARG A 1 61  ? -9.430  0.964   4.952   1.00 13.22 ? 40  ARG A O    1 
ATOM   291  C CB   . ARG A 1 61  ? -11.354 2.765   6.341   1.00 13.43 ? 40  ARG A CB   1 
ATOM   292  C CG   . ARG A 1 61  ? -10.452 3.984   6.383   1.00 14.34 ? 40  ARG A CG   1 
ATOM   293  C CD   . ARG A 1 61  ? -10.130 4.354   7.816   1.00 18.64 ? 40  ARG A CD   1 
ATOM   294  N NE   . ARG A 1 61  ? -9.267  5.529   7.886   1.00 19.91 ? 40  ARG A NE   1 
ATOM   295  C CZ   . ARG A 1 61  ? -8.425  5.780   8.886   1.00 16.84 ? 40  ARG A CZ   1 
ATOM   296  N NH1  . ARG A 1 61  ? -8.321  4.932   9.900   1.00 16.67 ? 40  ARG A NH1  1 
ATOM   297  N NH2  . ARG A 1 61  ? -7.680  6.874   8.858   1.00 18.12 ? 40  ARG A NH2  1 
ATOM   298  N N    . VAL A 1 62  ? -9.836  2.356   3.224   1.00 11.31 ? 41  VAL A N    1 
ATOM   299  C CA   . VAL A 1 62  ? -8.602  2.026   2.503   1.00 10.99 ? 41  VAL A CA   1 
ATOM   300  C C    . VAL A 1 62  ? -7.799  3.311   2.301   1.00 10.79 ? 41  VAL A C    1 
ATOM   301  O O    . VAL A 1 62  ? -8.367  4.328   1.913   1.00 12.07 ? 41  VAL A O    1 
ATOM   302  C CB   . VAL A 1 62  ? -8.913  1.420   1.115   1.00 11.17 ? 41  VAL A CB   1 
ATOM   303  C CG1  . VAL A 1 62  ? -7.652  0.864   0.465   1.00 13.06 ? 41  VAL A CG1  1 
ATOM   304  C CG2  . VAL A 1 62  ? -9.972  0.317   1.230   1.00 12.76 ? 41  VAL A CG2  1 
ATOM   305  N N    . ASP A 1 63  ? -6.492  3.278   2.561   1.00 10.36 ? 42  ASP A N    1 
ATOM   306  C CA   . ASP A 1 63  ? -5.667  4.486   2.429   1.00 10.10 ? 42  ASP A CA   1 
ATOM   307  C C    . ASP A 1 63  ? -4.231  4.072   2.163   1.00 10.35 ? 42  ASP A C    1 
ATOM   308  O O    . ASP A 1 63  ? -3.890  2.885   2.193   1.00 10.42 ? 42  ASP A O    1 
ATOM   309  C CB   . ASP A 1 63  ? -5.766  5.327   3.711   1.00 10.41 ? 42  ASP A CB   1 
ATOM   310  C CG   . ASP A 1 63  ? -5.255  6.759   3.550   1.00 11.02 ? 42  ASP A CG   1 
ATOM   311  O OD1  . ASP A 1 63  ? -5.093  7.258   2.415   1.00 12.32 ? 42  ASP A OD1  1 
ATOM   312  O OD2  . ASP A 1 63  ? -5.056  7.417   4.606   1.00 15.01 ? 42  ASP A OD2  1 
ATOM   313  N N    . SER A 1 64  ? -3.391  5.064   1.905   1.00 9.03  ? 43  SER A N    1 
ATOM   314  C CA   . SER A 1 64  ? -1.961  4.829   1.758   1.00 8.88  ? 43  SER A CA   1 
ATOM   315  C C    . SER A 1 64  ? -1.179  6.022   2.277   1.00 9.92  ? 43  SER A C    1 
ATOM   316  O O    . SER A 1 64  ? -1.673  7.166   2.269   1.00 10.20 ? 43  SER A O    1 
ATOM   317  C CB   . SER A 1 64  ? -1.592  4.476   0.308   1.00 10.39 ? 43  SER A CB   1 
ATOM   318  O OG   . SER A 1 64  ? -1.861  5.545   -0.596  1.00 9.64  ? 43  SER A OG   1 
ATOM   319  N N    . ALA A 1 65  ? 0.025   5.731   2.771   1.00 8.15  ? 44  ALA A N    1 
ATOM   320  C CA   . ALA A 1 65  ? 0.884   6.753   3.342   1.00 9.03  ? 44  ALA A CA   1 
ATOM   321  C C    . ALA A 1 65  ? 2.347   6.364   3.187   1.00 9.72  ? 44  ALA A C    1 
ATOM   322  O O    . ALA A 1 65  ? 2.668   5.228   2.804   1.00 10.23 ? 44  ALA A O    1 
ATOM   323  C CB   . ALA A 1 65  ? 0.539   6.977   4.805   1.00 11.31 ? 44  ALA A CB   1 
ATOM   324  N N    . ALA A 1 66  ? 3.228   7.318   3.485   1.00 9.40  ? 45  ALA A N    1 
ATOM   325  C CA   . ALA A 1 66  ? 4.672   7.163   3.282   1.00 8.63  ? 45  ALA A CA   1 
ATOM   326  C C    . ALA A 1 66  ? 5.427   7.036   4.596   1.00 9.98  ? 45  ALA A C    1 
ATOM   327  O O    . ALA A 1 66  ? 5.013   7.620   5.607   1.00 9.53  ? 45  ALA A O    1 
ATOM   328  C CB   . ALA A 1 66  ? 5.212   8.382   2.529   1.00 9.82  ? 45  ALA A CB   1 
ATOM   329  N N    . THR A 1 67  ? 6.554   6.325   4.593   1.00 9.32  ? 46  THR A N    1 
ATOM   330  C CA   . THR A 1 67  ? 7.444   6.405   5.745   1.00 8.28  ? 46  THR A CA   1 
ATOM   331  C C    . THR A 1 67  ? 8.206   7.732   5.756   1.00 12.27 ? 46  THR A C    1 
ATOM   332  O O    . THR A 1 67  ? 8.597   8.210   6.821   1.00 13.44 ? 46  THR A O    1 
ATOM   333  C CB   . THR A 1 67  ? 8.453   5.249   5.766   1.00 9.81  ? 46  THR A CB   1 
ATOM   334  O OG1  . THR A 1 67  ? 9.209   5.285   4.553   1.00 11.10 ? 46  THR A OG1  1 
ATOM   335  C CG2  . THR A 1 67  ? 7.729   3.906   5.871   1.00 10.49 ? 46  THR A CG2  1 
ATOM   336  N N    . SER A 1 68  ? 8.422   8.316   4.580   1.00 10.60 ? 47  SER A N    1 
ATOM   337  C CA   . SER A 1 68  ? 9.273   9.500   4.467   1.00 11.15 ? 47  SER A CA   1 
ATOM   338  C C    . SER A 1 68  ? 8.480   10.757  4.138   1.00 11.41 ? 47  SER A C    1 
ATOM   339  O O    . SER A 1 68  ? 7.305   10.694  3.787   1.00 10.61 ? 47  SER A O    1 
ATOM   340  C CB   . SER A 1 68  ? 10.330  9.300   3.374   1.00 10.92 ? 47  SER A CB   1 
ATOM   341  O OG   . SER A 1 68  ? 9.796   9.638   2.097   1.00 10.78 ? 47  SER A OG   1 
ATOM   342  N N    . GLY A 1 69  ? 9.147   11.901  4.241   1.00 11.69 ? 48  GLY A N    1 
ATOM   343  C CA   . GLY A 1 69  ? 8.552   13.157  3.816   1.00 12.14 ? 48  GLY A CA   1 
ATOM   344  C C    . GLY A 1 69  ? 8.996   13.625  2.439   1.00 11.47 ? 48  GLY A C    1 
ATOM   345  O O    . GLY A 1 69  ? 8.809   14.793  2.095   1.00 13.64 ? 48  GLY A O    1 
ATOM   346  N N    . TYR A 1 70  ? 9.565   12.735  1.628   1.00 10.57 ? 49  TYR A N    1 
ATOM   347  C CA   . TYR A 1 70  ? 10.104  13.135  0.329   1.00 11.21 ? 49  TYR A CA   1 
ATOM   348  C C    . TYR A 1 70  ? 9.075   13.717  -0.635  1.00 11.68 ? 49  TYR A C    1 
ATOM   349  O O    . TYR A 1 70  ? 9.418   14.590  -1.438  1.00 14.27 ? 49  TYR A O    1 
ATOM   350  C CB   . TYR A 1 70  ? 10.769  11.944  -0.361  1.00 11.75 ? 49  TYR A CB   1 
ATOM   351  C CG   . TYR A 1 70  ? 12.249  11.777  -0.097  1.00 9.96  ? 49  TYR A CG   1 
ATOM   352  C CD1  . TYR A 1 70  ? 13.174  12.661  -0.645  1.00 13.17 ? 49  TYR A CD1  1 
ATOM   353  C CD2  . TYR A 1 70  ? 12.723  10.709  0.662   1.00 9.57  ? 49  TYR A CD2  1 
ATOM   354  C CE1  . TYR A 1 70  ? 14.530  12.495  -0.438  1.00 11.22 ? 49  TYR A CE1  1 
ATOM   355  C CE2  . TYR A 1 70  ? 14.094  10.544  0.876   1.00 10.99 ? 49  TYR A CE2  1 
ATOM   356  C CZ   . TYR A 1 70  ? 14.980  11.442  0.323   1.00 12.70 ? 49  TYR A CZ   1 
ATOM   357  O OH   . TYR A 1 70  ? 16.340  11.300  0.505   1.00 12.63 ? 49  TYR A OH   1 
ATOM   358  N N    . GLU A 1 71  ? 7.842   13.212  -0.600  1.00 10.24 ? 50  GLU A N    1 
ATOM   359  C CA   . GLU A 1 71  ? 6.888   13.521  -1.669  1.00 9.51  ? 50  GLU A CA   1 
ATOM   360  C C    . GLU A 1 71  ? 5.558   14.075  -1.166  1.00 9.57  ? 50  GLU A C    1 
ATOM   361  O O    . GLU A 1 71  ? 4.580   14.141  -1.917  1.00 9.88  ? 50  GLU A O    1 
ATOM   362  C CB   . GLU A 1 71  ? 6.620   12.261  -2.501  1.00 10.44 ? 50  GLU A CB   1 
ATOM   363  C CG   . GLU A 1 71  ? 7.815   11.803  -3.331  1.00 12.67 ? 50  GLU A CG   1 
ATOM   364  C CD   . GLU A 1 71  ? 8.071   12.701  -4.538  1.00 13.28 ? 50  GLU A CD   1 
ATOM   365  O OE1  . GLU A 1 71  ? 7.122   13.366  -4.999  1.00 14.59 ? 50  GLU A OE1  1 
ATOM   366  O OE2  . GLU A 1 71  ? 9.213   12.719  -5.026  1.00 24.42 ? 50  GLU A OE2  1 
ATOM   367  N N    . ILE A 1 72  ? 5.513   14.483  0.098   1.00 10.98 ? 51  ILE A N    1 
ATOM   368  C CA   A ILE A 1 72  ? 4.268   14.971  0.685   0.65 11.87 ? 51  ILE A CA   1 
ATOM   369  C CA   B ILE A 1 72  ? 4.279   14.990  0.693   0.35 11.85 ? 51  ILE A CA   1 
ATOM   370  C C    . ILE A 1 72  ? 3.605   16.025  -0.202  1.00 10.80 ? 51  ILE A C    1 
ATOM   371  O O    . ILE A 1 72  ? 4.232   17.008  -0.605  1.00 12.69 ? 51  ILE A O    1 
ATOM   372  C CB   A ILE A 1 72  ? 4.483   15.531  2.102   0.65 11.24 ? 51  ILE A CB   1 
ATOM   373  C CB   B ILE A 1 72  ? 4.545   15.616  2.073   0.35 11.27 ? 51  ILE A CB   1 
ATOM   374  C CG1  A ILE A 1 72  ? 4.937   14.419  3.053   0.65 11.10 ? 51  ILE A CG1  1 
ATOM   375  C CG1  B ILE A 1 72  ? 5.419   14.684  2.918   0.35 12.75 ? 51  ILE A CG1  1 
ATOM   376  C CG2  A ILE A 1 72  ? 3.197   16.170  2.624   0.65 13.16 ? 51  ILE A CG2  1 
ATOM   377  C CG2  B ILE A 1 72  ? 3.226   15.933  2.779   0.35 13.33 ? 51  ILE A CG2  1 
ATOM   378  C CD1  A ILE A 1 72  ? 5.417   14.935  4.403   0.65 13.78 ? 51  ILE A CD1  1 
ATOM   379  C CD1  B ILE A 1 72  ? 4.813   13.320  3.135   0.35 11.55 ? 51  ILE A CD1  1 
ATOM   380  N N    . GLY A 1 73  ? 2.332   15.800  -0.508  1.00 9.87  ? 52  GLY A N    1 
ATOM   381  C CA   . GLY A 1 73  ? 1.548   16.734  -1.300  1.00 10.94 ? 52  GLY A CA   1 
ATOM   382  C C    . GLY A 1 73  ? 1.478   16.413  -2.778  1.00 11.55 ? 52  GLY A C    1 
ATOM   383  O O    . GLY A 1 73  ? 0.742   17.067  -3.522  1.00 13.95 ? 52  GLY A O    1 
ATOM   384  N N    . ASN A 1 74  ? 2.227   15.407  -3.216  1.00 10.59 ? 53  ASN A N    1 
ATOM   385  C CA   . ASN A 1 74  ? 2.322   15.088  -4.632  1.00 10.88 ? 53  ASN A CA   1 
ATOM   386  C C    . ASN A 1 74  ? 1.410   13.958  -5.073  1.00 11.99 ? 53  ASN A C    1 
ATOM   387  O O    . ASN A 1 74  ? 1.069   13.073  -4.284  1.00 10.94 ? 53  ASN A O    1 
ATOM   388  C CB   . ASN A 1 74  ? 3.767   14.780  -5.014  1.00 11.97 ? 53  ASN A CB   1 
ATOM   389  C CG   . ASN A 1 74  ? 4.663   15.990  -4.852  1.00 12.65 ? 53  ASN A CG   1 
ATOM   390  O OD1  . ASN A 1 74  ? 4.181   17.130  -4.836  1.00 14.41 ? 53  ASN A OD1  1 
ATOM   391  N ND2  . ASN A 1 74  ? 5.960   15.759  -4.730  1.00 13.69 ? 53  ASN A ND2  1 
ATOM   392  N N    . PRO A 1 75  ? 1.017   13.976  -6.345  1.00 9.47  ? 54  PRO A N    1 
ATOM   393  C CA   . PRO A 1 75  ? 0.149   12.932  -6.894  1.00 10.00 ? 54  PRO A CA   1 
ATOM   394  C C    . PRO A 1 75  ? 0.972   11.688  -7.199  1.00 9.72  ? 54  PRO A C    1 
ATOM   395  O O    . PRO A 1 75  ? 2.202   11.719  -7.157  1.00 10.03 ? 54  PRO A O    1 
ATOM   396  C CB   . PRO A 1 75  ? -0.364  13.563  -8.193  1.00 9.16  ? 54  PRO A CB   1 
ATOM   397  C CG   . PRO A 1 75  ? 0.781   14.441  -8.623  1.00 9.93  ? 54  PRO A CG   1 
ATOM   398  C CD   . PRO A 1 75  ? 1.363   14.999  -7.355  1.00 10.42 ? 54  PRO A CD   1 
ATOM   399  N N    . PRO A 1 76  ? 0.300   10.582  -7.515  1.00 11.04 ? 55  PRO A N    1 
ATOM   400  C CA   . PRO A 1 76  ? 1.047   9.372   -7.854  1.00 10.57 ? 55  PRO A CA   1 
ATOM   401  C C    . PRO A 1 76  ? 1.970   9.614   -9.037  1.00 12.60 ? 55  PRO A C    1 
ATOM   402  O O    . PRO A 1 76  ? 1.638   10.364  -9.959  1.00 11.75 ? 55  PRO A O    1 
ATOM   403  C CB   . PRO A 1 76  ? -0.061  8.379   -8.214  1.00 12.97 ? 55  PRO A CB   1 
ATOM   404  C CG   . PRO A 1 76  ? -1.230  8.841   -7.410  1.00 12.44 ? 55  PRO A CG   1 
ATOM   405  C CD   . PRO A 1 76  ? -1.149  10.349  -7.457  1.00 11.89 ? 55  PRO A CD   1 
ATOM   406  N N    . ASP A 1 77  ? 3.130   8.977   -9.026  1.00 11.38 ? 56  ASP A N    1 
ATOM   407  C CA   . ASP A 1 77  ? 4.053   9.152   -10.131 1.00 10.50 ? 56  ASP A CA   1 
ATOM   408  C C    . ASP A 1 77  ? 3.386   8.747   -11.444 1.00 9.44  ? 56  ASP A C    1 
ATOM   409  O O    . ASP A 1 77  ? 2.730   7.713   -11.518 1.00 10.61 ? 56  ASP A O    1 
ATOM   410  C CB   . ASP A 1 77  ? 5.335   8.362   -9.911  1.00 11.26 ? 56  ASP A CB   1 
ATOM   411  C CG   . ASP A 1 77  ? 6.417   8.782   -10.862 1.00 13.65 ? 56  ASP A CG   1 
ATOM   412  O OD1  . ASP A 1 77  ? 6.376   8.352   -12.044 1.00 15.45 ? 56  ASP A OD1  1 
ATOM   413  O OD2  . ASP A 1 77  ? 7.281   9.584   -10.440 1.00 15.41 ? 56  ASP A OD2  1 
ATOM   414  N N    . TYR A 1 78  ? 3.544   9.560   -12.483 1.00 10.11 ? 57  TYR A N    1 
ATOM   415  C CA   . TYR A 1 78  ? 2.859   9.253   -13.734 1.00 12.23 ? 57  TYR A CA   1 
ATOM   416  C C    . TYR A 1 78  ? 3.315   7.931   -14.376 1.00 10.97 ? 57  TYR A C    1 
ATOM   417  O O    . TYR A 1 78  ? 2.555   7.319   -15.126 1.00 11.97 ? 57  TYR A O    1 
ATOM   418  C CB   . TYR A 1 78  ? 2.895   10.419  -14.736 1.00 12.53 ? 57  TYR A CB   1 
ATOM   419  C CG   . TYR A 1 78  ? 1.805   10.266  -15.774 1.00 12.36 ? 57  TYR A CG   1 
ATOM   420  C CD1  . TYR A 1 78  ? 0.494   10.614  -15.475 1.00 12.68 ? 57  TYR A CD1  1 
ATOM   421  C CD2  . TYR A 1 78  ? 2.079   9.728   -17.027 1.00 14.40 ? 57  TYR A CD2  1 
ATOM   422  C CE1  . TYR A 1 78  ? -0.519  10.452  -16.410 1.00 13.99 ? 57  TYR A CE1  1 
ATOM   423  C CE2  . TYR A 1 78  ? 1.069   9.563   -17.962 1.00 15.40 ? 57  TYR A CE2  1 
ATOM   424  C CZ   . TYR A 1 78  ? -0.223  9.925   -17.641 1.00 17.28 ? 57  TYR A CZ   1 
ATOM   425  O OH   . TYR A 1 78  ? -1.239  9.766   -18.564 1.00 23.27 ? 57  TYR A OH   1 
ATOM   426  N N    . ARG A 1 79  ? 4.535   7.482   -14.084 1.00 11.50 ? 58  ARG A N    1 
ATOM   427  C CA   . ARG A 1 79  ? 4.960   6.181   -14.588 1.00 10.93 ? 58  ARG A CA   1 
ATOM   428  C C    . ARG A 1 79  ? 4.060   5.072   -14.023 1.00 12.51 ? 58  ARG A C    1 
ATOM   429  O O    . ARG A 1 79  ? 3.752   4.091   -14.710 1.00 13.38 ? 58  ARG A O    1 
ATOM   430  C CB   . ARG A 1 79  ? 6.434   5.914   -14.270 1.00 13.66 ? 58  ARG A CB   1 
ATOM   431  C CG   . ARG A 1 79  ? 7.389   6.750   -15.122 1.00 12.35 ? 58  ARG A CG   1 
ATOM   432  C CD   . ARG A 1 79  ? 8.839   6.402   -14.812 1.00 14.32 ? 58  ARG A CD   1 
ATOM   433  N NE   . ARG A 1 79  ? 9.266   6.921   -13.520 1.00 15.26 ? 58  ARG A NE   1 
ATOM   434  C CZ   . ARG A 1 79  ? 10.314  6.470   -12.832 1.00 11.61 ? 58  ARG A CZ   1 
ATOM   435  N NH1  . ARG A 1 79  ? 11.035  5.462   -13.299 1.00 12.37 ? 58  ARG A NH1  1 
ATOM   436  N NH2  . ARG A 1 79  ? 10.619  7.016   -11.664 1.00 14.13 ? 58  ARG A NH2  1 
ATOM   437  N N    . GLY A 1 80  ? 3.617   5.239   -12.777 1.00 10.66 ? 59  GLY A N    1 
ATOM   438  C CA   . GLY A 1 80  ? 2.657   4.316   -12.194 1.00 10.71 ? 59  GLY A CA   1 
ATOM   439  C C    . GLY A 1 80  ? 1.268   4.501   -12.790 1.00 11.36 ? 59  GLY A C    1 
ATOM   440  O O    . GLY A 1 80  ? 0.547   3.526   -13.013 1.00 11.83 ? 59  GLY A O    1 
ATOM   441  N N    . GLN A 1 81  ? 0.880   5.752   -13.036 1.00 10.57 ? 60  GLN A N    1 
ATOM   442  C CA   . GLN A 1 81  ? -0.402  6.050   -13.665 1.00 12.81 ? 60  GLN A CA   1 
ATOM   443  C C    . GLN A 1 81  ? -0.498  5.393   -15.035 1.00 13.42 ? 60  GLN A C    1 
ATOM   444  O O    . GLN A 1 81  ? -1.545  4.847   -15.396 1.00 14.28 ? 60  GLN A O    1 
ATOM   445  C CB   . GLN A 1 81  ? -0.601  7.561   -13.820 1.00 12.47 ? 60  GLN A CB   1 
ATOM   446  C CG   . GLN A 1 81  ? -0.877  8.296   -12.523 1.00 14.31 ? 60  GLN A CG   1 
ATOM   447  C CD   . GLN A 1 81  ? -2.284  8.054   -11.982 1.00 13.98 ? 60  GLN A CD   1 
ATOM   448  O OE1  . GLN A 1 81  ? -2.987  7.135   -12.418 1.00 16.37 ? 60  GLN A OE1  1 
ATOM   449  N NE2  . GLN A 1 81  ? -2.701  8.885   -11.041 1.00 14.33 ? 60  GLN A NE2  1 
ATOM   450  N N    . SER A 1 82  ? 0.582   5.451   -15.805 1.00 13.80 ? 61  SER A N    1 
ATOM   451  C CA   A SER A 1 82  ? 0.594   4.837   -17.134 0.54 15.13 ? 61  SER A CA   1 
ATOM   452  C CA   B SER A 1 82  ? 0.590   4.842   -17.131 0.46 15.13 ? 61  SER A CA   1 
ATOM   453  C C    . SER A 1 82  ? 0.270   3.351   -17.044 1.00 15.17 ? 61  SER A C    1 
ATOM   454  O O    . SER A 1 82  ? -0.528  2.830   -17.815 1.00 16.77 ? 61  SER A O    1 
ATOM   455  C CB   A SER A 1 82  ? 1.949   5.038   -17.819 0.54 16.47 ? 61  SER A CB   1 
ATOM   456  C CB   B SER A 1 82  ? 1.939   5.056   -17.815 0.46 16.47 ? 61  SER A CB   1 
ATOM   457  O OG   A SER A 1 82  ? 2.147   6.396   -18.164 0.54 17.03 ? 61  SER A OG   1 
ATOM   458  O OG   B SER A 1 82  ? 1.936   4.488   -19.110 0.46 18.74 ? 61  SER A OG   1 
ATOM   459  N N    . CYS A 1 83  ? 0.895   2.676   -16.091 1.00 12.42 ? 62  CYS A N    1 
ATOM   460  C CA   . CYS A 1 83  ? 0.651   1.265   -15.858 1.00 14.11 ? 62  CYS A CA   1 
ATOM   461  C C    . CYS A 1 83  ? -0.802  1.014   -15.454 1.00 16.04 ? 62  CYS A C    1 
ATOM   462  O O    . CYS A 1 83  ? -1.480  0.132   -15.989 1.00 15.30 ? 62  CYS A O    1 
ATOM   463  C CB   . CYS A 1 83  ? 1.596   0.785   -14.753 1.00 14.33 ? 62  CYS A CB   1 
ATOM   464  S SG   . CYS A 1 83  ? 1.368   -0.905  -14.203 1.00 16.45 ? 62  CYS A SG   1 
ATOM   465  N N    . MET A 1 84  ? -1.290  1.791   -14.497 1.00 13.37 ? 63  MET A N    1 
ATOM   466  C CA   . MET A 1 84  ? -2.659  1.627   -14.020 1.00 12.35 ? 63  MET A CA   1 
ATOM   467  C C    . MET A 1 84  ? -3.697  1.884   -15.108 1.00 13.92 ? 63  MET A C    1 
ATOM   468  O O    . MET A 1 84  ? -4.726  1.207   -15.156 1.00 15.14 ? 63  MET A O    1 
ATOM   469  C CB   . MET A 1 84  ? -2.903  2.512   -12.798 1.00 13.50 ? 63  MET A CB   1 
ATOM   470  C CG   . MET A 1 84  ? -2.093  2.066   -11.585 1.00 11.86 ? 63  MET A CG   1 
ATOM   471  S SD   . MET A 1 84  ? -2.736  0.539   -10.860 1.00 13.26 ? 63  MET A SD   1 
ATOM   472  C CE   . MET A 1 84  ? -3.972  1.209   -9.758  1.00 15.90 ? 63  MET A CE   1 
ATOM   473  N N    . LYS A 1 85  ? -3.421  2.855   -15.973 1.00 15.23 ? 64  LYS A N    1 
ATOM   474  C CA   . LYS A 1 85  ? -4.322  3.163   -17.082 1.00 15.96 ? 64  LYS A CA   1 
ATOM   475  C C    . LYS A 1 85  ? -4.426  1.966   -18.025 1.00 17.95 ? 64  LYS A C    1 
ATOM   476  O O    . LYS A 1 85  ? -5.519  1.629   -18.480 1.00 17.82 ? 64  LYS A O    1 
ATOM   477  C CB   . LYS A 1 85  ? -3.858  4.428   -17.812 1.00 15.87 ? 64  LYS A CB   1 
ATOM   478  C CG   . LYS A 1 85  ? -4.152  5.706   -17.026 1.00 21.35 ? 64  LYS A CG   1 
ATOM   479  C CD   . LYS A 1 85  ? -3.688  6.968   -17.749 1.00 24.63 ? 64  LYS A CD   1 
ATOM   480  C CE   . LYS A 1 85  ? -4.028  8.219   -16.933 1.00 29.98 ? 64  LYS A CE   1 
ATOM   481  N NZ   . LYS A 1 85  ? -3.738  9.494   -17.663 1.00 34.78 ? 64  LYS A NZ   1 
ATOM   482  N N    . ARG A 1 86  ? -3.295  1.314   -18.288 1.00 17.31 ? 65  ARG A N    1 
ATOM   483  C CA   . ARG A 1 86  ? -3.273  0.116   -19.122 1.00 17.81 ? 65  ARG A CA   1 
ATOM   484  C C    . ARG A 1 86  ? -4.166  -0.981  -18.552 1.00 19.45 ? 65  ARG A C    1 
ATOM   485  O O    . ARG A 1 86  ? -4.787  -1.737  -19.301 1.00 22.57 ? 65  ARG A O    1 
ATOM   486  C CB   . ARG A 1 86  ? -1.842  -0.411  -19.297 1.00 18.79 ? 65  ARG A CB   1 
ATOM   487  C CG   . ARG A 1 86  ? -0.927  0.523   -20.072 1.00 26.31 ? 65  ARG A CG   1 
ATOM   488  C CD   . ARG A 1 86  ? 0.369   -0.160  -20.527 1.00 27.93 ? 65  ARG A CD   1 
ATOM   489  N NE   . ARG A 1 86  ? 1.292   -0.446  -19.428 1.00 26.73 ? 65  ARG A NE   1 
ATOM   490  C CZ   . ARG A 1 86  ? 1.317   -1.598  -18.770 1.00 24.64 ? 65  ARG A CZ   1 
ATOM   491  N NH1  . ARG A 1 86  ? 0.470   -2.562  -19.104 1.00 27.54 ? 65  ARG A NH1  1 
ATOM   492  N NH2  . ARG A 1 86  ? 2.184   -1.792  -17.779 1.00 23.13 ? 65  ARG A NH2  1 
ATOM   493  N N    . HIS A 1 87  ? -4.234  -1.067  -17.225 1.00 16.46 ? 66  HIS A N    1 
ATOM   494  C CA   . HIS A 1 87  ? -5.031  -2.099  -16.565 1.00 18.98 ? 66  HIS A CA   1 
ATOM   495  C C    . HIS A 1 87  ? -6.440  -1.641  -16.210 1.00 18.39 ? 66  HIS A C    1 
ATOM   496  O O    . HIS A 1 87  ? -7.209  -2.397  -15.617 1.00 19.96 ? 66  HIS A O    1 
ATOM   497  C CB   . HIS A 1 87  ? -4.308  -2.607  -15.318 1.00 16.29 ? 66  HIS A CB   1 
ATOM   498  C CG   . HIS A 1 87  ? -3.026  -3.310  -15.619 1.00 17.34 ? 66  HIS A CG   1 
ATOM   499  N ND1  . HIS A 1 87  ? -2.985  -4.562  -16.197 1.00 19.39 ? 66  HIS A ND1  1 
ATOM   500  C CD2  . HIS A 1 87  ? -1.737  -2.939  -15.435 1.00 15.79 ? 66  HIS A CD2  1 
ATOM   501  C CE1  . HIS A 1 87  ? -1.726  -4.931  -16.354 1.00 18.04 ? 66  HIS A CE1  1 
ATOM   502  N NE2  . HIS A 1 87  ? -0.948  -3.964  -15.902 1.00 16.59 ? 66  HIS A NE2  1 
ATOM   503  N N    . GLY A 1 88  ? -6.767  -0.398  -16.560 1.00 16.11 ? 67  GLY A N    1 
ATOM   504  C CA   . GLY A 1 88  ? -8.102  0.135   -16.345 1.00 18.48 ? 67  GLY A CA   1 
ATOM   505  C C    . GLY A 1 88  ? -8.478  0.365   -14.892 1.00 18.77 ? 67  GLY A C    1 
ATOM   506  O O    . GLY A 1 88  ? -9.647  0.251   -14.513 1.00 22.81 ? 67  GLY A O    1 
ATOM   507  N N    . ILE A 1 89  ? -7.495  0.699   -14.063 1.00 15.60 ? 68  ILE A N    1 
ATOM   508  C CA   . ILE A 1 89  ? -7.764  0.960   -12.660 1.00 18.37 ? 68  ILE A CA   1 
ATOM   509  C C    . ILE A 1 89  ? -7.469  2.411   -12.326 1.00 22.13 ? 68  ILE A C    1 
ATOM   510  O O    . ILE A 1 89  ? -6.318  2.831   -12.337 1.00 16.58 ? 68  ILE A O    1 
ATOM   511  C CB   . ILE A 1 89  ? -6.933  0.056   -11.751 1.00 17.41 ? 68  ILE A CB   1 
ATOM   512  C CG1  . ILE A 1 89  ? -7.151  -1.409  -12.140 1.00 18.12 ? 68  ILE A CG1  1 
ATOM   513  C CG2  . ILE A 1 89  ? -7.308  0.286   -10.288 1.00 19.81 ? 68  ILE A CG2  1 
ATOM   514  C CD1  . ILE A 1 89  ? -6.506  -2.387  -11.197 1.00 23.38 ? 68  ILE A CD1  1 
ATOM   515  N N    . PRO A 1 90  ? -8.515  3.198   -12.057 1.00 26.22 ? 69  PRO A N    1 
ATOM   516  C CA   . PRO A 1 90  ? -8.273  4.606   -11.730 1.00 22.51 ? 69  PRO A CA   1 
ATOM   517  C C    . PRO A 1 90  ? -7.511  4.762   -10.415 1.00 15.52 ? 69  PRO A C    1 
ATOM   518  O O    . PRO A 1 90  ? -7.665  3.959   -9.496  1.00 19.96 ? 69  PRO A O    1 
ATOM   519  C CB   . PRO A 1 90  ? -9.685  5.180   -11.612 1.00 32.29 ? 69  PRO A CB   1 
ATOM   520  C CG   . PRO A 1 90  ? -10.512 4.297   -12.502 1.00 36.07 ? 69  PRO A CG   1 
ATOM   521  C CD   . PRO A 1 90  ? -9.942  2.922   -12.297 1.00 35.40 ? 69  PRO A CD   1 
ATOM   522  N N    . MET A 1 91  ? -6.676  5.797   -10.355 1.00 15.26 ? 70  MET A N    1 
ATOM   523  C CA   . MET A 1 91  ? -5.842  6.045   -9.193  1.00 15.09 ? 70  MET A CA   1 
ATOM   524  C C    . MET A 1 91  ? -5.664  7.541   -8.998  1.00 11.85 ? 70  MET A C    1 
ATOM   525  O O    . MET A 1 91  ? -5.300  8.271   -9.921  1.00 14.36 ? 70  MET A O    1 
ATOM   526  C CB   . MET A 1 91  ? -4.477  5.374   -9.363  1.00 13.73 ? 70  MET A CB   1 
ATOM   527  C CG   . MET A 1 91  ? -3.511  5.623   -8.206  1.00 12.11 ? 70  MET A CG   1 
ATOM   528  S SD   . MET A 1 91  ? -1.976  4.673   -8.337  1.00 11.89 ? 70  MET A SD   1 
ATOM   529  C CE   . MET A 1 91  ? -1.273  5.301   -9.859  1.00 11.74 ? 70  MET A CE   1 
ATOM   530  N N    . SER A 1 92  ? -5.961  7.999   -7.792  1.00 12.78 ? 71  SER A N    1 
ATOM   531  C CA   A SER A 1 92  ? -5.717  9.383   -7.418  0.60 13.87 ? 71  SER A CA   1 
ATOM   532  C CA   B SER A 1 92  ? -5.730  9.383   -7.420  0.40 13.89 ? 71  SER A CA   1 
ATOM   533  C C    . SER A 1 92  ? -5.376  9.422   -5.941  1.00 13.38 ? 71  SER A C    1 
ATOM   534  O O    . SER A 1 92  ? -5.969  8.707   -5.136  1.00 13.15 ? 71  SER A O    1 
ATOM   535  C CB   A SER A 1 92  ? -6.933  10.269  -7.693  0.60 16.74 ? 71  SER A CB   1 
ATOM   536  C CB   B SER A 1 92  ? -6.975  10.227  -7.686  0.40 16.74 ? 71  SER A CB   1 
ATOM   537  O OG   A SER A 1 92  ? -6.650  11.613  -7.329  0.60 14.03 ? 71  SER A OG   1 
ATOM   538  O OG   B SER A 1 92  ? -8.071  9.756   -6.927  0.40 19.94 ? 71  SER A OG   1 
ATOM   539  N N    . HIS A 1 93  ? -4.412  10.257  -5.587  1.00 13.42 ? 72  HIS A N    1 
ATOM   540  C CA   . HIS A 1 93  ? -3.944  10.314  -4.206  1.00 12.94 ? 72  HIS A CA   1 
ATOM   541  C C    . HIS A 1 93  ? -3.125  11.580  -4.036  1.00 12.62 ? 72  HIS A C    1 
ATOM   542  O O    . HIS A 1 93  ? -2.616  12.146  -5.013  1.00 13.53 ? 72  HIS A O    1 
ATOM   543  C CB   . HIS A 1 93  ? -3.078  9.082   -3.878  1.00 13.58 ? 72  HIS A CB   1 
ATOM   544  C CG   . HIS A 1 93  ? -2.773  8.907   -2.416  1.00 10.95 ? 72  HIS A CG   1 
ATOM   545  N ND1  . HIS A 1 93  ? -3.731  8.546   -1.495  1.00 11.58 ? 72  HIS A ND1  1 
ATOM   546  C CD2  . HIS A 1 93  ? -1.608  9.001   -1.733  1.00 11.54 ? 72  HIS A CD2  1 
ATOM   547  C CE1  . HIS A 1 93  ? -3.178  8.456   -0.296  1.00 11.65 ? 72  HIS A CE1  1 
ATOM   548  N NE2  . HIS A 1 93  ? -1.888  8.722   -0.415  1.00 10.75 ? 72  HIS A NE2  1 
ATOM   549  N N    . VAL A 1 94  ? -3.036  12.040  -2.797  1.00 10.11 ? 73  VAL A N    1 
ATOM   550  C CA   . VAL A 1 94  ? -2.100  13.090  -2.432  1.00 10.54 ? 73  VAL A CA   1 
ATOM   551  C C    . VAL A 1 94  ? -1.174  12.462  -1.393  1.00 12.07 ? 73  VAL A C    1 
ATOM   552  O O    . VAL A 1 94  ? -1.635  11.984  -0.346  1.00 12.07 ? 73  VAL A O    1 
ATOM   553  C CB   . VAL A 1 94  ? -2.832  14.315  -1.851  1.00 12.93 ? 73  VAL A CB   1 
ATOM   554  C CG1  . VAL A 1 94  ? -1.834  15.376  -1.392  1.00 14.65 ? 73  VAL A CG1  1 
ATOM   555  C CG2  . VAL A 1 94  ? -3.783  14.895  -2.901  1.00 14.66 ? 73  VAL A CG2  1 
ATOM   556  N N    . ALA A 1 95  ? 0.120   12.392  -1.691  1.00 10.30 ? 74  ALA A N    1 
ATOM   557  C CA   . ALA A 1 95  ? 1.046   11.727  -0.772  1.00 8.61  ? 74  ALA A CA   1 
ATOM   558  C C    . ALA A 1 95  ? 0.994   12.342  0.622   1.00 10.22 ? 74  ALA A C    1 
ATOM   559  O O    . ALA A 1 95  ? 0.957   13.565  0.776   1.00 11.32 ? 74  ALA A O    1 
ATOM   560  C CB   . ALA A 1 95  ? 2.469   11.769  -1.317  1.00 10.31 ? 74  ALA A CB   1 
ATOM   561  N N    . ARG A 1 96  ? 1.012   11.492  1.641   1.00 10.81 ? 75  ARG A N    1 
ATOM   562  C CA   . ARG A 1 96  ? 1.070   11.960  3.020   1.00 10.66 ? 75  ARG A CA   1 
ATOM   563  C C    . ARG A 1 96  ? 1.973   11.001  3.774   1.00 10.86 ? 75  ARG A C    1 
ATOM   564  O O    . ARG A 1 96  ? 2.110   9.840   3.383   1.00 11.05 ? 75  ARG A O    1 
ATOM   565  C CB   . ARG A 1 96  ? -0.318  12.001  3.668   1.00 10.13 ? 75  ARG A CB   1 
ATOM   566  C CG   . ARG A 1 96  ? -0.910  10.633  3.982   1.00 11.94 ? 75  ARG A CG   1 
ATOM   567  C CD   . ARG A 1 96  ? -2.214  10.808  4.756   1.00 13.54 ? 75  ARG A CD   1 
ATOM   568  N NE   . ARG A 1 96  ? -2.802  9.543   5.188   1.00 12.45 ? 75  ARG A NE   1 
ATOM   569  C CZ   . ARG A 1 96  ? -2.500  8.917   6.324   1.00 11.54 ? 75  ARG A CZ   1 
ATOM   570  N NH1  . ARG A 1 96  ? -1.603  9.430   7.151   1.00 14.50 ? 75  ARG A NH1  1 
ATOM   571  N NH2  . ARG A 1 96  ? -3.113  7.777   6.624   1.00 11.88 ? 75  ARG A NH2  1 
ATOM   572  N N    . GLN A 1 97  ? 2.587   11.489  4.845   1.00 9.73  ? 76  GLN A N    1 
ATOM   573  C CA   . GLN A 1 97  ? 3.441   10.665  5.693   1.00 9.36  ? 76  GLN A CA   1 
ATOM   574  C C    . GLN A 1 97  ? 2.607   10.017  6.783   1.00 12.37 ? 76  GLN A C    1 
ATOM   575  O O    . GLN A 1 97  ? 1.668   10.622  7.316   1.00 13.07 ? 76  GLN A O    1 
ATOM   576  C CB   . GLN A 1 97  ? 4.556   11.516  6.310   1.00 11.95 ? 76  GLN A CB   1 
ATOM   577  C CG   . GLN A 1 97  ? 5.635   10.706  7.021   1.00 11.79 ? 76  GLN A CG   1 
ATOM   578  C CD   . GLN A 1 97  ? 6.859   11.537  7.334   1.00 14.68 ? 76  GLN A CD   1 
ATOM   579  O OE1  . GLN A 1 97  ? 6.801   12.770  7.338   1.00 18.80 ? 76  GLN A OE1  1 
ATOM   580  N NE2  . GLN A 1 97  ? 7.989   10.873  7.564   1.00 15.18 ? 76  GLN A NE2  1 
ATOM   581  N N    . ILE A 1 98  ? 2.940   8.781   7.114   1.00 10.93 ? 77  ILE A N    1 
ATOM   582  C CA   . ILE A 1 98  ? 2.259   8.104   8.207   1.00 11.35 ? 77  ILE A CA   1 
ATOM   583  C C    . ILE A 1 98  ? 2.430   8.895   9.513   1.00 12.00 ? 77  ILE A C    1 
ATOM   584  O O    . ILE A 1 98  ? 3.472   9.524   9.738   1.00 13.30 ? 77  ILE A O    1 
ATOM   585  C CB   . ILE A 1 98  ? 2.754   6.651   8.356   1.00 10.71 ? 77  ILE A CB   1 
ATOM   586  C CG1  . ILE A 1 98  ? 1.821   5.890   9.306   1.00 14.95 ? 77  ILE A CG1  1 
ATOM   587  C CG2  . ILE A 1 98  ? 4.187   6.615   8.828   1.00 12.88 ? 77  ILE A CG2  1 
ATOM   588  C CD1  . ILE A 1 98  ? 2.016   4.403   9.280   1.00 13.58 ? 77  ILE A CD1  1 
ATOM   589  N N    . THR A 1 99  ? 1.399   8.859   10.362  1.00 13.53 ? 78  THR A N    1 
ATOM   590  C CA   . THR A 1 99  ? 1.375   9.620   11.612  1.00 16.00 ? 78  THR A CA   1 
ATOM   591  C C    . THR A 1 99  ? 1.121   8.689   12.777  1.00 15.34 ? 78  THR A C    1 
ATOM   592  O O    . THR A 1 99  ? 0.719   7.543   12.587  1.00 13.36 ? 78  THR A O    1 
ATOM   593  C CB   . THR A 1 99  ? 0.222   10.639  11.618  1.00 18.39 ? 78  THR A CB   1 
ATOM   594  O OG1  . THR A 1 99  ? -1.027  9.935   11.629  1.00 24.33 ? 78  THR A OG1  1 
ATOM   595  C CG2  . THR A 1 99  ? 0.286   11.530  10.389  1.00 29.95 ? 78  THR A CG2  1 
ATOM   596  N N    . LYS A 1 100 ? 1.323   9.195   13.989  1.00 14.28 ? 79  LYS A N    1 
ATOM   597  C CA   . LYS A 1 100 ? 1.085   8.396   15.190  1.00 12.68 ? 79  LYS A CA   1 
ATOM   598  C C    . LYS A 1 100 ? -0.343  7.840   15.260  1.00 12.20 ? 79  LYS A C    1 
ATOM   599  O O    . LYS A 1 100 ? -0.560  6.718   15.712  1.00 12.97 ? 79  LYS A O    1 
ATOM   600  C CB   . LYS A 1 100 ? 1.385   9.230   16.437  1.00 15.86 ? 79  LYS A CB   1 
ATOM   601  C CG   . LYS A 1 100 ? 2.844   9.618   16.573  1.00 25.75 ? 79  LYS A CG   1 
ATOM   602  C CD   . LYS A 1 100 ? 3.132   10.242  17.938  1.00 30.76 ? 79  LYS A CD   1 
ATOM   603  C CE   . LYS A 1 100 ? 4.610   10.596  18.083  1.00 38.24 ? 79  LYS A CE   1 
ATOM   604  N NZ   . LYS A 1 100 ? 5.505   9.429   17.800  1.00 33.81 ? 79  LYS A NZ   1 
ATOM   605  N N    . GLU A 1 101 ? -1.312  8.630   14.821  1.00 12.89 ? 80  GLU A N    1 
ATOM   606  C CA   . GLU A 1 101 ? -2.705  8.221   14.868  1.00 14.25 ? 80  GLU A CA   1 
ATOM   607  C C    . GLU A 1 101 ? -2.986  6.994   14.007  1.00 12.47 ? 80  GLU A C    1 
ATOM   608  O O    . GLU A 1 101 ? -3.857  6.186   14.324  1.00 13.44 ? 80  GLU A O    1 
ATOM   609  C CB   . GLU A 1 101 ? -3.609  9.375   14.434  1.00 19.47 ? 80  GLU A CB   1 
ATOM   610  C CG   . GLU A 1 101 ? -5.073  9.073   14.594  1.00 20.32 ? 80  GLU A CG   1 
ATOM   611  C CD   . GLU A 1 101 ? -5.945  10.278  14.309  1.00 29.00 ? 80  GLU A CD   1 
ATOM   612  O OE1  . GLU A 1 101 ? -5.475  11.201  13.603  1.00 26.98 ? 80  GLU A OE1  1 
ATOM   613  O OE2  . GLU A 1 101 ? -7.092  10.303  14.808  1.00 31.71 ? 80  GLU A OE2  1 
ATOM   614  N N    . ASP A 1 102 ? -2.242  6.852   12.910  1.00 11.94 ? 81  ASP A N    1 
ATOM   615  C CA   . ASP A 1 102 ? -2.475  5.741   11.993  1.00 12.45 ? 81  ASP A CA   1 
ATOM   616  C C    . ASP A 1 102 ? -2.315  4.385   12.670  1.00 11.90 ? 81  ASP A C    1 
ATOM   617  O O    . ASP A 1 102 ? -3.029  3.437   12.358  1.00 12.19 ? 81  ASP A O    1 
ATOM   618  C CB   . ASP A 1 102 ? -1.572  5.847   10.760  1.00 12.67 ? 81  ASP A CB   1 
ATOM   619  C CG   . ASP A 1 102 ? -1.967  6.991   9.846   1.00 12.96 ? 81  ASP A CG   1 
ATOM   620  O OD1  . ASP A 1 102 ? -3.181  7.232   9.666   1.00 15.27 ? 81  ASP A OD1  1 
ATOM   621  O OD2  . ASP A 1 102 ? -1.053  7.662   9.313   1.00 15.47 ? 81  ASP A OD2  1 
ATOM   622  N N    . PHE A 1 103 ? -1.385  4.304   13.613  1.00 12.08 ? 82  PHE A N    1 
ATOM   623  C CA   . PHE A 1 103 ? -1.178  3.061   14.352  1.00 12.41 ? 82  PHE A CA   1 
ATOM   624  C C    . PHE A 1 103 ? -2.369  2.681   15.234  1.00 12.19 ? 82  PHE A C    1 
ATOM   625  O O    . PHE A 1 103 ? -2.594  1.501   15.503  1.00 12.07 ? 82  PHE A O    1 
ATOM   626  C CB   . PHE A 1 103 ? 0.109   3.141   15.168  1.00 11.93 ? 82  PHE A CB   1 
ATOM   627  C CG   . PHE A 1 103 ? 1.336   3.305   14.320  1.00 11.87 ? 82  PHE A CG   1 
ATOM   628  C CD1  . PHE A 1 103 ? 1.893   2.211   13.678  1.00 13.88 ? 82  PHE A CD1  1 
ATOM   629  C CD2  . PHE A 1 103 ? 1.915   4.552   14.140  1.00 13.00 ? 82  PHE A CD2  1 
ATOM   630  C CE1  . PHE A 1 103 ? 3.014   2.356   12.874  1.00 13.77 ? 82  PHE A CE1  1 
ATOM   631  C CE2  . PHE A 1 103 ? 3.034   4.694   13.333  1.00 15.09 ? 82  PHE A CE2  1 
ATOM   632  C CZ   . PHE A 1 103 ? 3.583   3.587   12.710  1.00 14.18 ? 82  PHE A CZ   1 
ATOM   633  N N    . ALA A 1 104 ? -3.132  3.682   15.667  1.00 12.10 ? 83  ALA A N    1 
ATOM   634  C CA   . ALA A 1 104 ? -4.287  3.443   16.520  1.00 11.79 ? 83  ALA A CA   1 
ATOM   635  C C    . ALA A 1 104 ? -5.535  3.100   15.717  1.00 13.05 ? 83  ALA A C    1 
ATOM   636  O O    . ALA A 1 104 ? -6.357  2.293   16.154  1.00 16.42 ? 83  ALA A O    1 
ATOM   637  C CB   . ALA A 1 104 ? -4.552  4.662   17.401  1.00 13.27 ? 83  ALA A CB   1 
ATOM   638  N N    . THR A 1 105 ? -5.677  3.693   14.536  1.00 12.61 ? 84  THR A N    1 
ATOM   639  C CA   . THR A 1 105 ? -6.940  3.587   13.808  1.00 14.24 ? 84  THR A CA   1 
ATOM   640  C C    . THR A 1 105 ? -7.011  2.439   12.800  1.00 14.63 ? 84  THR A C    1 
ATOM   641  O O    . THR A 1 105 ? -8.098  1.925   12.518  1.00 15.65 ? 84  THR A O    1 
ATOM   642  C CB   . THR A 1 105 ? -7.293  4.894   13.098  1.00 16.17 ? 84  THR A CB   1 
ATOM   643  O OG1  . THR A 1 105 ? -6.315  5.149   12.090  1.00 15.63 ? 84  THR A OG1  1 
ATOM   644  C CG2  . THR A 1 105 ? -7.326  6.064   14.079  1.00 16.50 ? 84  THR A CG2  1 
ATOM   645  N N    . PHE A 1 106 ? -5.868  2.021   12.260  1.00 11.98 ? 85  PHE A N    1 
ATOM   646  C CA   . PHE A 1 106 ? -5.882  0.989   11.219  1.00 13.08 ? 85  PHE A CA   1 
ATOM   647  C C    . PHE A 1 106 ? -5.758  -0.434  11.752  1.00 11.82 ? 85  PHE A C    1 
ATOM   648  O O    . PHE A 1 106 ? -4.971  -0.693  12.658  1.00 13.27 ? 85  PHE A O    1 
ATOM   649  C CB   . PHE A 1 106 ? -4.788  1.263   10.169  1.00 10.66 ? 85  PHE A CB   1 
ATOM   650  C CG   . PHE A 1 106 ? -5.163  2.330   9.181   1.00 11.02 ? 85  PHE A CG   1 
ATOM   651  C CD1  . PHE A 1 106 ? -4.736  3.642   9.344   1.00 11.06 ? 85  PHE A CD1  1 
ATOM   652  C CD2  . PHE A 1 106 ? -5.972  2.020   8.100   1.00 10.62 ? 85  PHE A CD2  1 
ATOM   653  C CE1  . PHE A 1 106 ? -5.111  4.632   8.428   1.00 11.99 ? 85  PHE A CE1  1 
ATOM   654  C CE2  . PHE A 1 106 ? -6.344  2.990   7.181   1.00 10.00 ? 85  PHE A CE2  1 
ATOM   655  C CZ   . PHE A 1 106 ? -5.917  4.299   7.347   1.00 10.93 ? 85  PHE A CZ   1 
ATOM   656  N N    . ASP A 1 107 ? -6.523  -1.355  11.168  1.00 11.05 ? 86  ASP A N    1 
ATOM   657  C CA   . ASP A 1 107 ? -6.417  -2.770  11.526  1.00 12.66 ? 86  ASP A CA   1 
ATOM   658  C C    . ASP A 1 107 ? -5.139  -3.390  10.976  1.00 12.74 ? 86  ASP A C    1 
ATOM   659  O O    . ASP A 1 107 ? -4.518  -4.232  11.624  1.00 13.41 ? 86  ASP A O    1 
ATOM   660  C CB   . ASP A 1 107 ? -7.609  -3.561  10.981  1.00 13.08 ? 86  ASP A CB   1 
ATOM   661  C CG   . ASP A 1 107 ? -8.922  -3.122  11.577  1.00 15.07 ? 86  ASP A CG   1 
ATOM   662  O OD1  . ASP A 1 107 ? -8.960  -2.815  12.786  1.00 17.73 ? 86  ASP A OD1  1 
ATOM   663  O OD2  . ASP A 1 107 ? -9.918  -3.094  10.833  1.00 19.82 ? 86  ASP A OD2  1 
ATOM   664  N N    . TYR A 1 108 ? -4.766  -2.981  9.762   1.00 11.31 ? 87  TYR A N    1 
ATOM   665  C CA   . TYR A 1 108 ? -3.594  -3.514  9.079   1.00 11.90 ? 87  TYR A CA   1 
ATOM   666  C C    . TYR A 1 108 ? -2.813  -2.386  8.450   1.00 12.15 ? 87  TYR A C    1 
ATOM   667  O O    . TYR A 1 108 ? -3.398  -1.479  7.839   1.00 11.96 ? 87  TYR A O    1 
ATOM   668  C CB   . TYR A 1 108 ? -3.987  -4.502  7.973   1.00 12.97 ? 87  TYR A CB   1 
ATOM   669  C CG   . TYR A 1 108 ? -4.729  -5.706  8.485   1.00 16.39 ? 87  TYR A CG   1 
ATOM   670  C CD1  . TYR A 1 108 ? -4.048  -6.830  8.921   1.00 20.35 ? 87  TYR A CD1  1 
ATOM   671  C CD2  . TYR A 1 108 ? -6.111  -5.704  8.547   1.00 17.71 ? 87  TYR A CD2  1 
ATOM   672  C CE1  . TYR A 1 108 ? -4.731  -7.927  9.404   1.00 24.38 ? 87  TYR A CE1  1 
ATOM   673  C CE2  . TYR A 1 108 ? -6.802  -6.795  9.027   1.00 21.76 ? 87  TYR A CE2  1 
ATOM   674  C CZ   . TYR A 1 108 ? -6.107  -7.897  9.453   1.00 23.97 ? 87  TYR A CZ   1 
ATOM   675  O OH   . TYR A 1 108 ? -6.813  -8.983  9.926   1.00 38.44 ? 87  TYR A OH   1 
ATOM   676  N N    . ILE A 1 109 ? -1.495  -2.459  8.590   1.00 11.31 ? 88  ILE A N    1 
ATOM   677  C CA   . ILE A 1 109 ? -0.575  -1.603  7.864   1.00 9.38  ? 88  ILE A CA   1 
ATOM   678  C C    . ILE A 1 109 ? 0.310   -2.543  7.066   1.00 10.27 ? 88  ILE A C    1 
ATOM   679  O O    . ILE A 1 109 ? 1.084   -3.313  7.647   1.00 12.06 ? 88  ILE A O    1 
ATOM   680  C CB   . ILE A 1 109 ? 0.260   -0.713  8.795   1.00 10.66 ? 88  ILE A CB   1 
ATOM   681  C CG1  . ILE A 1 109 ? -0.664  0.248   9.548   1.00 11.51 ? 88  ILE A CG1  1 
ATOM   682  C CG2  . ILE A 1 109 ? 1.306   0.065   7.991   1.00 12.05 ? 88  ILE A CG2  1 
ATOM   683  C CD1  . ILE A 1 109 ? 0.001   1.042   10.632  1.00 12.31 ? 88  ILE A CD1  1 
ATOM   684  N N    . LEU A 1 110 ? 0.178   -2.481  5.742   1.00 9.35  ? 89  LEU A N    1 
ATOM   685  C CA   . LEU A 1 110 ? 0.842   -3.411  4.836   1.00 9.30  ? 89  LEU A CA   1 
ATOM   686  C C    . LEU A 1 110 ? 1.851   -2.647  3.996   1.00 9.82  ? 89  LEU A C    1 
ATOM   687  O O    . LEU A 1 110 ? 1.491   -1.741  3.247   1.00 9.94  ? 89  LEU A O    1 
ATOM   688  C CB   . LEU A 1 110 ? -0.180  -4.129  3.953   1.00 10.80 ? 89  LEU A CB   1 
ATOM   689  C CG   . LEU A 1 110 ? -1.281  -4.877  4.704   1.00 10.77 ? 89  LEU A CG   1 
ATOM   690  C CD1  . LEU A 1 110 ? -2.172  -5.570  3.690   1.00 12.22 ? 89  LEU A CD1  1 
ATOM   691  C CD2  . LEU A 1 110 ? -0.677  -5.885  5.684   1.00 12.13 ? 89  LEU A CD2  1 
ATOM   692  N N    . CYS A 1 111 ? 3.124   -3.011  4.136   1.00 9.48  ? 90  CYS A N    1 
ATOM   693  C CA   . CYS A 1 111 ? 4.199   -2.233  3.529   1.00 10.65 ? 90  CYS A CA   1 
ATOM   694  C C    . CYS A 1 111 ? 4.982   -3.030  2.499   1.00 9.63  ? 90  CYS A C    1 
ATOM   695  O O    . CYS A 1 111 ? 4.765   -4.224  2.311   1.00 10.14 ? 90  CYS A O    1 
ATOM   696  C CB   . CYS A 1 111 ? 5.135   -1.651  4.593   1.00 9.07  ? 90  CYS A CB   1 
ATOM   697  S SG   . CYS A 1 111 ? 6.079   -2.880  5.528   1.00 11.27 ? 90  CYS A SG   1 
ATOM   698  N N    . MET A 1 112 ? 5.916   -2.369  1.835   1.00 10.09 ? 91  MET A N    1 
ATOM   699  C CA   . MET A 1 112 ? 6.502   -2.953  0.629   1.00 9.83  ? 91  MET A CA   1 
ATOM   700  C C    . MET A 1 112 ? 7.788   -3.736  0.820   1.00 9.48  ? 91  MET A C    1 
ATOM   701  O O    . MET A 1 112 ? 7.975   -4.786  0.197   1.00 11.19 ? 91  MET A O    1 
ATOM   702  C CB   . MET A 1 112 ? 6.706   -1.871  -0.426  1.00 11.10 ? 91  MET A CB   1 
ATOM   703  C CG   . MET A 1 112 ? 5.427   -1.101  -0.741  1.00 9.66  ? 91  MET A CG   1 
ATOM   704  S SD   . MET A 1 112 ? 4.098   -2.187  -1.308  1.00 11.35 ? 91  MET A SD   1 
ATOM   705  C CE   . MET A 1 112 ? 2.671   -1.223  -0.824  1.00 11.39 ? 91  MET A CE   1 
ATOM   706  N N    . ASP A 1 113 ? 8.693   -3.206  1.634   1.00 11.30 ? 92  ASP A N    1 
ATOM   707  C CA   . ASP A 1 113 ? 9.999   -3.843  1.794   1.00 12.10 ? 92  ASP A CA   1 
ATOM   708  C C    . ASP A 1 113 ? 10.471  -3.830  3.239   1.00 11.65 ? 92  ASP A C    1 
ATOM   709  O O    . ASP A 1 113 ? 9.804   -3.283  4.124   1.00 10.50 ? 92  ASP A O    1 
ATOM   710  C CB   . ASP A 1 113 ? 11.042  -3.227  0.838   1.00 13.06 ? 92  ASP A CB   1 
ATOM   711  C CG   . ASP A 1 113 ? 11.252  -1.740  1.061   1.00 13.19 ? 92  ASP A CG   1 
ATOM   712  O OD1  . ASP A 1 113 ? 11.289  -1.303  2.226   1.00 12.13 ? 92  ASP A OD1  1 
ATOM   713  O OD2  . ASP A 1 113 ? 11.399  -1.008  0.061   1.00 12.38 ? 92  ASP A OD2  1 
ATOM   714  N N    . GLU A 1 114 ? 11.612  -4.465  3.478   1.00 13.00 ? 93  GLU A N    1 
ATOM   715  C CA   . GLU A 1 114 ? 12.125  -4.628  4.829   1.00 12.31 ? 93  GLU A CA   1 
ATOM   716  C C    . GLU A 1 114 ? 12.489  -3.302  5.472   1.00 10.80 ? 93  GLU A C    1 
ATOM   717  O O    . GLU A 1 114 ? 12.363  -3.149  6.692   1.00 12.28 ? 93  GLU A O    1 
ATOM   718  C CB   . GLU A 1 114 ? 13.336  -5.562  4.831   1.00 14.92 ? 93  GLU A CB   1 
ATOM   719  C CG   . GLU A 1 114 ? 13.073  -6.936  4.216   1.00 23.88 ? 93  GLU A CG   1 
ATOM   720  C CD   . GLU A 1 114 ? 12.493  -7.926  5.203   1.00 37.41 ? 93  GLU A CD   1 
ATOM   721  O OE1  . GLU A 1 114 ? 11.941  -7.491  6.240   1.00 37.22 ? 93  GLU A OE1  1 
ATOM   722  O OE2  . GLU A 1 114 ? 12.594  -9.149  4.945   1.00 45.52 ? 93  GLU A OE2  1 
ATOM   723  N N    . SER A 1 115 ? 12.946  -2.345  4.667   1.00 10.86 ? 94  SER A N    1 
ATOM   724  C CA   A SER A 1 115 ? 13.251  -1.009  5.177   0.49 11.69 ? 94  SER A CA   1 
ATOM   725  C CA   B SER A 1 115 ? 13.254  -1.022  5.173   0.51 11.69 ? 94  SER A CA   1 
ATOM   726  C C    . SER A 1 115 ? 11.989  -0.325  5.677   1.00 10.79 ? 94  SER A C    1 
ATOM   727  O O    . SER A 1 115 ? 11.988  0.289   6.756   1.00 11.78 ? 94  SER A O    1 
ATOM   728  C CB   A SER A 1 115 ? 13.908  -0.140  4.101   0.49 13.70 ? 94  SER A CB   1 
ATOM   729  C CB   B SER A 1 115 ? 13.916  -0.194  4.076   0.51 13.72 ? 94  SER A CB   1 
ATOM   730  O OG   A SER A 1 115 ? 15.161  -0.666  3.720   0.49 15.64 ? 94  SER A OG   1 
ATOM   731  O OG   B SER A 1 115 ? 14.422  1.003   4.607   0.51 13.05 ? 94  SER A OG   1 
ATOM   732  N N    . ASN A 1 116 ? 10.910  -0.419  4.892   1.00 9.43  ? 95  ASN A N    1 
ATOM   733  C CA   . ASN A 1 116 ? 9.629   0.142   5.323   1.00 10.55 ? 95  ASN A CA   1 
ATOM   734  C C    . ASN A 1 116 ? 9.232   -0.512  6.652   1.00 11.14 ? 95  ASN A C    1 
ATOM   735  O O    . ASN A 1 116 ? 8.775   0.158   7.582   1.00 11.28 ? 95  ASN A O    1 
ATOM   736  C CB   . ASN A 1 116 ? 8.490   -0.166  4.345   1.00 10.41 ? 95  ASN A CB   1 
ATOM   737  C CG   . ASN A 1 116 ? 8.678   0.402   2.937   1.00 12.06 ? 95  ASN A CG   1 
ATOM   738  O OD1  . ASN A 1 116 ? 8.114   -0.157  1.999   1.00 12.80 ? 95  ASN A OD1  1 
ATOM   739  N ND2  . ASN A 1 116 ? 9.408   1.500   2.780   1.00 10.83 ? 95  ASN A ND2  1 
ATOM   740  N N    . LEU A 1 117 ? 9.378   -1.831  6.718   1.00 10.31 ? 96  LEU A N    1 
ATOM   741  C CA   . LEU A 1 117 ? 8.930   -2.597  7.877   1.00 10.73 ? 96  LEU A CA   1 
ATOM   742  C C    . LEU A 1 117 ? 9.689   -2.185  9.140   1.00 11.86 ? 96  LEU A C    1 
ATOM   743  O O    . LEU A 1 117 ? 9.085   -1.987  10.200  1.00 12.87 ? 96  LEU A O    1 
ATOM   744  C CB   . LEU A 1 117 ? 9.078   -4.092  7.593   1.00 11.38 ? 96  LEU A CB   1 
ATOM   745  C CG   . LEU A 1 117 ? 8.511   -5.058  8.640   1.00 12.74 ? 96  LEU A CG   1 
ATOM   746  C CD1  . LEU A 1 117 ? 6.994   -4.921  8.685   1.00 15.50 ? 96  LEU A CD1  1 
ATOM   747  C CD2  . LEU A 1 117 ? 8.903   -6.486  8.320   1.00 13.59 ? 96  LEU A CD2  1 
ATOM   748  N N    . ARG A 1 118 ? 11.006  -2.037  9.026   1.00 10.75 ? 97  ARG A N    1 
ATOM   749  C CA   A ARG A 1 118 ? 11.800  -1.630  10.170  0.51 13.00 ? 97  ARG A CA   1 
ATOM   750  C CA   B ARG A 1 118 ? 11.844  -1.604  10.143  0.49 13.03 ? 97  ARG A CA   1 
ATOM   751  C C    . ARG A 1 118 ? 11.411  -0.228  10.635  1.00 11.58 ? 97  ARG A C    1 
ATOM   752  O O    . ARG A 1 118 ? 11.299  0.019   11.841  1.00 13.34 ? 97  ARG A O    1 
ATOM   753  C CB   A ARG A 1 118 ? 13.290  -1.719  9.843   0.51 13.53 ? 97  ARG A CB   1 
ATOM   754  C CB   B ARG A 1 118 ? 13.327  -1.556  9.734   0.49 13.66 ? 97  ARG A CB   1 
ATOM   755  C CG   A ARG A 1 118 ? 14.202  -1.236  10.953  0.51 11.52 ? 97  ARG A CG   1 
ATOM   756  C CG   B ARG A 1 118 ? 13.997  -2.916  9.524   0.49 15.57 ? 97  ARG A CG   1 
ATOM   757  C CD   A ARG A 1 118 ? 15.638  -1.699  10.716  0.51 14.13 ? 97  ARG A CD   1 
ATOM   758  C CD   B ARG A 1 118 ? 15.543  -2.832  9.487   0.49 12.93 ? 97  ARG A CD   1 
ATOM   759  N NE   A ARG A 1 118 ? 15.918  -1.896  9.297   0.51 12.53 ? 97  ARG A NE   1 
ATOM   760  N NE   B ARG A 1 118 ? 16.071  -2.133  8.310   0.49 11.25 ? 97  ARG A NE   1 
ATOM   761  C CZ   A ARG A 1 118 ? 16.382  -0.948  8.488   0.51 13.42 ? 97  ARG A CZ   1 
ATOM   762  C CZ   B ARG A 1 118 ? 16.138  -2.655  7.088   0.49 12.16 ? 97  ARG A CZ   1 
ATOM   763  N NH1  A ARG A 1 118 ? 16.637  0.264   8.963   0.51 18.00 ? 97  ARG A NH1  1 
ATOM   764  N NH1  B ARG A 1 118 ? 15.693  -3.881  6.849   0.49 16.32 ? 97  ARG A NH1  1 
ATOM   765  N NH2  A ARG A 1 118 ? 16.596  -1.210  7.210   0.51 14.76 ? 97  ARG A NH2  1 
ATOM   766  N NH2  B ARG A 1 118 ? 16.638  -1.935  6.090   0.49 13.40 ? 97  ARG A NH2  1 
ATOM   767  N N    . ASP A 1 119 ? 11.168  0.684   9.696   1.00 10.87 ? 98  ASP A N    1 
ATOM   768  C CA   . ASP A 1 119 ? 10.771  2.039   10.079  1.00 12.33 ? 98  ASP A CA   1 
ATOM   769  C C    . ASP A 1 119 ? 9.410   2.063   10.760  1.00 12.69 ? 98  ASP A C    1 
ATOM   770  O O    . ASP A 1 119 ? 9.226   2.750   11.764  1.00 12.52 ? 98  ASP A O    1 
ATOM   771  C CB   . ASP A 1 119 ? 10.772  2.991   8.890   1.00 13.33 ? 98  ASP A CB   1 
ATOM   772  C CG   . ASP A 1 119 ? 11.278  4.386   9.271   1.00 23.27 ? 98  ASP A CG   1 
ATOM   773  O OD1  . ASP A 1 119 ? 11.328  5.267   8.393   1.00 26.94 ? 98  ASP A OD1  1 
ATOM   774  O OD2  . ASP A 1 119 ? 11.611  4.596   10.460  1.00 26.80 ? 98  ASP A OD2  1 
ATOM   775  N N    . LEU A 1 120 ? 8.463   1.302   10.222  1.00 10.48 ? 99  LEU A N    1 
ATOM   776  C CA   . LEU A 1 120 ? 7.117   1.247   10.792  1.00 12.10 ? 99  LEU A CA   1 
ATOM   777  C C    . LEU A 1 120 ? 7.136   0.645   12.187  1.00 12.50 ? 99  LEU A C    1 
ATOM   778  O O    . LEU A 1 120 ? 6.447   1.122   13.089  1.00 11.98 ? 99  LEU A O    1 
ATOM   779  C CB   . LEU A 1 120 ? 6.179   0.453   9.883   1.00 11.06 ? 99  LEU A CB   1 
ATOM   780  C CG   . LEU A 1 120 ? 5.811   1.194   8.603   1.00 10.21 ? 99  LEU A CG   1 
ATOM   781  C CD1  . LEU A 1 120 ? 5.168   0.249   7.607   1.00 13.46 ? 99  LEU A CD1  1 
ATOM   782  C CD2  . LEU A 1 120 ? 4.893   2.376   8.929   1.00 13.01 ? 99  LEU A CD2  1 
ATOM   783  N N    . ASN A 1 121 ? 7.937   -0.396  12.377  1.00 11.11 ? 100 ASN A N    1 
ATOM   784  C CA   . ASN A 1 121 ? 8.058   -0.974  13.709  1.00 12.57 ? 100 ASN A CA   1 
ATOM   785  C C    . ASN A 1 121 ? 8.687   0.027   14.683  1.00 13.03 ? 100 ASN A C    1 
ATOM   786  O O    . ASN A 1 121 ? 8.227   0.173   15.814  1.00 14.16 ? 100 ASN A O    1 
ATOM   787  C CB   . ASN A 1 121 ? 8.815   -2.302  13.657  1.00 13.79 ? 100 ASN A CB   1 
ATOM   788  C CG   . ASN A 1 121 ? 7.951   -3.432  13.131  1.00 16.53 ? 100 ASN A CG   1 
ATOM   789  O OD1  . ASN A 1 121 ? 6.780   -3.552  13.497  1.00 27.02 ? 100 ASN A OD1  1 
ATOM   790  N ND2  . ASN A 1 121 ? 8.519   -4.263  12.271  1.00 22.03 ? 100 ASN A ND2  1 
ATOM   791  N N    . ARG A 1 122 ? 9.709   0.751   14.237  1.00 12.19 ? 101 ARG A N    1 
ATOM   792  C CA   . ARG A 1 122 ? 10.329  1.769   15.076  1.00 12.17 ? 101 ARG A CA   1 
ATOM   793  C C    . ARG A 1 122 ? 9.297   2.809   15.496  1.00 13.37 ? 101 ARG A C    1 
ATOM   794  O O    . ARG A 1 122 ? 9.190   3.154   16.674  1.00 14.59 ? 101 ARG A O    1 
ATOM   795  C CB   . ARG A 1 122 ? 11.487  2.441   14.345  1.00 12.75 ? 101 ARG A CB   1 
ATOM   796  C CG   . ARG A 1 122 ? 12.159  3.528   15.171  1.00 15.03 ? 101 ARG A CG   1 
ATOM   797  C CD   . ARG A 1 122 ? 13.233  4.251   14.363  1.00 14.56 ? 101 ARG A CD   1 
ATOM   798  N NE   . ARG A 1 122 ? 12.659  4.927   13.197  1.00 19.00 ? 101 ARG A NE   1 
ATOM   799  C CZ   . ARG A 1 122 ? 12.149  6.152   13.223  1.00 21.02 ? 101 ARG A CZ   1 
ATOM   800  N NH1  . ARG A 1 122 ? 12.139  6.849   14.351  1.00 22.14 ? 101 ARG A NH1  1 
ATOM   801  N NH2  . ARG A 1 122 ? 11.644  6.681   12.120  1.00 23.38 ? 101 ARG A NH2  1 
ATOM   802  N N    . LYS A 1 123 ? 8.533   3.301   14.531  1.00 12.52 ? 102 LYS A N    1 
ATOM   803  C CA   . LYS A 1 123 ? 7.533   4.316   14.828  1.00 13.17 ? 102 LYS A CA   1 
ATOM   804  C C    . LYS A 1 123 ? 6.422   3.782   15.723  1.00 14.78 ? 102 LYS A C    1 
ATOM   805  O O    . LYS A 1 123 ? 5.926   4.491   16.604  1.00 15.38 ? 102 LYS A O    1 
ATOM   806  C CB   . LYS A 1 123 ? 6.971   4.896   13.532  1.00 14.07 ? 102 LYS A CB   1 
ATOM   807  C CG   . LYS A 1 123 ? 7.983   5.720   12.775  1.00 16.61 ? 102 LYS A CG   1 
ATOM   808  C CD   . LYS A 1 123 ? 7.480   6.102   11.407  1.00 22.62 ? 102 LYS A CD   1 
ATOM   809  C CE   . LYS A 1 123 ? 8.449   7.065   10.752  1.00 34.68 ? 102 LYS A CE   1 
ATOM   810  N NZ   . LYS A 1 123 ? 7.977   7.532   9.429   1.00 30.51 ? 102 LYS A NZ   1 
ATOM   811  N N    . SER A 1 124 ? 6.040   2.529   15.512  1.00 13.45 ? 103 SER A N    1 
ATOM   812  C CA   . SER A 1 124 ? 4.949   1.941   16.273  1.00 13.66 ? 103 SER A CA   1 
ATOM   813  C C    . SER A 1 124 ? 5.323   1.853   17.748  1.00 17.10 ? 103 SER A C    1 
ATOM   814  O O    . SER A 1 124 ? 4.451   1.922   18.619  1.00 18.14 ? 103 SER A O    1 
ATOM   815  C CB   . SER A 1 124 ? 4.581   0.561   15.716  1.00 17.09 ? 103 SER A CB   1 
ATOM   816  O OG   . SER A 1 124 ? 5.513   -0.425  16.119  1.00 17.41 ? 103 SER A OG   1 
ATOM   817  N N    . ASN A 1 125 ? 6.616   1.722   18.037  1.00 13.73 ? 104 ASN A N    1 
ATOM   818  C CA   . ASN A 1 125 ? 7.056   1.597   19.426  1.00 16.11 ? 104 ASN A CA   1 
ATOM   819  C C    . ASN A 1 125 ? 7.132   2.941   20.152  1.00 19.81 ? 104 ASN A C    1 
ATOM   820  O O    . ASN A 1 125 ? 7.434   2.993   21.347  1.00 22.57 ? 104 ASN A O    1 
ATOM   821  C CB   . ASN A 1 125 ? 8.394   0.852   19.510  1.00 17.22 ? 104 ASN A CB   1 
ATOM   822  C CG   . ASN A 1 125 ? 8.255   -0.622  19.197  1.00 26.28 ? 104 ASN A CG   1 
ATOM   823  O OD1  . ASN A 1 125 ? 7.249   -1.247  19.531  1.00 32.36 ? 104 ASN A OD1  1 
ATOM   824  N ND2  . ASN A 1 125 ? 9.268   -1.190  18.557  1.00 31.03 ? 104 ASN A ND2  1 
ATOM   825  N N    . GLN A 1 126 ? 6.844   4.020   19.430  1.00 16.16 ? 105 GLN A N    1 
ATOM   826  C CA   . GLN A 1 126 ? 6.828   5.362   20.007  1.00 18.17 ? 105 GLN A CA   1 
ATOM   827  C C    . GLN A 1 126 ? 5.431   5.811   20.436  1.00 18.22 ? 105 GLN A C    1 
ATOM   828  O O    . GLN A 1 126 ? 5.273   6.911   20.961  1.00 25.48 ? 105 GLN A O    1 
ATOM   829  C CB   . GLN A 1 126 ? 7.383   6.385   19.017  1.00 20.82 ? 105 GLN A CB   1 
ATOM   830  C CG   . GLN A 1 126 ? 8.820   6.131   18.601  1.00 20.82 ? 105 GLN A CG   1 
ATOM   831  C CD   . GLN A 1 126 ? 9.280   7.101   17.533  1.00 25.79 ? 105 GLN A CD   1 
ATOM   832  O OE1  . GLN A 1 126 ? 8.468   7.654   16.788  1.00 29.91 ? 105 GLN A OE1  1 
ATOM   833  N NE2  . GLN A 1 126 ? 10.590  7.313   17.449  1.00 30.94 ? 105 GLN A NE2  1 
ATOM   834  N N    . VAL A 1 127 ? 4.424   4.971   20.208  1.00 15.41 ? 106 VAL A N    1 
ATOM   835  C CA   . VAL A 1 127 ? 3.046   5.340   20.543  1.00 16.86 ? 106 VAL A CA   1 
ATOM   836  C C    . VAL A 1 127 ? 2.438   4.395   21.577  1.00 18.89 ? 106 VAL A C    1 
ATOM   837  O O    . VAL A 1 127 ? 2.865   3.248   21.717  1.00 20.12 ? 106 VAL A O    1 
ATOM   838  C CB   . VAL A 1 127 ? 2.129   5.390   19.294  1.00 16.69 ? 106 VAL A CB   1 
ATOM   839  C CG1  . VAL A 1 127 ? 2.771   6.232   18.199  1.00 24.25 ? 106 VAL A CG1  1 
ATOM   840  C CG2  . VAL A 1 127 ? 1.807   3.994   18.789  1.00 19.42 ? 106 VAL A CG2  1 
ATOM   841  N N    . LYS A 1 128 ? 1.426   4.894   22.281  1.00 18.08 ? 107 LYS A N    1 
ATOM   842  C CA   . LYS A 1 128 ? 0.716   4.129   23.304  1.00 20.84 ? 107 LYS A CA   1 
ATOM   843  C C    . LYS A 1 128 ? -0.147  3.028   22.702  1.00 20.51 ? 107 LYS A C    1 
ATOM   844  O O    . LYS A 1 128 ? -0.129  1.887   23.161  1.00 20.51 ? 107 LYS A O    1 
ATOM   845  C CB   . LYS A 1 128 ? -0.168  5.079   24.126  1.00 21.82 ? 107 LYS A CB   1 
ATOM   846  C CG   . LYS A 1 128 ? -1.139  4.395   25.090  1.00 28.90 ? 107 LYS A CG   1 
ATOM   847  C CD   . LYS A 1 128 ? -1.985  5.427   25.834  1.00 31.78 ? 107 LYS A CD   1 
ATOM   848  C CE   . LYS A 1 128 ? -2.839  4.777   26.918  1.00 35.23 ? 107 LYS A CE   1 
ATOM   849  N NZ   . LYS A 1 128 ? -3.665  5.782   27.648  1.00 40.83 ? 107 LYS A NZ   1 
ATOM   850  N N    . THR A 1 129 ? -0.910  3.378   21.674  1.00 16.60 ? 108 THR A N    1 
ATOM   851  C CA   . THR A 1 129 ? -1.895  2.466   21.109  1.00 16.21 ? 108 THR A CA   1 
ATOM   852  C C    . THR A 1 129 ? -1.510  2.042   19.697  1.00 17.04 ? 108 THR A C    1 
ATOM   853  O O    . THR A 1 129 ? -1.525  2.852   18.767  1.00 16.66 ? 108 THR A O    1 
ATOM   854  C CB   . THR A 1 129 ? -3.293  3.112   21.087  1.00 20.67 ? 108 THR A CB   1 
ATOM   855  O OG1  . THR A 1 129 ? -3.684  3.438   22.428  1.00 20.99 ? 108 THR A OG1  1 
ATOM   856  C CG2  . THR A 1 129 ? -4.316  2.164   20.487  1.00 17.38 ? 108 THR A CG2  1 
ATOM   857  N N    . CYS A 1 130 ? -1.160  0.770   19.543  1.00 14.09 ? 109 CYS A N    1 
ATOM   858  C CA   . CYS A 1 130 ? -0.905  0.221   18.220  1.00 14.76 ? 109 CYS A CA   1 
ATOM   859  C C    . CYS A 1 130 ? -1.890  -0.899  17.933  1.00 15.90 ? 109 CYS A C    1 
ATOM   860  O O    . CYS A 1 130 ? -1.627  -2.064  18.239  1.00 17.78 ? 109 CYS A O    1 
ATOM   861  C CB   . CYS A 1 130 ? 0.529   -0.298  18.099  1.00 15.22 ? 109 CYS A CB   1 
ATOM   862  S SG   . CYS A 1 130 ? 0.984   -0.727  16.389  1.00 17.13 ? 109 CYS A SG   1 
ATOM   863  N N    . LYS A 1 131 ? -3.035  -0.544  17.360  1.00 14.70 ? 110 LYS A N    1 
ATOM   864  C CA   . LYS A 1 131 ? -4.025  -1.542  16.989  1.00 14.53 ? 110 LYS A CA   1 
ATOM   865  C C    . LYS A 1 131 ? -3.525  -2.317  15.780  1.00 15.76 ? 110 LYS A C    1 
ATOM   866  O O    . LYS A 1 131 ? -3.774  -3.515  15.644  1.00 17.68 ? 110 LYS A O    1 
ATOM   867  C CB   . LYS A 1 131 ? -5.372  -0.889  16.663  1.00 14.29 ? 110 LYS A CB   1 
ATOM   868  C CG   . LYS A 1 131 ? -6.435  -1.897  16.247  1.00 16.07 ? 110 LYS A CG   1 
ATOM   869  C CD   . LYS A 1 131 ? -7.795  -1.246  16.046  1.00 15.77 ? 110 LYS A CD   1 
ATOM   870  C CE   . LYS A 1 131 ? -7.815  -0.352  14.815  1.00 14.49 ? 110 LYS A CE   1 
ATOM   871  N NZ   . LYS A 1 131 ? -9.201  0.132   14.528  1.00 20.40 ? 110 LYS A NZ   1 
ATOM   872  N N    . ALA A 1 132 ? -2.805  -1.618  14.909  1.00 13.15 ? 111 ALA A N    1 
ATOM   873  C CA   . ALA A 1 132 ? -2.434  -2.159  13.607  1.00 14.59 ? 111 ALA A CA   1 
ATOM   874  C C    . ALA A 1 132 ? -1.514  -3.378  13.684  1.00 13.07 ? 111 ALA A C    1 
ATOM   875  O O    . ALA A 1 132 ? -0.547  -3.392  14.446  1.00 15.14 ? 111 ALA A O    1 
ATOM   876  C CB   . ALA A 1 132 ? -1.780  -1.064  12.759  1.00 14.61 ? 111 ALA A CB   1 
ATOM   877  N N    . LYS A 1 133 ? -1.838  -4.398  12.893  1.00 14.42 ? 112 LYS A N    1 
ATOM   878  C CA   . LYS A 1 133 ? -0.887  -5.444  12.557  1.00 14.97 ? 112 LYS A CA   1 
ATOM   879  C C    . LYS A 1 133 ? -0.031  -4.936  11.396  1.00 11.90 ? 112 LYS A C    1 
ATOM   880  O O    . LYS A 1 133 ? -0.562  -4.592  10.334  1.00 13.89 ? 112 LYS A O    1 
ATOM   881  C CB   . LYS A 1 133 ? -1.617  -6.718  12.136  1.00 15.90 ? 112 LYS A CB   1 
ATOM   882  C CG   . LYS A 1 133 ? -2.139  -7.559  13.289  1.00 29.48 ? 112 LYS A CG   1 
ATOM   883  C CD   . LYS A 1 133 ? -3.637  -7.401  13.452  1.00 40.32 ? 112 LYS A CD   1 
ATOM   884  C CE   . LYS A 1 133 ? -4.207  -8.480  14.367  1.00 38.28 ? 112 LYS A CE   1 
ATOM   885  N NZ   . LYS A 1 133 ? -5.647  -8.247  14.655  1.00 42.88 ? 112 LYS A NZ   1 
ATOM   886  N N    . ILE A 1 134 ? 1.280   -4.894  11.612  1.00 13.32 ? 113 ILE A N    1 
ATOM   887  C CA   . ILE A 1 134 ? 2.241   -4.374  10.636  1.00 12.09 ? 113 ILE A CA   1 
ATOM   888  C C    . ILE A 1 134 ? 2.948   -5.529  9.930   1.00 15.48 ? 113 ILE A C    1 
ATOM   889  O O    . ILE A 1 134 ? 3.613   -6.352  10.575  1.00 14.81 ? 113 ILE A O    1 
ATOM   890  C CB   . ILE A 1 134 ? 3.262   -3.448  11.319  1.00 12.14 ? 113 ILE A CB   1 
ATOM   891  C CG1  . ILE A 1 134 ? 2.540   -2.342  12.087  1.00 15.25 ? 113 ILE A CG1  1 
ATOM   892  C CG2  . ILE A 1 134 ? 4.230   -2.850  10.295  1.00 14.32 ? 113 ILE A CG2  1 
ATOM   893  C CD1  . ILE A 1 134 ? 3.423   -1.534  13.011  1.00 16.05 ? 113 ILE A CD1  1 
ATOM   894  N N    . GLU A 1 135 ? 2.793   -5.596  8.608   1.00 12.18 ? 114 GLU A N    1 
ATOM   895  C CA   . GLU A 1 135 ? 3.307   -6.716  7.819   1.00 13.13 ? 114 GLU A CA   1 
ATOM   896  C C    . GLU A 1 135 ? 3.758   -6.285  6.446   1.00 12.72 ? 114 GLU A C    1 
ATOM   897  O O    . GLU A 1 135 ? 3.327   -5.250  5.939   1.00 12.44 ? 114 GLU A O    1 
ATOM   898  C CB   . GLU A 1 135 ? 2.214   -7.741  7.533   1.00 17.48 ? 114 GLU A CB   1 
ATOM   899  C CG   . GLU A 1 135 ? 1.348   -8.190  8.658   1.00 22.40 ? 114 GLU A CG   1 
ATOM   900  C CD   . GLU A 1 135 ? 0.364   -9.223  8.150   1.00 24.21 ? 114 GLU A CD   1 
ATOM   901  O OE1  . GLU A 1 135 ? -0.796  -8.864  7.872   1.00 17.60 ? 114 GLU A OE1  1 
ATOM   902  O OE2  . GLU A 1 135 ? 0.781   -10.387 7.974   1.00 26.45 ? 114 GLU A OE2  1 
ATOM   903  N N    . LEU A 1 136 ? 4.598   -7.105  5.822   1.00 11.79 ? 115 LEU A N    1 
ATOM   904  C CA   . LEU A 1 136 ? 4.859   -6.966  4.396   1.00 10.79 ? 115 LEU A CA   1 
ATOM   905  C C    . LEU A 1 136 ? 3.637   -7.381  3.583   1.00 13.21 ? 115 LEU A C    1 
ATOM   906  O O    . LEU A 1 136 ? 3.074   -8.464  3.784   1.00 12.08 ? 115 LEU A O    1 
ATOM   907  C CB   . LEU A 1 136 ? 6.057   -7.825  3.976   1.00 11.71 ? 115 LEU A CB   1 
ATOM   908  C CG   . LEU A 1 136 ? 7.426   -7.426  4.518   1.00 12.54 ? 115 LEU A CG   1 
ATOM   909  C CD1  . LEU A 1 136 ? 8.446   -8.525  4.215   1.00 16.91 ? 115 LEU A CD1  1 
ATOM   910  C CD2  . LEU A 1 136 ? 7.891   -6.112  3.940   1.00 13.71 ? 115 LEU A CD2  1 
ATOM   911  N N    . LEU A 1 137 ? 3.239   -6.546  2.632   1.00 10.82 ? 116 LEU A N    1 
ATOM   912  C CA   . LEU A 1 137 ? 2.154   -6.914  1.740   1.00 10.53 ? 116 LEU A CA   1 
ATOM   913  C C    . LEU A 1 137 ? 2.501   -8.220  1.026   1.00 12.58 ? 116 LEU A C    1 
ATOM   914  O O    . LEU A 1 137 ? 1.634   -9.093  0.826   1.00 11.89 ? 116 LEU A O    1 
ATOM   915  C CB   . LEU A 1 137 ? 1.893   -5.784  0.733   1.00 9.56  ? 116 LEU A CB   1 
ATOM   916  C CG   . LEU A 1 137 ? 0.826   -6.042  -0.336  1.00 10.18 ? 116 LEU A CG   1 
ATOM   917  C CD1  . LEU A 1 137 ? -0.494  -6.436  0.314   1.00 10.94 ? 116 LEU A CD1  1 
ATOM   918  C CD2  . LEU A 1 137 ? 0.650   -4.831  -1.261  1.00 10.72 ? 116 LEU A CD2  1 
ATOM   919  N N    . GLY A 1 138 ? 3.774   -8.357  0.668   1.00 11.61 ? 117 GLY A N    1 
ATOM   920  C CA   . GLY A 1 138 ? 4.258   -9.522  -0.057  1.00 13.19 ? 117 GLY A CA   1 
ATOM   921  C C    . GLY A 1 138 ? 4.161   -10.827 0.714   1.00 15.98 ? 117 GLY A C    1 
ATOM   922  O O    . GLY A 1 138 ? 4.265   -11.896 0.118   1.00 16.76 ? 117 GLY A O    1 
ATOM   923  N N    . SER A 1 139 ? 3.952   -10.756 2.025   1.00 14.00 ? 118 SER A N    1 
ATOM   924  C CA   . SER A 1 139 ? 3.763   -11.979 2.813   1.00 14.83 ? 118 SER A CA   1 
ATOM   925  C C    . SER A 1 139 ? 2.463   -12.694 2.425   1.00 16.70 ? 118 SER A C    1 
ATOM   926  O O    . SER A 1 139 ? 2.245   -13.857 2.787   1.00 18.25 ? 118 SER A O    1 
ATOM   927  C CB   . SER A 1 139 ? 3.806   -11.692 4.319   1.00 15.87 ? 118 SER A CB   1 
ATOM   928  O OG   . SER A 1 139 ? 2.648   -11.007 4.751   1.00 15.42 ? 118 SER A OG   1 
ATOM   929  N N    . TYR A 1 140 ? 1.602   -11.999 1.682   1.00 14.19 ? 119 TYR A N    1 
ATOM   930  C CA   . TYR A 1 140 ? 0.346   -12.577 1.200   1.00 13.63 ? 119 TYR A CA   1 
ATOM   931  C C    . TYR A 1 140 ? 0.441   -13.214 -0.191  1.00 15.57 ? 119 TYR A C    1 
ATOM   932  O O    . TYR A 1 140 ? -0.514  -13.848 -0.659  1.00 17.34 ? 119 TYR A O    1 
ATOM   933  C CB   . TYR A 1 140 ? -0.754  -11.511 1.196   1.00 12.65 ? 119 TYR A CB   1 
ATOM   934  C CG   . TYR A 1 140 ? -1.222  -11.156 2.585   1.00 13.95 ? 119 TYR A CG   1 
ATOM   935  C CD1  . TYR A 1 140 ? -0.670  -10.084 3.276   1.00 13.72 ? 119 TYR A CD1  1 
ATOM   936  C CD2  . TYR A 1 140 ? -2.214  -11.907 3.215   1.00 13.76 ? 119 TYR A CD2  1 
ATOM   937  C CE1  . TYR A 1 140 ? -1.104  -9.764  4.556   1.00 12.45 ? 119 TYR A CE1  1 
ATOM   938  C CE2  . TYR A 1 140 ? -2.646  -11.604 4.483   1.00 15.36 ? 119 TYR A CE2  1 
ATOM   939  C CZ   . TYR A 1 140 ? -2.095  -10.534 5.152   1.00 14.32 ? 119 TYR A CZ   1 
ATOM   940  O OH   . TYR A 1 140 ? -2.536  -10.240 6.418   1.00 15.90 ? 119 TYR A OH   1 
ATOM   941  N N    . ASP A 1 141 ? 1.579   -13.041 -0.854  1.00 14.10 ? 120 ASP A N    1 
ATOM   942  C CA   . ASP A 1 141 ? 1.725   -13.503 -2.234  1.00 14.98 ? 120 ASP A CA   1 
ATOM   943  C C    . ASP A 1 141 ? 1.744   -15.029 -2.321  1.00 17.90 ? 120 ASP A C    1 
ATOM   944  O O    . ASP A 1 141 ? 2.643   -15.667 -1.776  1.00 19.93 ? 120 ASP A O    1 
ATOM   945  C CB   . ASP A 1 141 ? 3.006   -12.935 -2.847  1.00 15.72 ? 120 ASP A CB   1 
ATOM   946  C CG   . ASP A 1 141 ? 3.135   -13.243 -4.324  1.00 15.96 ? 120 ASP A CG   1 
ATOM   947  O OD1  . ASP A 1 141 ? 2.165   -13.748 -4.927  1.00 17.32 ? 120 ASP A OD1  1 
ATOM   948  O OD2  . ASP A 1 141 ? 4.206   -12.947 -4.892  1.00 17.29 ? 120 ASP A OD2  1 
ATOM   949  N N    . PRO A 1 142 ? 0.757   -15.620 -3.012  1.00 17.98 ? 121 PRO A N    1 
ATOM   950  C CA   . PRO A 1 142 ? 0.829   -17.080 -3.189  1.00 21.02 ? 121 PRO A CA   1 
ATOM   951  C C    . PRO A 1 142 ? 2.110   -17.501 -3.912  1.00 26.56 ? 121 PRO A C    1 
ATOM   952  O O    . PRO A 1 142 ? 2.595   -18.616 -3.695  1.00 27.83 ? 121 PRO A O    1 
ATOM   953  C CB   . PRO A 1 142 ? -0.388  -17.387 -4.062  1.00 23.69 ? 121 PRO A CB   1 
ATOM   954  C CG   . PRO A 1 142 ? -1.335  -16.254 -3.814  1.00 29.78 ? 121 PRO A CG   1 
ATOM   955  C CD   . PRO A 1 142 ? -0.468  -15.045 -3.591  1.00 20.95 ? 121 PRO A CD   1 
ATOM   956  N N    . GLN A 1 143 ? 2.641   -16.624 -4.764  1.00 21.08 ? 122 GLN A N    1 
ATOM   957  C CA   . GLN A 1 143 ? 3.876   -16.900 -5.501  1.00 21.27 ? 122 GLN A CA   1 
ATOM   958  C C    . GLN A 1 143 ? 5.147   -16.576 -4.713  1.00 24.37 ? 122 GLN A C    1 
ATOM   959  O O    . GLN A 1 143 ? 6.256   -16.743 -5.218  1.00 24.17 ? 122 GLN A O    1 
ATOM   960  C CB   . GLN A 1 143 ? 3.882   -16.172 -6.848  1.00 20.81 ? 122 GLN A CB   1 
ATOM   961  C CG   . GLN A 1 143 ? 2.701   -16.526 -7.733  1.00 24.05 ? 122 GLN A CG   1 
ATOM   962  C CD   . GLN A 1 143 ? 2.789   -15.900 -9.106  1.00 26.49 ? 122 GLN A CD   1 
ATOM   963  O OE1  . GLN A 1 143 ? 3.848   -15.429 -9.521  1.00 30.80 ? 122 GLN A OE1  1 
ATOM   964  N NE2  . GLN A 1 143 ? 1.667   -15.883 -9.822  1.00 31.91 ? 122 GLN A NE2  1 
ATOM   965  N N    . LYS A 1 144 ? 4.980   -16.096 -3.487  1.00 21.96 ? 123 LYS A N    1 
ATOM   966  C CA   . LYS A 1 144 ? 6.091   -15.946 -2.551  1.00 19.25 ? 123 LYS A CA   1 
ATOM   967  C C    . LYS A 1 144 ? 7.150   -14.916 -2.958  1.00 24.74 ? 123 LYS A C    1 
ATOM   968  O O    . LYS A 1 144 ? 8.311   -15.038 -2.568  1.00 25.40 ? 123 LYS A O    1 
ATOM   969  C CB   . LYS A 1 144 ? 6.766   -17.303 -2.316  1.00 24.54 ? 123 LYS A CB   1 
ATOM   970  C CG   . LYS A 1 144 ? 5.815   -18.390 -1.870  1.00 28.88 ? 123 LYS A CG   1 
ATOM   971  C CD   . LYS A 1 144 ? 5.169   -18.042 -0.540  1.00 30.62 ? 123 LYS A CD   1 
ATOM   972  C CE   . LYS A 1 144 ? 4.234   -19.146 -0.068  1.00 47.06 ? 123 LYS A CE   1 
ATOM   973  N NZ   . LYS A 1 144 ? 3.590   -18.802 1.232   1.00 44.77 ? 123 LYS A NZ   1 
ATOM   974  N N    . GLN A 1 145 ? 6.762   -13.911 -3.740  1.00 22.06 ? 124 GLN A N    1 
ATOM   975  C CA   . GLN A 1 145 ? 7.665   -12.801 -4.049  1.00 20.87 ? 124 GLN A CA   1 
ATOM   976  C C    . GLN A 1 145 ? 7.563   -11.774 -2.924  1.00 20.45 ? 124 GLN A C    1 
ATOM   977  O O    . GLN A 1 145 ? 6.807   -10.804 -3.014  1.00 22.52 ? 124 GLN A O    1 
ATOM   978  C CB   . GLN A 1 145 ? 7.315   -12.178 -5.397  1.00 22.89 ? 124 GLN A CB   1 
ATOM   979  C CG   . GLN A 1 145 ? 7.412   -13.155 -6.557  1.00 28.53 ? 124 GLN A CG   1 
ATOM   980  C CD   . GLN A 1 145 ? 8.777   -13.819 -6.636  1.00 41.77 ? 124 GLN A CD   1 
ATOM   981  O OE1  . GLN A 1 145 ? 9.788   -13.155 -6.878  1.00 39.99 ? 124 GLN A OE1  1 
ATOM   982  N NE2  . GLN A 1 145 ? 8.815   -15.133 -6.418  1.00 35.14 ? 124 GLN A NE2  1 
ATOM   983  N N    . LEU A 1 146 ? 8.324   -12.001 -1.861  1.00 17.16 ? 125 LEU A N    1 
ATOM   984  C CA   . LEU A 1 146 ? 8.094   -11.330 -0.591  1.00 16.30 ? 125 LEU A CA   1 
ATOM   985  C C    . LEU A 1 146 ? 8.224   -9.806  -0.659  1.00 15.06 ? 125 LEU A C    1 
ATOM   986  O O    . LEU A 1 146 ? 7.477   -9.087  0.013   1.00 16.76 ? 125 LEU A O    1 
ATOM   987  C CB   . LEU A 1 146 ? 9.024   -11.904 0.488   1.00 18.27 ? 125 LEU A CB   1 
ATOM   988  C CG   . LEU A 1 146 ? 8.837   -11.382 1.912   1.00 22.62 ? 125 LEU A CG   1 
ATOM   989  C CD1  . LEU A 1 146 ? 7.473   -11.784 2.465   1.00 24.21 ? 125 LEU A CD1  1 
ATOM   990  C CD2  . LEU A 1 146 ? 9.960   -11.878 2.827   1.00 23.39 ? 125 LEU A CD2  1 
ATOM   991  N N    . ILE A 1 147 ? 9.163   -9.318  -1.461  1.00 14.82 ? 126 ILE A N    1 
ATOM   992  C CA   . ILE A 1 147 ? 9.473   -7.893  -1.468  1.00 11.84 ? 126 ILE A CA   1 
ATOM   993  C C    . ILE A 1 147 ? 8.916   -7.198  -2.701  1.00 13.60 ? 126 ILE A C    1 
ATOM   994  O O    . ILE A 1 147 ? 9.094   -7.664  -3.828  1.00 14.43 ? 126 ILE A O    1 
ATOM   995  C CB   . ILE A 1 147 ? 10.991  -7.651  -1.386  1.00 14.30 ? 126 ILE A CB   1 
ATOM   996  C CG1  . ILE A 1 147 ? 11.576  -8.373  -0.168  1.00 16.21 ? 126 ILE A CG1  1 
ATOM   997  C CG2  . ILE A 1 147 ? 11.276  -6.166  -1.302  1.00 14.78 ? 126 ILE A CG2  1 
ATOM   998  C CD1  . ILE A 1 147 ? 10.973  -7.923  1.157   1.00 15.65 ? 126 ILE A CD1  1 
ATOM   999  N N    . ILE A 1 148 ? 8.228   -6.082  -2.481  1.00 11.35 ? 127 ILE A N    1 
ATOM   1000 C CA   . ILE A 1 148 ? 7.770   -5.254  -3.583  1.00 10.35 ? 127 ILE A CA   1 
ATOM   1001 C C    . ILE A 1 148 ? 8.774   -4.112  -3.726  1.00 12.30 ? 127 ILE A C    1 
ATOM   1002 O O    . ILE A 1 148 ? 8.743   -3.130  -2.974  1.00 12.09 ? 127 ILE A O    1 
ATOM   1003 C CB   . ILE A 1 148 ? 6.318   -4.774  -3.355  1.00 10.53 ? 127 ILE A CB   1 
ATOM   1004 C CG1  . ILE A 1 148 ? 5.389   -5.991  -3.264  1.00 12.82 ? 127 ILE A CG1  1 
ATOM   1005 C CG2  . ILE A 1 148 ? 5.875   -3.863  -4.475  1.00 12.83 ? 127 ILE A CG2  1 
ATOM   1006 C CD1  . ILE A 1 148 ? 3.984   -5.669  -2.770  1.00 11.84 ? 127 ILE A CD1  1 
ATOM   1007 N N    . GLU A 1 149 ? 9.690   -4.278  -4.681  1.00 11.88 ? 128 GLU A N    1 
ATOM   1008 C CA   . GLU A 1 149 ? 10.856  -3.407  -4.806  1.00 14.69 ? 128 GLU A CA   1 
ATOM   1009 C C    . GLU A 1 149 ? 10.515  -2.022  -5.359  1.00 11.73 ? 128 GLU A C    1 
ATOM   1010 O O    . GLU A 1 149 ? 9.659   -1.886  -6.222  1.00 12.89 ? 128 GLU A O    1 
ATOM   1011 C CB   . GLU A 1 149 ? 11.910  -4.081  -5.694  1.00 13.43 ? 128 GLU A CB   1 
ATOM   1012 C CG   . GLU A 1 149 ? 12.404  -5.423  -5.163  1.00 17.74 ? 128 GLU A CG   1 
ATOM   1013 C CD   . GLU A 1 149 ? 13.731  -5.302  -4.445  1.00 40.92 ? 128 GLU A CD   1 
ATOM   1014 O OE1  . GLU A 1 149 ? 14.756  -5.705  -5.034  1.00 55.38 ? 128 GLU A OE1  1 
ATOM   1015 O OE2  . GLU A 1 149 ? 13.750  -4.798  -3.301  1.00 44.03 ? 128 GLU A OE2  1 
ATOM   1016 N N    . ASP A 1 150 ? 11.207  -1.004  -4.862  1.00 11.62 ? 129 ASP A N    1 
ATOM   1017 C CA   . ASP A 1 150 ? 11.026  0.372   -5.329  1.00 12.52 ? 129 ASP A CA   1 
ATOM   1018 C C    . ASP A 1 150 ? 11.430  0.477   -6.801  1.00 12.50 ? 129 ASP A C    1 
ATOM   1019 O O    . ASP A 1 150 ? 12.610  0.289   -7.133  1.00 12.61 ? 129 ASP A O    1 
ATOM   1020 C CB   . ASP A 1 150 ? 11.902  1.289   -4.468  1.00 10.74 ? 129 ASP A CB   1 
ATOM   1021 C CG   . ASP A 1 150 ? 11.743  2.754   -4.804  1.00 11.42 ? 129 ASP A CG   1 
ATOM   1022 O OD1  . ASP A 1 150 ? 11.081  3.066   -5.814  1.00 11.63 ? 129 ASP A OD1  1 
ATOM   1023 O OD2  . ASP A 1 150 ? 12.305  3.593   -4.063  1.00 13.05 ? 129 ASP A OD2  1 
ATOM   1024 N N    . PRO A 1 151 ? 10.467  0.768   -7.698  1.00 10.76 ? 130 PRO A N    1 
ATOM   1025 C CA   . PRO A 1 151 ? 10.771  0.860   -9.136  1.00 10.80 ? 130 PRO A CA   1 
ATOM   1026 C C    . PRO A 1 151 ? 11.288  2.232   -9.592  1.00 9.94  ? 130 PRO A C    1 
ATOM   1027 O O    . PRO A 1 151 ? 11.395  2.440   -10.815 1.00 12.19 ? 130 PRO A O    1 
ATOM   1028 C CB   . PRO A 1 151 ? 9.423   0.577   -9.794  1.00 11.71 ? 130 PRO A CB   1 
ATOM   1029 C CG   . PRO A 1 151 ? 8.416   1.171   -8.807  1.00 12.65 ? 130 PRO A CG   1 
ATOM   1030 C CD   . PRO A 1 151 ? 9.024   0.939   -7.421  1.00 10.41 ? 130 PRO A CD   1 
ATOM   1031 N N    . TYR A 1 152 ? 11.592  3.146   -8.667  1.00 10.61 ? 131 TYR A N    1 
ATOM   1032 C CA   . TYR A 1 152 ? 11.989  4.507   -9.049  1.00 10.32 ? 131 TYR A CA   1 
ATOM   1033 C C    . TYR A 1 152 ? 13.098  4.540   -10.101 1.00 12.79 ? 131 TYR A C    1 
ATOM   1034 O O    . TYR A 1 152 ? 13.015  5.282   -11.083 1.00 12.47 ? 131 TYR A O    1 
ATOM   1035 C CB   . TYR A 1 152 ? 12.392  5.365   -7.838  1.00 12.06 ? 131 TYR A CB   1 
ATOM   1036 C CG   . TYR A 1 152 ? 12.605  6.814   -8.228  1.00 11.38 ? 131 TYR A CG   1 
ATOM   1037 C CD1  . TYR A 1 152 ? 11.527  7.675   -8.342  1.00 12.13 ? 131 TYR A CD1  1 
ATOM   1038 C CD2  . TYR A 1 152 ? 13.868  7.298   -8.533  1.00 12.72 ? 131 TYR A CD2  1 
ATOM   1039 C CE1  . TYR A 1 152 ? 11.697  9.000   -8.721  1.00 14.18 ? 131 TYR A CE1  1 
ATOM   1040 C CE2  . TYR A 1 152 ? 14.050  8.623   -8.915  1.00 13.18 ? 131 TYR A CE2  1 
ATOM   1041 C CZ   . TYR A 1 152 ? 12.958  9.457   -9.013  1.00 14.30 ? 131 TYR A CZ   1 
ATOM   1042 O OH   . TYR A 1 152 ? 13.145  10.764  -9.397  1.00 16.49 ? 131 TYR A OH   1 
ATOM   1043 N N    . TYR A 1 153 ? 14.141  3.741   -9.895  1.00 12.34 ? 132 TYR A N    1 
ATOM   1044 C CA   . TYR A 1 153 ? 15.272  3.734   -10.823 1.00 12.91 ? 132 TYR A CA   1 
ATOM   1045 C C    . TYR A 1 153 ? 15.172  2.602   -11.835 1.00 16.57 ? 132 TYR A C    1 
ATOM   1046 O O    . TYR A 1 153 ? 16.160  2.237   -12.467 1.00 20.18 ? 132 TYR A O    1 
ATOM   1047 C CB   . TYR A 1 153 ? 16.614  3.696   -10.059 1.00 12.45 ? 132 TYR A CB   1 
ATOM   1048 C CG   . TYR A 1 153 ? 16.918  5.014   -9.362  1.00 13.55 ? 132 TYR A CG   1 
ATOM   1049 C CD1  . TYR A 1 153 ? 17.321  6.129   -10.094 1.00 14.69 ? 132 TYR A CD1  1 
ATOM   1050 C CD2  . TYR A 1 153 ? 16.782  5.152   -7.983  1.00 14.08 ? 132 TYR A CD2  1 
ATOM   1051 C CE1  . TYR A 1 153 ? 17.583  7.341   -9.472  1.00 14.60 ? 132 TYR A CE1  1 
ATOM   1052 C CE2  . TYR A 1 153 ? 17.038  6.360   -7.353  1.00 14.60 ? 132 TYR A CE2  1 
ATOM   1053 C CZ   . TYR A 1 153 ? 17.436  7.450   -8.105  1.00 15.80 ? 132 TYR A CZ   1 
ATOM   1054 O OH   . TYR A 1 153 ? 17.700  8.658   -7.492  1.00 17.59 ? 132 TYR A OH   1 
ATOM   1055 N N    . GLY A 1 154 ? 13.965  2.064   -11.997 1.00 13.77 ? 133 GLY A N    1 
ATOM   1056 C CA   . GLY A 1 154 ? 13.735  0.941   -12.887 1.00 16.91 ? 133 GLY A CA   1 
ATOM   1057 C C    . GLY A 1 154 ? 13.060  1.335   -14.187 1.00 18.45 ? 133 GLY A C    1 
ATOM   1058 O O    . GLY A 1 154 ? 13.001  2.521   -14.541 1.00 18.66 ? 133 GLY A O    1 
ATOM   1059 N N    . ASN A 1 155 ? 12.553  0.332   -14.898 1.00 15.41 ? 134 ASN A N    1 
ATOM   1060 C CA   . ASN A 1 155 ? 11.900  0.548   -16.183 1.00 18.36 ? 134 ASN A CA   1 
ATOM   1061 C C    . ASN A 1 155 ? 10.433  0.146   -16.156 1.00 20.14 ? 134 ASN A C    1 
ATOM   1062 O O    . ASN A 1 155 ? 9.906   -0.248  -15.104 1.00 15.76 ? 134 ASN A O    1 
ATOM   1063 C CB   . ASN A 1 155 ? 12.643  -0.196  -17.304 1.00 20.04 ? 134 ASN A CB   1 
ATOM   1064 C CG   . ASN A 1 155 ? 12.702  -1.697  -17.073 1.00 26.58 ? 134 ASN A CG   1 
ATOM   1065 O OD1  . ASN A 1 155 ? 11.792  -2.290  -16.486 1.00 23.57 ? 134 ASN A OD1  1 
ATOM   1066 N ND2  . ASN A 1 155 ? 13.782  -2.322  -17.536 1.00 32.88 ? 134 ASN A ND2  1 
ATOM   1067 N N    . ASP A 1 156 ? 9.770   0.254   -17.305 1.00 20.53 ? 135 ASP A N    1 
ATOM   1068 C CA   . ASP A 1 156 ? 8.344   -0.049  -17.400 1.00 18.69 ? 135 ASP A CA   1 
ATOM   1069 C C    . ASP A 1 156 ? 8.000   -1.400  -16.797 1.00 17.96 ? 135 ASP A C    1 
ATOM   1070 O O    . ASP A 1 156 ? 6.988   -1.539  -16.111 1.00 18.71 ? 135 ASP A O    1 
ATOM   1071 C CB   . ASP A 1 156 ? 7.877   -0.018  -18.858 1.00 26.44 ? 135 ASP A CB   1 
ATOM   1072 C CG   . ASP A 1 156 ? 7.837   1.383   -19.428 1.00 41.06 ? 135 ASP A CG   1 
ATOM   1073 O OD1  . ASP A 1 156 ? 7.710   2.343   -18.637 1.00 40.20 ? 135 ASP A OD1  1 
ATOM   1074 O OD2  . ASP A 1 156 ? 7.920   1.522   -20.668 1.00 50.43 ? 135 ASP A OD2  1 
ATOM   1075 N N    . SER A 1 157 ? 8.834   -2.396  -17.075 1.00 17.47 ? 136 SER A N    1 
ATOM   1076 C CA   . SER A 1 157 ? 8.570   -3.755  -16.628 1.00 18.23 ? 136 SER A CA   1 
ATOM   1077 C C    . SER A 1 157 ? 8.578   -3.850  -15.100 1.00 17.14 ? 136 SER A C    1 
ATOM   1078 O O    . SER A 1 157 ? 7.870   -4.672  -14.521 1.00 17.36 ? 136 SER A O    1 
ATOM   1079 C CB   . SER A 1 157 ? 9.573   -4.745  -17.242 1.00 22.06 ? 136 SER A CB   1 
ATOM   1080 O OG   . SER A 1 157 ? 10.873  -4.590  -16.689 1.00 24.65 ? 136 SER A OG   1 
ATOM   1081 N N    . ASP A 1 158 ? 9.374   -3.005  -14.451 1.00 15.71 ? 137 ASP A N    1 
ATOM   1082 C CA   . ASP A 1 158 ? 9.425   -2.989  -12.991 1.00 15.00 ? 137 ASP A CA   1 
ATOM   1083 C C    . ASP A 1 158 ? 8.118   -2.474  -12.377 1.00 14.07 ? 137 ASP A C    1 
ATOM   1084 O O    . ASP A 1 158 ? 7.645   -3.007  -11.368 1.00 14.78 ? 137 ASP A O    1 
ATOM   1085 C CB   . ASP A 1 158 ? 10.624  -2.177  -12.517 1.00 15.26 ? 137 ASP A CB   1 
ATOM   1086 C CG   . ASP A 1 158 ? 11.949  -2.798  -12.946 1.00 20.50 ? 137 ASP A CG   1 
ATOM   1087 O OD1  . ASP A 1 158 ? 12.113  -4.034  -12.816 1.00 17.68 ? 137 ASP A OD1  1 
ATOM   1088 O OD2  . ASP A 1 158 ? 12.830  -2.052  -13.421 1.00 21.60 ? 137 ASP A OD2  1 
ATOM   1089 N N    . PHE A 1 159 ? 7.531   -1.456  -13.000 1.00 14.80 ? 138 PHE A N    1 
ATOM   1090 C CA   . PHE A 1 159 ? 6.212   -0.975  -12.590 1.00 13.76 ? 138 PHE A CA   1 
ATOM   1091 C C    . PHE A 1 159 ? 5.138   -2.053  -12.802 1.00 15.53 ? 138 PHE A C    1 
ATOM   1092 O O    . PHE A 1 159 ? 4.270   -2.267  -11.942 1.00 14.02 ? 138 PHE A O    1 
ATOM   1093 C CB   . PHE A 1 159 ? 5.846   0.321   -13.323 1.00 13.30 ? 138 PHE A CB   1 
ATOM   1094 C CG   . PHE A 1 159 ? 6.675   1.511   -12.892 1.00 12.12 ? 138 PHE A CG   1 
ATOM   1095 C CD1  . PHE A 1 159 ? 7.955   1.708   -13.402 1.00 13.81 ? 138 PHE A CD1  1 
ATOM   1096 C CD2  . PHE A 1 159 ? 6.188   2.409   -11.948 1.00 13.37 ? 138 PHE A CD2  1 
ATOM   1097 C CE1  . PHE A 1 159 ? 8.725   2.793   -12.988 1.00 13.40 ? 138 PHE A CE1  1 
ATOM   1098 C CE2  . PHE A 1 159 ? 6.959   3.497   -11.538 1.00 11.85 ? 138 PHE A CE2  1 
ATOM   1099 C CZ   . PHE A 1 159 ? 8.224   3.686   -12.055 1.00 11.76 ? 138 PHE A CZ   1 
ATOM   1100 N N    . GLU A 1 160 ? 5.206   -2.744  -13.937 1.00 14.11 ? 139 GLU A N    1 
ATOM   1101 C CA   . GLU A 1 160 ? 4.272   -3.826  -14.217 1.00 14.91 ? 139 GLU A CA   1 
ATOM   1102 C C    . GLU A 1 160 ? 4.372   -4.927  -13.161 1.00 12.71 ? 139 GLU A C    1 
ATOM   1103 O O    . GLU A 1 160 ? 3.358   -5.443  -12.702 1.00 13.33 ? 139 GLU A O    1 
ATOM   1104 C CB   . GLU A 1 160 ? 4.515   -4.390  -15.622 1.00 16.48 ? 139 GLU A CB   1 
ATOM   1105 C CG   . GLU A 1 160 ? 3.647   -5.585  -15.992 1.00 16.56 ? 139 GLU A CG   1 
ATOM   1106 C CD   . GLU A 1 160 ? 2.157   -5.272  -16.080 1.00 18.20 ? 139 GLU A CD   1 
ATOM   1107 O OE1  . GLU A 1 160 ? 1.768   -4.082  -16.105 1.00 18.85 ? 139 GLU A OE1  1 
ATOM   1108 O OE2  . GLU A 1 160 ? 1.364   -6.238  -16.126 1.00 20.74 ? 139 GLU A OE2  1 
ATOM   1109 N N    . THR A 1 161 ? 5.598   -5.271  -12.768 1.00 13.71 ? 140 THR A N    1 
ATOM   1110 C CA   . THR A 1 161 ? 5.804   -6.277  -11.733 1.00 16.11 ? 140 THR A CA   1 
ATOM   1111 C C    . THR A 1 161 ? 5.183   -5.842  -10.404 1.00 16.08 ? 140 THR A C    1 
ATOM   1112 O O    . THR A 1 161 ? 4.502   -6.627  -9.742  1.00 14.82 ? 140 THR A O    1 
ATOM   1113 C CB   . THR A 1 161 ? 7.301   -6.604  -11.573 1.00 17.70 ? 140 THR A CB   1 
ATOM   1114 O OG1  . THR A 1 161 ? 7.770   -7.277  -12.755 1.00 20.01 ? 140 THR A OG1  1 
ATOM   1115 C CG2  . THR A 1 161 ? 7.541   -7.488  -10.363 1.00 17.51 ? 140 THR A CG2  1 
ATOM   1116 N N    . VAL A 1 162 ? 5.408   -4.587  -10.021 1.00 13.92 ? 141 VAL A N    1 
ATOM   1117 C CA   . VAL A 1 162 ? 4.790   -4.045  -8.816  1.00 12.99 ? 141 VAL A CA   1 
ATOM   1118 C C    . VAL A 1 162 ? 3.268   -4.190  -8.883  1.00 12.70 ? 141 VAL A C    1 
ATOM   1119 O O    . VAL A 1 162 ? 2.630   -4.631  -7.931  1.00 12.95 ? 141 VAL A O    1 
ATOM   1120 C CB   . VAL A 1 162 ? 5.189   -2.564  -8.601  1.00 11.56 ? 141 VAL A CB   1 
ATOM   1121 C CG1  . VAL A 1 162 ? 4.277   -1.892  -7.562  1.00 12.79 ? 141 VAL A CG1  1 
ATOM   1122 C CG2  . VAL A 1 162 ? 6.648   -2.476  -8.177  1.00 13.94 ? 141 VAL A CG2  1 
ATOM   1123 N N    . TYR A 1 163 ? 2.692   -3.811  -10.019 1.00 12.39 ? 142 TYR A N    1 
ATOM   1124 C CA   . TYR A 1 163 ? 1.256   -3.935  -10.215 1.00 12.33 ? 142 TYR A CA   1 
ATOM   1125 C C    . TYR A 1 163 ? 0.792   -5.372  -10.005 1.00 13.04 ? 142 TYR A C    1 
ATOM   1126 O O    . TYR A 1 163 ? -0.139  -5.624  -9.240  1.00 13.04 ? 142 TYR A O    1 
ATOM   1127 C CB   . TYR A 1 163 ? 0.846   -3.451  -11.613 1.00 12.52 ? 142 TYR A CB   1 
ATOM   1128 C CG   . TYR A 1 163 ? -0.592  -3.801  -11.917 1.00 13.30 ? 142 TYR A CG   1 
ATOM   1129 C CD1  . TYR A 1 163 ? -1.643  -3.028  -11.415 1.00 14.16 ? 142 TYR A CD1  1 
ATOM   1130 C CD2  . TYR A 1 163 ? -0.905  -4.929  -12.661 1.00 15.59 ? 142 TYR A CD2  1 
ATOM   1131 C CE1  . TYR A 1 163 ? -2.957  -3.362  -11.675 1.00 17.34 ? 142 TYR A CE1  1 
ATOM   1132 C CE2  . TYR A 1 163 ? -2.218  -5.270  -12.926 1.00 15.36 ? 142 TYR A CE2  1 
ATOM   1133 C CZ   . TYR A 1 163 ? -3.235  -4.493  -12.422 1.00 16.44 ? 142 TYR A CZ   1 
ATOM   1134 O OH   . TYR A 1 163 ? -4.538  -4.841  -12.684 1.00 20.60 ? 142 TYR A OH   1 
ATOM   1135 N N    . GLN A 1 164 ? 1.453   -6.317  -10.673 1.00 13.25 ? 143 GLN A N    1 
ATOM   1136 C CA   . GLN A 1 164 ? 1.051   -7.718  -10.571 1.00 14.34 ? 143 GLN A CA   1 
ATOM   1137 C C    . GLN A 1 164 ? 1.169   -8.230  -9.135  1.00 15.64 ? 143 GLN A C    1 
ATOM   1138 O O    . GLN A 1 164 ? 0.289   -8.943  -8.658  1.00 15.22 ? 143 GLN A O    1 
ATOM   1139 C CB   . GLN A 1 164 ? 1.860   -8.587  -11.538 1.00 16.12 ? 143 GLN A CB   1 
ATOM   1140 C CG   . GLN A 1 164 ? 1.576   -8.289  -13.009 1.00 17.43 ? 143 GLN A CG   1 
ATOM   1141 C CD   . GLN A 1 164 ? 0.143   -8.604  -13.418 1.00 19.08 ? 143 GLN A CD   1 
ATOM   1142 O OE1  . GLN A 1 164 ? -0.549  -9.386  -12.760 1.00 20.03 ? 143 GLN A OE1  1 
ATOM   1143 N NE2  . GLN A 1 164 ? -0.313  -7.986  -14.504 1.00 17.62 ? 143 GLN A NE2  1 
ATOM   1144 N N    . GLN A 1 165 ? 2.246   -7.865  -8.443  1.00 13.72 ? 144 GLN A N    1 
ATOM   1145 C CA   . GLN A 1 165 ? 2.385   -8.249  -7.041  1.00 14.32 ? 144 GLN A CA   1 
ATOM   1146 C C    . GLN A 1 165 ? 1.232   -7.714  -6.205  1.00 13.47 ? 144 GLN A C    1 
ATOM   1147 O O    . GLN A 1 165 ? 0.666   -8.431  -5.370  1.00 12.10 ? 144 GLN A O    1 
ATOM   1148 C CB   . GLN A 1 165 ? 3.698   -7.746  -6.459  1.00 13.57 ? 144 GLN A CB   1 
ATOM   1149 C CG   . GLN A 1 165 ? 4.925   -8.460  -6.999  1.00 12.57 ? 144 GLN A CG   1 
ATOM   1150 C CD   . GLN A 1 165 ? 6.203   -7.893  -6.441  1.00 12.71 ? 144 GLN A CD   1 
ATOM   1151 O OE1  . GLN A 1 165 ? 6.648   -6.824  -6.862  1.00 14.73 ? 144 GLN A OE1  1 
ATOM   1152 N NE2  . GLN A 1 165 ? 6.793   -8.586  -5.473  1.00 14.88 ? 144 GLN A NE2  1 
ATOM   1153 N N    . CYS A 1 166 ? 0.882   -6.448  -6.416  1.00 12.77 ? 145 CYS A N    1 
ATOM   1154 C CA   . CYS A 1 166 ? -0.211  -5.849  -5.663  1.00 13.49 ? 145 CYS A CA   1 
ATOM   1155 C C    . CYS A 1 166 ? -1.522  -6.591  -5.906  1.00 12.92 ? 145 CYS A C    1 
ATOM   1156 O O    . CYS A 1 166 ? -2.273  -6.854  -4.970  1.00 14.49 ? 145 CYS A O    1 
ATOM   1157 C CB   . CYS A 1 166 ? -0.364  -4.366  -6.005  1.00 13.23 ? 145 CYS A CB   1 
ATOM   1158 S SG   . CYS A 1 166 ? 0.935   -3.312  -5.296  1.00 13.83 ? 145 CYS A SG   1 
ATOM   1159 N N    . VAL A 1 167 ? -1.793  -6.938  -7.160  1.00 12.93 ? 146 VAL A N    1 
ATOM   1160 C CA   . VAL A 1 167 ? -3.002  -7.695  -7.458  1.00 14.69 ? 146 VAL A CA   1 
ATOM   1161 C C    . VAL A 1 167 ? -3.030  -9.019  -6.682  1.00 14.76 ? 146 VAL A C    1 
ATOM   1162 O O    . VAL A 1 167 ? -4.009  -9.322  -5.988  1.00 15.56 ? 146 VAL A O    1 
ATOM   1163 C CB   . VAL A 1 167 ? -3.164  -7.950  -8.969  1.00 16.33 ? 146 VAL A CB   1 
ATOM   1164 C CG1  . VAL A 1 167 ? -4.268  -8.979  -9.219  1.00 18.71 ? 146 VAL A CG1  1 
ATOM   1165 C CG2  . VAL A 1 167 ? -3.448  -6.637  -9.706  1.00 14.91 ? 146 VAL A CG2  1 
ATOM   1166 N N    . ARG A 1 168 ? -1.954  -9.796  -6.772  1.00 14.17 ? 147 ARG A N    1 
ATOM   1167 C CA   . ARG A 1 168 ? -1.927  -11.099 -6.111  1.00 15.60 ? 147 ARG A CA   1 
ATOM   1168 C C    . ARG A 1 168 ? -2.018  -10.966 -4.596  1.00 14.29 ? 147 ARG A C    1 
ATOM   1169 O O    . ARG A 1 168 ? -2.755  -11.708 -3.938  1.00 16.17 ? 147 ARG A O    1 
ATOM   1170 C CB   . ARG A 1 168 ? -0.661  -11.874 -6.475  1.00 15.88 ? 147 ARG A CB   1 
ATOM   1171 C CG   . ARG A 1 168 ? -0.477  -12.126 -7.964  1.00 16.82 ? 147 ARG A CG   1 
ATOM   1172 C CD   . ARG A 1 168 ? 0.558   -13.229 -8.203  1.00 18.89 ? 147 ARG A CD   1 
ATOM   1173 N NE   . ARG A 1 168 ? 1.860   -12.928 -7.610  1.00 16.20 ? 147 ARG A NE   1 
ATOM   1174 C CZ   . ARG A 1 168 ? 2.811   -12.211 -8.203  1.00 16.08 ? 147 ARG A CZ   1 
ATOM   1175 N NH1  . ARG A 1 168 ? 2.616   -11.704 -9.415  1.00 20.18 ? 147 ARG A NH1  1 
ATOM   1176 N NH2  . ARG A 1 168 ? 3.958   -11.991 -7.578  1.00 18.08 ? 147 ARG A NH2  1 
ATOM   1177 N N    . CYS A 1 169 ? -1.272  -10.016 -4.035  1.00 13.29 ? 148 CYS A N    1 
ATOM   1178 C CA   . CYS A 1 169 ? -1.256  -9.846  -2.581  1.00 13.74 ? 148 CYS A CA   1 
ATOM   1179 C C    . CYS A 1 169 ? -2.572  -9.296  -2.042  1.00 13.92 ? 148 CYS A C    1 
ATOM   1180 O O    . CYS A 1 169 ? -3.056  -9.731  -1.003  1.00 14.55 ? 148 CYS A O    1 
ATOM   1181 C CB   . CYS A 1 169 ? -0.093  -8.946  -2.158  1.00 13.14 ? 148 CYS A CB   1 
ATOM   1182 S SG   . CYS A 1 169 ? 1.522   -9.654  -2.513  1.00 14.01 ? 148 CYS A SG   1 
ATOM   1183 N N    . CYS A 1 170 ? -3.145  -8.320  -2.744  1.00 13.21 ? 149 CYS A N    1 
ATOM   1184 C CA   . CYS A 1 170 ? -4.400  -7.741  -2.288  1.00 14.40 ? 149 CYS A CA   1 
ATOM   1185 C C    . CYS A 1 170 ? -5.523  -8.773  -2.311  1.00 14.12 ? 149 CYS A C    1 
ATOM   1186 O O    . CYS A 1 170 ? -6.351  -8.814  -1.409  1.00 15.01 ? 149 CYS A O    1 
ATOM   1187 C CB   . CYS A 1 170 ? -4.783  -6.514  -3.117  1.00 13.99 ? 149 CYS A CB   1 
ATOM   1188 S SG   . CYS A 1 170 ? -3.804  -5.064  -2.717  1.00 16.37 ? 149 CYS A SG   1 
ATOM   1189 N N    . ARG A 1 171 ? -5.544  -9.612  -3.341  1.00 13.73 ? 150 ARG A N    1 
ATOM   1190 C CA   . ARG A 1 171 ? -6.570  -10.651 -3.425  1.00 14.94 ? 150 ARG A CA   1 
ATOM   1191 C C    . ARG A 1 171 ? -6.454  -11.640 -2.260  1.00 16.11 ? 150 ARG A C    1 
ATOM   1192 O O    . ARG A 1 171 ? -7.442  -11.985 -1.614  1.00 16.18 ? 150 ARG A O    1 
ATOM   1193 C CB   . ARG A 1 171 ? -6.460  -11.374 -4.761  1.00 16.34 ? 150 ARG A CB   1 
ATOM   1194 C CG   . ARG A 1 171 ? -7.441  -12.509 -4.947  1.00 21.98 ? 150 ARG A CG   1 
ATOM   1195 C CD   . ARG A 1 171 ? -7.355  -13.059 -6.368  1.00 28.04 ? 150 ARG A CD   1 
ATOM   1196 N NE   . ARG A 1 171 ? -6.017  -13.553 -6.694  1.00 39.58 ? 150 ARG A NE   1 
ATOM   1197 C CZ   . ARG A 1 171 ? -5.319  -13.190 -7.769  1.00 39.32 ? 150 ARG A CZ   1 
ATOM   1198 N NH1  . ARG A 1 171 ? -5.828  -12.328 -8.642  1.00 35.95 ? 150 ARG A NH1  1 
ATOM   1199 N NH2  . ARG A 1 171 ? -4.109  -13.700 -7.977  1.00 35.58 ? 150 ARG A NH2  1 
ATOM   1200 N N    . ALA A 1 172 ? -5.235  -12.081 -1.984  1.00 14.70 ? 151 ALA A N    1 
ATOM   1201 C CA   . ALA A 1 172 ? -4.994  -13.012 -0.890  1.00 17.12 ? 151 ALA A CA   1 
ATOM   1202 C C    . ALA A 1 172 ? -5.322  -12.399 0.469   1.00 14.87 ? 151 ALA A C    1 
ATOM   1203 O O    . ALA A 1 172 ? -5.968  -13.031 1.309   1.00 17.13 ? 151 ALA A O    1 
ATOM   1204 C CB   . ALA A 1 172 ? -3.555  -13.508 -0.930  1.00 19.09 ? 151 ALA A CB   1 
ATOM   1205 N N    . PHE A 1 173 ? -4.876  -11.164 0.687   1.00 13.80 ? 152 PHE A N    1 
ATOM   1206 C CA   . PHE A 1 173 ? -5.199  -10.450 1.918   1.00 14.43 ? 152 PHE A CA   1 
ATOM   1207 C C    . PHE A 1 173 ? -6.707  -10.326 2.151   1.00 14.81 ? 152 PHE A C    1 
ATOM   1208 O O    . PHE A 1 173 ? -7.191  -10.576 3.254   1.00 15.53 ? 152 PHE A O    1 
ATOM   1209 C CB   . PHE A 1 173 ? -4.530  -9.066  1.921   1.00 13.41 ? 152 PHE A CB   1 
ATOM   1210 C CG   . PHE A 1 173 ? -5.041  -8.140  2.998   1.00 11.73 ? 152 PHE A CG   1 
ATOM   1211 C CD1  . PHE A 1 173 ? -4.797  -8.397  4.351   1.00 12.30 ? 152 PHE A CD1  1 
ATOM   1212 C CD2  . PHE A 1 173 ? -5.752  -6.999  2.659   1.00 12.65 ? 152 PHE A CD2  1 
ATOM   1213 C CE1  . PHE A 1 173 ? -5.270  -7.538  5.336   1.00 11.93 ? 152 PHE A CE1  1 
ATOM   1214 C CE2  . PHE A 1 173 ? -6.224  -6.138  3.642   1.00 12.47 ? 152 PHE A CE2  1 
ATOM   1215 C CZ   . PHE A 1 173 ? -5.980  -6.402  4.973   1.00 14.24 ? 152 PHE A CZ   1 
ATOM   1216 N N    . LEU A 1 174 ? -7.456  -9.952  1.118   1.00 14.96 ? 153 LEU A N    1 
ATOM   1217 C CA   . LEU A 1 174 ? -8.905  -9.850  1.254   1.00 15.57 ? 153 LEU A CA   1 
ATOM   1218 C C    . LEU A 1 174 ? -9.517  -11.203 1.603   1.00 17.18 ? 153 LEU A C    1 
ATOM   1219 O O    . LEU A 1 174 ? -10.406 -11.297 2.449   1.00 20.30 ? 153 LEU A O    1 
ATOM   1220 C CB   . LEU A 1 174 ? -9.526  -9.307  -0.032  1.00 15.91 ? 153 LEU A CB   1 
ATOM   1221 C CG   . LEU A 1 174 ? -11.052 -9.137  -0.009  1.00 19.01 ? 153 LEU A CG   1 
ATOM   1222 C CD1  . LEU A 1 174 ? -11.499 -8.213  1.124   1.00 19.29 ? 153 LEU A CD1  1 
ATOM   1223 C CD2  . LEU A 1 174 ? -11.541 -8.619  -1.347  1.00 20.25 ? 153 LEU A CD2  1 
ATOM   1224 N N    . GLU A 1 175 ? -9.030  -12.248 0.947   1.00 17.98 ? 154 GLU A N    1 
ATOM   1225 C CA   . GLU A 1 175 ? -9.574  -13.585 1.155   1.00 22.12 ? 154 GLU A CA   1 
ATOM   1226 C C    . GLU A 1 175 ? -9.374  -14.040 2.596   1.00 23.76 ? 154 GLU A C    1 
ATOM   1227 O O    . GLU A 1 175 ? -10.280 -14.601 3.209   1.00 24.82 ? 154 GLU A O    1 
ATOM   1228 C CB   . GLU A 1 175 ? -8.926  -14.576 0.189   1.00 24.72 ? 154 GLU A CB   1 
ATOM   1229 C CG   . GLU A 1 175 ? -9.571  -15.948 0.184   1.00 40.56 ? 154 GLU A CG   1 
ATOM   1230 C CD   . GLU A 1 175 ? -9.004  -16.836 -0.903  1.00 57.21 ? 154 GLU A CD   1 
ATOM   1231 O OE1  . GLU A 1 175 ? -7.912  -16.512 -1.420  1.00 54.66 ? 154 GLU A OE1  1 
ATOM   1232 O OE2  . GLU A 1 175 ? -9.655  -17.846 -1.248  1.00 70.54 ? 154 GLU A OE2  1 
ATOM   1233 N N    . LYS A 1 176 ? -8.187  -13.789 3.138   1.00 19.57 ? 155 LYS A N    1 
ATOM   1234 C CA   . LYS A 1 176 ? -7.884  -14.214 4.498   1.00 22.49 ? 155 LYS A CA   1 
ATOM   1235 C C    . LYS A 1 176 ? -6.732  -13.418 5.077   1.00 21.99 ? 155 LYS A C    1 
ATOM   1236 O O    . LYS A 1 176 ? -5.574  -13.634 4.718   1.00 22.29 ? 155 LYS A O    1 
ATOM   1237 C CB   . LYS A 1 176 ? -7.529  -15.702 4.520   1.00 28.01 ? 155 LYS A CB   1 
ATOM   1238 C CG   . LYS A 1 176 ? -7.375  -16.276 5.915   1.00 35.65 ? 155 LYS A CG   1 
ATOM   1239 C CD   . LYS A 1 176 ? -8.727  -16.365 6.612   1.00 43.39 ? 155 LYS A CD   1 
ATOM   1240 C CE   . LYS A 1 176 ? -8.574  -16.547 8.114   1.00 53.17 ? 155 LYS A CE   1 
ATOM   1241 N NZ   . LYS A 1 176 ? -7.688  -17.697 8.459   1.00 62.57 ? 155 LYS A NZ   1 
ATOM   1242 N N    . ALA A 1 177 ? -7.053  -12.497 5.976   1.00 21.74 ? 156 ALA A N    1 
ATOM   1243 C CA   . ALA A 1 177 ? -6.029  -11.719 6.663   1.00 22.98 ? 156 ALA A CA   1 
ATOM   1244 C C    . ALA A 1 177 ? -5.255  -12.593 7.647   1.00 25.08 ? 156 ALA A C    1 
ATOM   1245 O O    . ALA A 1 177 ? -5.818  -13.518 8.245   1.00 26.66 ? 156 ALA A O    1 
ATOM   1246 C CB   . ALA A 1 177 ? -6.663  -10.543 7.383   1.00 23.42 ? 156 ALA A CB   1 
ATOM   1247 N N    . HIS A 1 178 ? -3.969  -12.302 7.817   0.93 19.02 ? 157 HIS A N    1 
ATOM   1248 C CA   . HIS A 1 178 ? -3.146  -13.017 8.786   0.93 21.49 ? 157 HIS A CA   1 
ATOM   1249 C C    . HIS A 1 178 ? -3.557  -12.661 10.209  0.93 27.52 ? 157 HIS A C    1 
ATOM   1250 O O    . HIS A 1 178 ? -3.415  -13.474 11.124  0.93 28.74 ? 157 HIS A O    1 
ATOM   1251 C CB   . HIS A 1 178 ? -1.666  -12.688 8.598   0.93 19.05 ? 157 HIS A CB   1 
ATOM   1252 C CG   . HIS A 1 178 ? -1.107  -13.129 7.281   0.93 22.14 ? 157 HIS A CG   1 
ATOM   1253 N ND1  . HIS A 1 178 ? -0.077  -12.463 6.647   0.93 19.67 ? 157 HIS A ND1  1 
ATOM   1254 C CD2  . HIS A 1 178 ? -1.428  -14.171 6.480   0.93 20.27 ? 157 HIS A CD2  1 
ATOM   1255 C CE1  . HIS A 1 178 ? 0.206   -13.073 5.511   0.93 18.21 ? 157 HIS A CE1  1 
ATOM   1256 N NE2  . HIS A 1 178 ? -0.599  -14.113 5.385   0.93 19.38 ? 157 HIS A NE2  1 
ATOM   1257 O OXT  . HIS A 1 178 ? -4.035  -11.558 10.486  0.93 25.88 ? 157 HIS A OXT  1 
HETATM 1258 N N01  . 6VY B 2 .   ? 11.152  6.320   -4.225  1.00 11.49 ? 200 6VY A N01  1 
HETATM 1259 C C02  . 6VY B 2 .   ? 9.733   6.471   -4.162  1.00 12.80 ? 200 6VY A C02  1 
HETATM 1260 O O03  . 6VY B 2 .   ? 9.186   7.448   -3.649  1.00 12.44 ? 200 6VY A O03  1 
HETATM 1261 C C04  . 6VY B 2 .   ? 8.923   5.367   -4.749  1.00 11.33 ? 200 6VY A C04  1 
HETATM 1262 C C05  . 6VY B 2 .   ? 8.685   5.692   -6.151  1.00 10.82 ? 200 6VY A C05  1 
HETATM 1263 C C06  . 6VY B 2 .   ? 8.334   6.962   -6.507  1.00 12.88 ? 200 6VY A C06  1 
HETATM 1264 C C07  . 6VY B 2 .   ? 8.095   7.299   -7.881  1.00 10.41 ? 200 6VY A C07  1 
HETATM 1265 C C08  . 6VY B 2 .   ? 8.205   6.348   -8.866  1.00 11.50 ? 200 6VY A C08  1 
HETATM 1266 C C09  . 6VY B 2 .   ? 8.545   5.058   -8.528  1.00 11.89 ? 200 6VY A C09  1 
HETATM 1267 C C10  . 6VY B 2 .   ? 8.796   4.724   -7.157  1.00 11.16 ? 200 6VY A C10  1 
HETATM 1268 S S11  . 6VY B 2 .   ? 7.576   4.789   -3.798  1.00 10.45 ? 200 6VY A S11  1 
HETATM 1269 O O12  . 6VY B 2 .   ? 8.070   4.555   -2.444  1.00 10.79 ? 200 6VY A O12  1 
HETATM 1270 O O13  . 6VY B 2 .   ? 7.080   3.602   -4.394  1.00 11.63 ? 200 6VY A O13  1 
HETATM 1271 O O14  . 6VY B 2 .   ? 6.527   5.808   -3.861  1.00 11.25 ? 200 6VY A O14  1 
HETATM 1272 C C15  . 6VY B 2 .   ? 12.097  7.342   -3.865  1.00 10.87 ? 200 6VY A C15  1 
HETATM 1273 C C16  . 6VY B 2 .   ? 11.816  8.483   -3.067  1.00 11.14 ? 200 6VY A C16  1 
HETATM 1274 C C17  . 6VY B 2 .   ? 12.824  9.443   -2.879  1.00 11.64 ? 200 6VY A C17  1 
HETATM 1275 C C18  . 6VY B 2 .   ? 14.049  9.308   -3.502  1.00 10.66 ? 200 6VY A C18  1 
HETATM 1276 C C19  . 6VY B 2 .   ? 14.308  8.188   -4.342  1.00 9.38  ? 200 6VY A C19  1 
HETATM 1277 C C20  . 6VY B 2 .   ? 13.313  7.238   -4.515  1.00 11.20 ? 200 6VY A C20  1 
HETATM 1278 H H011 . 6VY B 2 .   ? 11.465  5.616   -4.669  1.00 13.78 ? 200 6VY A H011 1 
HETATM 1279 H H041 . 6VY B 2 .   ? 9.531   4.633   -4.794  1.00 13.59 ? 200 6VY A H041 1 
HETATM 1280 H H061 . 6VY B 2 .   ? 8.257   7.626   -5.845  1.00 15.45 ? 200 6VY A H061 1 
HETATM 1281 H H071 . 6VY B 2 .   ? 7.845   8.226   -8.121  1.00 12.49 ? 200 6VY A H071 1 
HETATM 1282 H H081 . 6VY B 2 .   ? 8.036   6.584   -9.797  1.00 13.80 ? 200 6VY A H081 1 
HETATM 1283 H H091 . 6VY B 2 .   ? 8.629   4.378   -9.221  1.00 14.27 ? 200 6VY A H091 1 
HETATM 1284 H H101 . 6VY B 2 .   ? 9.032   3.832   -6.928  1.00 13.39 ? 200 6VY A H101 1 
HETATM 1285 H H161 . 6VY B 2 .   ? 10.961  8.579   -2.632  1.00 13.37 ? 200 6VY A H161 1 
HETATM 1286 H H171 . 6VY B 2 .   ? 12.660  10.204  -2.308  1.00 13.96 ? 200 6VY A H171 1 
HETATM 1287 H H181 . 6VY B 2 .   ? 14.759  9.992   -3.353  1.00 12.79 ? 200 6VY A H181 1 
HETATM 1288 H H191 . 6VY B 2 .   ? 15.155  8.086   -4.765  1.00 11.26 ? 200 6VY A H191 1 
HETATM 1289 H H201 . 6VY B 2 .   ? 13.492  6.446   -5.114  1.00 13.44 ? 200 6VY A H201 1 
HETATM 1290 O O    . HOH C 3 .   ? 10.854  -9.247  6.672   1.00 38.07 ? 301 HOH A O    1 
HETATM 1291 O O    . HOH C 3 .   ? 12.131  4.418   6.574   1.00 23.75 ? 302 HOH A O    1 
HETATM 1292 O O    . HOH C 3 .   ? 8.452   3.321   -16.675 1.00 29.96 ? 303 HOH A O    1 
HETATM 1293 O O    . HOH C 3 .   ? -4.097  11.334  -16.206 1.00 30.31 ? 304 HOH A O    1 
HETATM 1294 O O    . HOH C 3 .   ? -2.224  7.442   28.596  1.00 32.86 ? 305 HOH A O    1 
HETATM 1295 O O    . HOH C 3 .   ? -5.945  10.185  11.430  1.00 31.88 ? 306 HOH A O    1 
HETATM 1296 O O    . HOH C 3 .   ? 10.219  -7.440  -12.970 1.00 32.01 ? 307 HOH A O    1 
HETATM 1297 O O    . HOH C 3 .   ? -6.166  -10.586 11.687  1.00 36.46 ? 308 HOH A O    1 
HETATM 1298 O O    . HOH C 3 .   ? -1.300  -16.090 0.219   1.00 29.67 ? 309 HOH A O    1 
HETATM 1299 O O    . HOH C 3 .   ? 11.423  15.769  -2.443  1.00 22.21 ? 310 HOH A O    1 
HETATM 1300 O O    . HOH C 3 .   ? 13.431  -10.149 2.762   1.00 35.18 ? 311 HOH A O    1 
HETATM 1301 O O    . HOH C 3 .   ? 10.736  7.717   8.891   1.00 28.50 ? 312 HOH A O    1 
HETATM 1302 O O    . HOH C 3 .   ? -10.009 2.902   -9.512  1.00 24.82 ? 313 HOH A O    1 
HETATM 1303 O O    . HOH C 3 .   ? 4.458   9.334   20.652  1.00 34.99 ? 314 HOH A O    1 
HETATM 1304 O O    . HOH C 3 .   ? -5.745  7.476   11.075  1.00 18.19 ? 315 HOH A O    1 
HETATM 1305 O O    . HOH C 3 .   ? 8.418   16.938  3.530   1.00 27.77 ? 316 HOH A O    1 
HETATM 1306 O O    . HOH C 3 .   ? 9.421   9.550   -11.961 1.00 16.57 ? 317 HOH A O    1 
HETATM 1307 O O    . HOH C 3 .   ? 4.292   19.416  -3.529  1.00 24.78 ? 318 HOH A O    1 
HETATM 1308 O O    . HOH C 3 .   ? -2.254  -15.400 -7.175  1.00 34.38 ? 319 HOH A O    1 
HETATM 1309 O O    . HOH C 3 .   ? -19.090 -1.612  -2.818  1.00 20.08 ? 320 HOH A O    1 
HETATM 1310 O O    . HOH C 3 .   ? -3.723  11.817  1.275   1.00 15.17 ? 321 HOH A O    1 
HETATM 1311 O O    . HOH C 3 .   ? 12.590  -8.133  8.728   1.00 30.00 ? 322 HOH A O    1 
HETATM 1312 O O    . HOH C 3 .   ? -5.804  4.470   -14.356 1.00 25.32 ? 323 HOH A O    1 
HETATM 1313 O O    . HOH C 3 .   ? 10.958  -9.023  -5.149  1.00 30.68 ? 324 HOH A O    1 
HETATM 1314 O O    . HOH C 3 .   ? -3.958  -15.237 3.345   1.00 30.55 ? 325 HOH A O    1 
HETATM 1315 O O    . HOH C 3 .   ? 4.455   -10.207 -4.121  1.00 18.12 ? 326 HOH A O    1 
HETATM 1316 O O    . HOH C 3 .   ? -2.058  -15.772 10.989  1.00 36.57 ? 327 HOH A O    1 
HETATM 1317 O O    . HOH C 3 .   ? 5.095   14.510  8.436   1.00 37.75 ? 328 HOH A O    1 
HETATM 1318 O O    . HOH C 3 .   ? -13.580 -1.777  13.341  1.00 41.02 ? 329 HOH A O    1 
HETATM 1319 O O    . HOH C 3 .   ? 11.049  3.087   18.618  1.00 20.45 ? 330 HOH A O    1 
HETATM 1320 O O    . HOH C 3 .   ? 5.985   9.352   10.694  1.00 29.68 ? 331 HOH A O    1 
HETATM 1321 O O    . HOH C 3 .   ? -6.280  9.733   -18.532 1.00 31.55 ? 332 HOH A O    1 
HETATM 1322 O O    . HOH C 3 .   ? 15.453  -5.717  8.814   1.00 28.48 ? 333 HOH A O    1 
HETATM 1323 O O    . HOH C 3 .   ? 13.190  2.636   -1.693  1.00 15.38 ? 334 HOH A O    1 
HETATM 1324 O O    . HOH C 3 .   ? -7.102  8.180   6.201   1.00 26.48 ? 335 HOH A O    1 
HETATM 1325 O O    . HOH C 3 .   ? -15.567 3.193   2.817   1.00 29.83 ? 336 HOH A O    1 
HETATM 1326 O O    . HOH C 3 .   ? 18.189  1.974   7.544   1.00 27.09 ? 337 HOH A O    1 
HETATM 1327 O O    . HOH C 3 .   ? -3.195  -9.844  -13.135 1.00 32.70 ? 338 HOH A O    1 
HETATM 1328 O O    . HOH C 3 .   ? -4.360  -5.092  17.771  1.00 40.14 ? 339 HOH A O    1 
HETATM 1329 O O    . HOH C 3 .   ? -1.112  3.766   -20.295 1.00 23.88 ? 340 HOH A O    1 
HETATM 1330 O O    . HOH C 3 .   ? 10.949  3.202   4.610   1.00 13.28 ? 341 HOH A O    1 
HETATM 1331 O O    . HOH C 3 .   ? -6.906  7.590   0.421   1.00 22.02 ? 342 HOH A O    1 
HETATM 1332 O O    . HOH C 3 .   ? -5.391  -5.198  14.010  1.00 23.72 ? 343 HOH A O    1 
HETATM 1333 O O    . HOH C 3 .   ? 6.041   -6.827  0.480   1.00 13.77 ? 344 HOH A O    1 
HETATM 1334 O O    . HOH C 3 .   ? 4.974   2.529   -16.572 1.00 23.12 ? 345 HOH A O    1 
HETATM 1335 O O    . HOH C 3 .   ? 8.181   9.157   14.537  1.00 34.10 ? 346 HOH A O    1 
HETATM 1336 O O    . HOH C 3 .   ? -6.252  8.064   -2.404  1.00 15.05 ? 347 HOH A O    1 
HETATM 1337 O O    . HOH C 3 .   ? 3.354   -11.282 8.055   1.00 30.35 ? 348 HOH A O    1 
HETATM 1338 O O    . HOH C 3 .   ? 3.311   -15.230 4.891   1.00 33.92 ? 349 HOH A O    1 
HETATM 1339 O O    . HOH C 3 .   ? -0.972  -15.563 3.100   1.00 34.78 ? 350 HOH A O    1 
HETATM 1340 O O    . HOH C 3 .   ? 11.497  1.714   0.277   1.00 11.46 ? 351 HOH A O    1 
HETATM 1341 O O    . HOH C 3 .   ? -3.780  -14.085 -4.816  1.00 24.29 ? 352 HOH A O    1 
HETATM 1342 O O    . HOH C 3 .   ? -10.664 -0.165  11.686  1.00 19.48 ? 353 HOH A O    1 
HETATM 1343 O O    . HOH C 3 .   ? -7.364  1.715   18.630  1.00 21.17 ? 354 HOH A O    1 
HETATM 1344 O O    . HOH C 3 .   ? 3.035   1.991   -18.905 1.00 31.75 ? 355 HOH A O    1 
HETATM 1345 O O    . HOH C 3 .   ? 8.152   11.859  -9.193  1.00 19.98 ? 356 HOH A O    1 
HETATM 1346 O O    . HOH C 3 .   ? -8.380  -13.819 9.164   1.00 37.00 ? 357 HOH A O    1 
HETATM 1347 O O    . HOH C 3 .   ? -2.011  -9.493  10.249  1.00 35.15 ? 358 HOH A O    1 
HETATM 1348 O O    . HOH C 3 .   ? -9.445  1.949   -7.454  1.00 18.50 ? 359 HOH A O    1 
HETATM 1349 O O    . HOH C 3 .   ? 5.257   -3.154  16.212  1.00 37.01 ? 360 HOH A O    1 
HETATM 1350 O O    . HOH C 3 .   ? -3.306  12.868  13.382  1.00 30.63 ? 361 HOH A O    1 
HETATM 1351 O O    . HOH C 3 .   ? 9.229   -5.900  -7.002  1.00 17.70 ? 362 HOH A O    1 
HETATM 1352 O O    . HOH C 3 .   ? -8.596  -8.719  4.711   1.00 25.56 ? 363 HOH A O    1 
HETATM 1353 O O    . HOH C 3 .   ? -14.187 -8.140  3.691   1.00 21.59 ? 364 HOH A O    1 
HETATM 1354 O O    . HOH C 3 .   ? 2.784   -16.137 0.933   1.00 32.40 ? 365 HOH A O    1 
HETATM 1355 O O    . HOH C 3 .   ? -4.919  9.978   2.823   1.00 19.81 ? 366 HOH A O    1 
HETATM 1356 O O    . HOH C 3 .   ? -15.464 2.404   -4.013  1.00 23.32 ? 367 HOH A O    1 
HETATM 1357 O O    . HOH C 3 .   ? 10.960  3.937   -15.753 1.00 21.11 ? 368 HOH A O    1 
HETATM 1358 O O    . HOH C 3 .   ? -0.705  15.286  2.169   1.00 14.55 ? 369 HOH A O    1 
HETATM 1359 O O    . HOH C 3 .   ? 2.601   -8.686  -16.563 1.00 25.35 ? 370 HOH A O    1 
HETATM 1360 O O    . HOH C 3 .   ? 14.530  2.273   -7.450  1.00 16.80 ? 371 HOH A O    1 
HETATM 1361 O O    . HOH C 3 .   ? 4.928   -14.601 0.312   1.00 27.50 ? 372 HOH A O    1 
HETATM 1362 O O    . HOH C 3 .   ? 6.439   13.617  -7.696  1.00 14.98 ? 373 HOH A O    1 
HETATM 1363 O O    . HOH C 3 .   ? -11.032 -1.979  14.582  1.00 26.38 ? 374 HOH A O    1 
HETATM 1364 O O    . HOH C 3 .   ? 4.389   12.138  -11.797 1.00 14.18 ? 375 HOH A O    1 
HETATM 1365 O O    . HOH C 3 .   ? 12.659  -1.318  13.892  1.00 19.10 ? 376 HOH A O    1 
HETATM 1366 O O    . HOH C 3 .   ? -7.884  3.126   -18.393 1.00 26.22 ? 377 HOH A O    1 
HETATM 1367 O O    . HOH C 3 .   ? -17.195 -7.342  4.219   1.00 32.44 ? 378 HOH A O    1 
HETATM 1368 O O    . HOH C 3 .   ? -13.066 -12.174 2.608   1.00 34.44 ? 379 HOH A O    1 
HETATM 1369 O O    . HOH C 3 .   ? 14.918  3.880   -5.050  1.00 17.32 ? 380 HOH A O    1 
HETATM 1370 O O    . HOH C 3 .   ? -8.701  13.532  -7.352  1.00 23.29 ? 381 HOH A O    1 
HETATM 1371 O O    . HOH C 3 .   ? 13.665  6.779   16.712  1.00 23.39 ? 382 HOH A O    1 
HETATM 1372 O O    . HOH C 3 .   ? 10.871  -6.008  -11.241 1.00 25.36 ? 383 HOH A O    1 
HETATM 1373 O O    . HOH C 3 .   ? -10.147 3.028   10.889  1.00 22.20 ? 384 HOH A O    1 
HETATM 1374 O O    . HOH C 3 .   ? 11.026  12.408  -8.532  1.00 16.95 ? 385 HOH A O    1 
HETATM 1375 O O    . HOH C 3 .   ? -4.342  5.405   -4.511  1.00 12.60 ? 386 HOH A O    1 
HETATM 1376 O O    . HOH C 3 .   ? -8.021  -4.869  14.495  1.00 26.31 ? 387 HOH A O    1 
HETATM 1377 O O    . HOH C 3 .   ? 6.645   11.154  0.937   1.00 11.06 ? 388 HOH A O    1 
HETATM 1378 O O    . HOH C 3 .   ? 17.977  8.812   -4.676  1.00 17.68 ? 389 HOH A O    1 
HETATM 1379 O O    . HOH C 3 .   ? -10.040 -11.902 -2.760  1.00 28.97 ? 390 HOH A O    1 
HETATM 1380 O O    . HOH C 3 .   ? 4.177   12.538  -9.029  1.00 14.09 ? 391 HOH A O    1 
HETATM 1381 O O    . HOH C 3 .   ? 3.681   12.350  9.991   1.00 37.36 ? 392 HOH A O    1 
HETATM 1382 O O    . HOH C 3 .   ? 2.505   5.798   -9.416  1.00 14.38 ? 393 HOH A O    1 
HETATM 1383 O O    . HOH C 3 .   ? -4.921  -7.355  -13.976 1.00 32.58 ? 394 HOH A O    1 
HETATM 1384 O O    . HOH C 3 .   ? 1.126   7.723   22.483  1.00 23.64 ? 395 HOH A O    1 
HETATM 1385 O O    . HOH C 3 .   ? 12.731  -1.593  -2.393  1.00 16.60 ? 396 HOH A O    1 
HETATM 1386 O O    . HOH C 3 .   ? 3.319   0.393   20.744  1.00 33.17 ? 397 HOH A O    1 
HETATM 1387 O O    . HOH C 3 .   ? 15.189  -5.877  -1.070  1.00 40.84 ? 398 HOH A O    1 
HETATM 1388 O O    . HOH C 3 .   ? 5.461   7.260   15.925  1.00 28.12 ? 399 HOH A O    1 
HETATM 1389 O O    . HOH C 3 .   ? 2.471   -5.941  14.003  1.00 21.78 ? 400 HOH A O    1 
HETATM 1390 O O    . HOH C 3 .   ? 5.669   -6.084  12.563  1.00 31.62 ? 401 HOH A O    1 
HETATM 1391 O O    . HOH C 3 .   ? 5.534   -9.344  7.363   1.00 19.62 ? 402 HOH A O    1 
HETATM 1392 O O    . HOH C 3 .   ? 10.861  -2.482  -8.771  1.00 18.79 ? 403 HOH A O    1 
HETATM 1393 O O    . HOH C 3 .   ? -12.220 -3.944  12.343  1.00 35.37 ? 404 HOH A O    1 
HETATM 1394 O O    . HOH C 3 .   ? 14.607  -1.502  -6.078  1.00 29.73 ? 405 HOH A O    1 
HETATM 1395 O O    . HOH C 3 .   ? 14.174  -5.532  -14.165 1.00 38.96 ? 406 HOH A O    1 
HETATM 1396 O O    . HOH C 3 .   ? 6.895   10.356  -14.052 1.00 16.72 ? 407 HOH A O    1 
HETATM 1397 O O    . HOH C 3 .   ? 5.114   2.115   23.124  1.00 41.70 ? 408 HOH A O    1 
HETATM 1398 O O    . HOH C 3 .   ? -7.347  13.390  13.788  1.00 33.45 ? 409 HOH A O    1 
HETATM 1399 O O    . HOH C 3 .   ? -4.039  9.985   9.510   1.00 26.57 ? 410 HOH A O    1 
HETATM 1400 O O    . HOH C 3 .   ? -0.106  19.541  -2.294  1.00 20.68 ? 411 HOH A O    1 
HETATM 1401 O O    . HOH C 3 .   ? 4.473   -0.246  -16.706 1.00 20.68 ? 412 HOH A O    1 
HETATM 1402 O O    . HOH C 3 .   ? -16.401 -9.187  -8.769  1.00 25.52 ? 413 HOH A O    1 
HETATM 1403 O O    . HOH C 3 .   ? 7.666   18.032  -4.152  1.00 27.58 ? 414 HOH A O    1 
HETATM 1404 O O    . HOH C 3 .   ? -19.946 -1.767  -5.372  1.00 20.69 ? 415 HOH A O    1 
HETATM 1405 O O    . HOH C 3 .   ? -2.839  -8.265  -15.908 1.00 28.20 ? 416 HOH A O    1 
HETATM 1406 O O    . HOH C 3 .   ? 0.360   10.068  -4.286  1.00 12.87 ? 417 HOH A O    1 
HETATM 1407 O O    . HOH C 3 .   ? -5.525  -5.777  -16.949 1.00 31.23 ? 418 HOH A O    1 
HETATM 1408 O O    . HOH C 3 .   ? 2.543   -8.620  12.075  1.00 37.03 ? 419 HOH A O    1 
HETATM 1409 O O    . HOH C 3 .   ? 10.993  1.659   -19.558 1.00 29.99 ? 420 HOH A O    1 
HETATM 1410 O O    . HOH C 3 .   ? 2.144   14.236  5.748   1.00 16.99 ? 421 HOH A O    1 
HETATM 1411 O O    . HOH C 3 .   ? 11.102  -4.981  11.087  1.00 23.25 ? 422 HOH A O    1 
HETATM 1412 O O    . HOH C 3 .   ? -8.892  8.008   -4.722  1.00 26.40 ? 423 HOH A O    1 
HETATM 1413 O O    . HOH C 3 .   ? 6.561   -11.221 -8.697  1.00 26.04 ? 424 HOH A O    1 
HETATM 1414 O O    . HOH C 3 .   ? -10.611 10.653  -5.756  1.00 37.76 ? 425 HOH A O    1 
HETATM 1415 O O    . HOH C 3 .   ? -13.536 1.399   0.395   1.00 20.75 ? 426 HOH A O    1 
HETATM 1416 O O    . HOH C 3 .   ? -9.058  4.220   -5.917  1.00 17.27 ? 427 HOH A O    1 
HETATM 1417 O O    . HOH C 3 .   ? 4.650   19.358  1.117   1.00 40.61 ? 428 HOH A O    1 
HETATM 1418 O O    . HOH C 3 .   ? -5.370  11.630  -1.041  1.00 16.46 ? 429 HOH A O    1 
HETATM 1419 O O    . HOH C 3 .   ? 0.545   -5.589  -18.886 1.00 35.72 ? 430 HOH A O    1 
HETATM 1420 O O    . HOH C 3 .   ? -8.309  -4.509  -8.536  1.00 30.28 ? 431 HOH A O    1 
HETATM 1421 O O    . HOH C 3 .   ? -9.123  -5.514  -12.153 1.00 36.26 ? 432 HOH A O    1 
HETATM 1422 O O    . HOH C 3 .   ? -1.990  -1.096  21.689  1.00 28.09 ? 433 HOH A O    1 
HETATM 1423 O O    . HOH C 3 .   ? -0.597  -16.973 -8.248  1.00 39.87 ? 434 HOH A O    1 
HETATM 1424 O O    . HOH C 3 .   ? 15.778  -2.253  -13.777 1.00 38.65 ? 435 HOH A O    1 
HETATM 1425 O O    . HOH C 3 .   ? 7.048   -7.210  -15.843 1.00 25.02 ? 436 HOH A O    1 
HETATM 1426 O O    . HOH C 3 .   ? 0.336   -11.888 -11.322 1.00 26.28 ? 437 HOH A O    1 
HETATM 1427 O O    . HOH C 3 .   ? -9.815  -12.256 7.089   1.00 36.24 ? 438 HOH A O    1 
HETATM 1428 O O    . HOH C 3 .   ? 12.693  -5.347  8.696   1.00 21.45 ? 439 HOH A O    1 
HETATM 1429 O O    . HOH C 3 .   ? 20.482  9.258   -8.433  1.00 29.99 ? 440 HOH A O    1 
HETATM 1430 O O    . HOH C 3 .   ? 13.589  -5.599  1.529   1.00 19.86 ? 441 HOH A O    1 
HETATM 1431 O O    . HOH C 3 .   ? 11.440  -1.308  16.484  1.00 20.13 ? 442 HOH A O    1 
HETATM 1432 O O    . HOH C 3 .   ? 9.426   -4.575  -9.513  1.00 22.67 ? 443 HOH A O    1 
HETATM 1433 O O    . HOH C 3 .   ? -4.095  12.353  -8.747  1.00 15.84 ? 444 HOH A O    1 
HETATM 1434 O O    . HOH C 3 .   ? -4.696  -16.293 8.637   1.00 42.36 ? 445 HOH A O    1 
HETATM 1435 O O    . HOH C 3 .   ? -6.778  5.873   -5.797  1.00 16.54 ? 446 HOH A O    1 
HETATM 1436 O O    . HOH C 3 .   ? 10.957  11.409  7.338   1.00 17.24 ? 447 HOH A O    1 
HETATM 1437 O O    . HOH C 3 .   ? 14.418  -3.193  2.160   1.00 21.09 ? 448 HOH A O    1 
HETATM 1438 O O    . HOH C 3 .   ? 4.879   -9.940  -10.394 1.00 28.22 ? 449 HOH A O    1 
HETATM 1439 O O    . HOH C 3 .   ? -6.586  12.439  -4.409  1.00 22.27 ? 450 HOH A O    1 
HETATM 1440 O O    . HOH C 3 .   ? -9.878  1.721   17.024  1.00 29.68 ? 451 HOH A O    1 
HETATM 1441 O O    . HOH C 3 .   ? 12.768  2.652   2.663   1.00 15.14 ? 452 HOH A O    1 
HETATM 1442 O O    . HOH C 3 .   ? 11.402  -11.001 -2.682  1.00 28.47 ? 453 HOH A O    1 
HETATM 1443 O O    . HOH C 3 .   ? -22.750 -2.559  -2.163  1.00 29.42 ? 454 HOH A O    1 
HETATM 1444 O O    . HOH C 3 .   ? 10.051  -3.666  16.919  1.00 40.63 ? 455 HOH A O    1 
HETATM 1445 O O    . HOH C 3 .   ? -5.484  4.164   29.535  1.00 38.94 ? 456 HOH A O    1 
HETATM 1446 O O    . HOH C 3 .   ? -3.045  -12.591 -10.655 1.00 36.19 ? 457 HOH A O    1 
HETATM 1447 O O    . HOH C 3 .   ? -1.085  11.652  14.197  1.00 26.99 ? 458 HOH A O    1 
HETATM 1448 O O    . HOH C 3 .   ? -5.514  -16.104 1.212   1.00 33.22 ? 459 HOH A O    1 
HETATM 1449 O O    . HOH C 3 .   ? 11.227  9.785   14.846  1.00 32.44 ? 460 HOH A O    1 
HETATM 1450 O O    . HOH C 3 .   ? -9.449  7.315   5.340   1.00 33.05 ? 461 HOH A O    1 
HETATM 1451 O O    . HOH C 3 .   ? 9.017   5.018   23.113  1.00 48.60 ? 462 HOH A O    1 
HETATM 1452 O O    . HOH C 3 .   ? 13.839  -5.439  -17.642 1.00 46.34 ? 463 HOH A O    1 
HETATM 1453 O O    . HOH C 3 .   ? 10.567  -2.438  -19.676 1.00 29.53 ? 464 HOH A O    1 
HETATM 1454 O O    . HOH C 3 .   ? 11.052  -13.531 -2.090  1.00 35.58 ? 465 HOH A O    1 
HETATM 1455 O O    . HOH C 3 .   ? 11.687  6.978   5.471   1.00 15.45 ? 466 HOH A O    1 
HETATM 1456 O O    . HOH C 3 .   ? 8.994   -10.460 -8.309  1.00 30.98 ? 467 HOH A O    1 
HETATM 1457 O O    . HOH C 3 .   ? -21.819 -6.663  3.300   1.00 40.43 ? 468 HOH A O    1 
HETATM 1458 O O    . HOH C 3 .   ? 17.455  4.887   -13.616 1.00 28.90 ? 469 HOH A O    1 
HETATM 1459 O O    . HOH C 3 .   ? 5.054   7.689   -18.213 1.00 22.16 ? 470 HOH A O    1 
HETATM 1460 O O    . HOH C 3 .   ? -10.283 -9.311  6.614   1.00 30.57 ? 471 HOH A O    1 
HETATM 1461 O O    . HOH C 3 .   ? 13.634  -8.669  -4.491  1.00 35.52 ? 472 HOH A O    1 
HETATM 1462 O O    . HOH C 3 .   ? 5.927   -8.575  10.291  1.00 29.63 ? 473 HOH A O    1 
HETATM 1463 O O    . HOH C 3 .   ? 9.914   -7.158  11.992  1.00 31.62 ? 474 HOH A O    1 
HETATM 1464 O O    . HOH C 3 .   ? -6.279  7.669   -12.955 1.00 33.72 ? 475 HOH A O    1 
HETATM 1465 O O    . HOH C 3 .   ? -11.829 3.841   1.122   1.00 13.16 ? 476 HOH A O    1 
HETATM 1466 O O    . HOH C 3 .   ? -8.225  -10.308 -7.731  1.00 38.39 ? 477 HOH A O    1 
HETATM 1467 O O    . HOH C 3 .   ? -10.244 -6.338  10.540  1.00 40.39 ? 478 HOH A O    1 
HETATM 1468 O O    . HOH C 3 .   ? -5.119  -15.949 -3.045  1.00 34.01 ? 479 HOH A O    1 
HETATM 1469 O O    . HOH C 3 .   ? 18.563  0.621   -10.864 1.00 33.88 ? 480 HOH A O    1 
HETATM 1470 O O    . HOH C 3 .   ? -10.031 -8.650  9.176   1.00 32.09 ? 481 HOH A O    1 
HETATM 1471 O O    . HOH C 3 .   ? -11.131 2.805   -16.078 1.00 37.75 ? 482 HOH A O    1 
HETATM 1472 O O    . HOH C 3 .   ? -8.166  10.579  -3.448  1.00 30.59 ? 483 HOH A O    1 
HETATM 1473 O O    . HOH C 3 .   ? -10.544 7.316   -2.575  1.00 36.46 ? 484 HOH A O    1 
HETATM 1474 O O    . HOH C 3 .   ? -10.179 12.036  -5.542  1.00 39.24 ? 485 HOH A O    1 
HETATM 1475 O O    . HOH C 3 .   ? -15.040 -12.944 -6.623  1.00 38.49 ? 486 HOH A O    1 
HETATM 1476 O O    . HOH C 3 .   ? 12.159  0.602   18.565  1.00 25.21 ? 487 HOH A O    1 
HETATM 1477 O O    . HOH C 3 .   ? 7.435   -7.494  11.808  1.00 40.48 ? 488 HOH A O    1 
HETATM 1478 O O    . HOH C 3 .   ? -18.252 2.483   -4.530  1.00 36.30 ? 489 HOH A O    1 
HETATM 1479 O O    . HOH C 3 .   ? -8.275  9.415   11.699  1.00 38.61 ? 490 HOH A O    1 
HETATM 1480 O O    . HOH C 3 .   ? -0.660  6.835   -20.284 1.00 33.46 ? 491 HOH A O    1 
HETATM 1481 O O    . HOH C 3 .   ? 10.749  3.957   21.186  1.00 37.24 ? 492 HOH A O    1 
HETATM 1482 O O    . HOH C 3 .   ? 7.630   -4.015  17.378  1.00 33.44 ? 493 HOH A O    1 
HETATM 1483 O O    . HOH C 3 .   ? 13.426  -2.616  -8.857  1.00 29.17 ? 494 HOH A O    1 
HETATM 1484 O O    . HOH C 3 .   ? -12.418 1.432   -6.979  1.00 26.33 ? 495 HOH A O    1 
HETATM 1485 O O    . HOH C 3 .   ? -12.248 -12.585 -1.343  1.00 29.25 ? 496 HOH A O    1 
HETATM 1486 O O    . HOH C 3 .   ? 1.581   -15.706 7.675   1.00 37.26 ? 497 HOH A O    1 
HETATM 1487 O O    . HOH C 3 .   ? 16.196  -7.397  6.650   1.00 29.47 ? 498 HOH A O    1 
HETATM 1488 O O    . HOH C 3 .   ? 5.435   -10.008 -12.851 1.00 33.50 ? 499 HOH A O    1 
HETATM 1489 O O    . HOH C 3 .   ? 0.098   -10.231 11.522  1.00 38.94 ? 500 HOH A O    1 
HETATM 1490 O O    . HOH C 3 .   ? -4.033  8.532   29.968  1.00 36.32 ? 501 HOH A O    1 
HETATM 1491 O O    . HOH C 3 .   ? -9.754  8.427   -9.841  1.00 29.06 ? 502 HOH A O    1 
HETATM 1492 O O    . HOH C 3 .   ? 19.573  3.460   -12.418 1.00 35.03 ? 503 HOH A O    1 
HETATM 1493 O O    . HOH C 3 .   ? -14.450 3.271   -1.549  1.00 30.10 ? 504 HOH A O    1 
HETATM 1494 O O    . HOH C 3 .   ? -5.883  11.569  4.916   1.00 31.76 ? 505 HOH A O    1 
HETATM 1495 O O    . HOH C 3 .   ? 9.109   5.753   -18.305 1.00 39.87 ? 506 HOH A O    1 
HETATM 1496 O O    . HOH C 3 .   ? 14.864  -8.999  -6.833  1.00 43.16 ? 507 HOH A O    1 
HETATM 1497 O O    . HOH C 3 .   ? 4.922   8.209   13.461  1.00 27.37 ? 508 HOH A O    1 
HETATM 1498 O O    . HOH C 3 .   ? -3.434  3.108   -21.641 1.00 32.09 ? 509 HOH A O    1 
HETATM 1499 O O    . HOH C 3 .   ? -4.323  -18.166 10.193  1.00 44.60 ? 510 HOH A O    1 
HETATM 1500 O O    . HOH C 3 .   ? -14.273 4.867   4.666   1.00 41.38 ? 511 HOH A O    1 
HETATM 1501 O O    . HOH C 3 .   ? 3.317   -14.085 7.373   1.00 32.75 ? 512 HOH A O    1 
HETATM 1502 O O    . HOH C 3 .   ? -4.591  -1.973  20.693  1.00 32.74 ? 513 HOH A O    1 
HETATM 1503 O O    . HOH C 3 .   ? -5.175  8.882   -21.182 1.00 45.29 ? 514 HOH A O    1 
HETATM 1504 O O    . HOH C 3 .   ? 7.407   12.116  11.170  1.00 40.24 ? 515 HOH A O    1 
HETATM 1505 O O    . HOH C 3 .   ? -10.194 7.609   11.978  1.00 43.02 ? 516 HOH A O    1 
HETATM 1506 O O    . HOH C 3 .   ? 5.581   -3.657  -19.052 1.00 37.31 ? 517 HOH A O    1 
HETATM 1507 O O    . HOH C 3 .   ? 10.054  11.619  10.793  1.00 27.81 ? 518 HOH A O    1 
HETATM 1508 O O    . HOH C 3 .   ? 10.480  -8.278  -7.445  1.00 32.21 ? 519 HOH A O    1 
HETATM 1509 O O    . HOH C 3 .   ? -14.065 5.920   -1.558  1.00 40.79 ? 520 HOH A O    1 
HETATM 1510 O O    . HOH C 3 .   ? -1.557  -16.239 13.266  1.00 33.21 ? 521 HOH A O    1 
HETATM 1511 O O    . HOH C 3 .   ? 6.071   -15.792 1.912   1.00 40.20 ? 522 HOH A O    1 
HETATM 1512 O O    . HOH C 3 .   ? 1.824   19.503  1.330   1.00 35.34 ? 523 HOH A O    1 
HETATM 1513 O O    . HOH C 3 .   ? -6.006  10.350  7.582   1.00 31.26 ? 524 HOH A O    1 
HETATM 1514 O O    . HOH C 3 .   ? 3.306   7.660   24.480  1.00 34.46 ? 525 HOH A O    1 
HETATM 1515 O O    . HOH C 3 .   ? 2.451   -12.221 -13.392 1.00 37.81 ? 526 HOH A O    1 
HETATM 1516 O O    . HOH C 3 .   ? -0.530  17.909  1.437   1.00 21.71 ? 527 HOH A O    1 
HETATM 1517 O O    . HOH C 3 .   ? -3.353  14.424  2.406   1.00 21.21 ? 528 HOH A O    1 
HETATM 1518 O O    . HOH C 3 .   ? -8.161  4.303   -15.947 1.00 28.34 ? 529 HOH A O    1 
HETATM 1519 O O    . HOH C 3 .   ? -0.653  5.935   30.391  1.00 36.38 ? 530 HOH A O    1 
HETATM 1520 O O    . HOH C 3 .   ? -7.457  10.002  -0.675  1.00 28.94 ? 531 HOH A O    1 
HETATM 1521 O O    . HOH C 3 .   ? -3.705  -17.204 5.390   1.00 43.72 ? 532 HOH A O    1 
HETATM 1522 O O    . HOH C 3 .   ? 4.818   -8.888  -15.079 1.00 31.96 ? 533 HOH A O    1 
HETATM 1523 O O    . HOH C 3 .   ? -12.327 2.106   9.875   1.00 27.80 ? 534 HOH A O    1 
HETATM 1524 O O    . HOH C 3 .   ? -13.791 3.570   -6.298  1.00 31.91 ? 535 HOH A O    1 
HETATM 1525 O O    . HOH C 3 .   ? -3.834  -17.205 -0.896  1.00 35.86 ? 536 HOH A O    1 
HETATM 1526 O O    . HOH C 3 .   ? -10.927 6.001   -6.290  1.00 34.36 ? 537 HOH A O    1 
HETATM 1527 O O    . HOH C 3 .   ? -10.228 -11.483 -7.462  1.00 32.07 ? 538 HOH A O    1 
HETATM 1528 O O    . HOH C 3 .   ? 9.975   -10.505 -11.020 1.00 36.62 ? 539 HOH A O    1 
HETATM 1529 O O    . HOH C 3 .   ? -3.105  -11.183 -15.751 1.00 42.45 ? 540 HOH A O    1 
HETATM 1530 O O    . HOH C 3 .   ? -16.167 -8.032  -11.619 1.00 33.34 ? 541 HOH A O    1 
HETATM 1531 O O    . HOH C 3 .   ? 6.485   -6.320  -18.290 1.00 31.36 ? 542 HOH A O    1 
HETATM 1532 O O    . HOH C 3 .   ? -0.532  8.612   26.611  1.00 24.91 ? 543 HOH A O    1 
HETATM 1533 O O    . HOH C 3 .   ? -6.695  8.590   29.035  1.00 25.10 ? 544 HOH A O    1 
HETATM 1534 O O    . HOH C 3 .   ? 13.149  -6.559  -9.102  1.00 36.51 ? 545 HOH A O    1 
HETATM 1535 O O    . HOH C 3 .   ? 8.251   16.902  6.349   1.00 38.43 ? 546 HOH A O    1 
HETATM 1536 O O    . HOH C 3 .   ? 4.318   -10.831 11.203  1.00 39.03 ? 547 HOH A O    1 
HETATM 1537 O O    . HOH C 3 .   ? 0.214   15.871  4.679   1.00 18.86 ? 548 HOH A O    1 
HETATM 1538 O O    . HOH C 3 .   ? 4.429   -8.176  -18.984 1.00 35.93 ? 549 HOH A O    1 
HETATM 1539 O O    . HOH C 3 .   ? -6.680  14.195  -0.948  1.00 29.73 ? 550 HOH A O    1 
HETATM 1540 O O    . HOH C 3 .   ? 8.350   -10.184 7.408   1.00 30.61 ? 551 HOH A O    1 
HETATM 1541 O O    . HOH C 3 .   ? -2.116  19.141  -0.475  1.00 21.42 ? 552 HOH A O    1 
HETATM 1542 O O    . HOH C 3 .   ? -11.339 -3.060  17.173  1.00 42.61 ? 553 HOH A O    1 
HETATM 1543 O O    . HOH C 3 .   ? -6.933  -0.670  20.049  1.00 25.84 ? 554 HOH A O    1 
HETATM 1544 O O    . HOH C 3 .   ? -7.535  5.640   -20.010 1.00 34.43 ? 555 HOH A O    1 
HETATM 1545 O O    . HOH C 3 .   ? -13.772 4.322   8.837   1.00 35.62 ? 556 HOH A O    1 
HETATM 1546 O O    . HOH C 3 .   ? -12.370 4.812   -9.591  1.00 34.10 ? 557 HOH A O    1 
HETATM 1547 O O    . HOH C 3 .   ? -8.656  -4.897  17.118  1.00 42.91 ? 558 HOH A O    1 
HETATM 1548 O O    . HOH C 3 .   ? -4.115  14.189  5.082   1.00 31.24 ? 559 HOH A O    1 
HETATM 1549 O O    . HOH C 3 .   ? 13.868  -10.214 -2.630  1.00 40.26 ? 560 HOH A O    1 
HETATM 1550 O O    . HOH C 3 .   ? -9.447  -9.102  -10.040 1.00 39.53 ? 561 HOH A O    1 
HETATM 1551 O O    . HOH C 3 .   ? 5.711   18.585  4.009   1.00 37.00 ? 562 HOH A O    1 
HETATM 1552 O O    . HOH C 3 .   ? -1.534  14.672  6.410   1.00 34.09 ? 563 HOH A O    1 
HETATM 1553 O O    . HOH C 3 .   ? 20.402  4.088   -9.561  1.00 23.63 ? 564 HOH A O    1 
HETATM 1554 O O    . HOH C 3 .   ? -5.178  16.050  0.955   1.00 33.26 ? 565 HOH A O    1 
HETATM 1555 O O    . HOH C 3 .   ? -12.235 7.288   -10.563 1.00 28.90 ? 566 HOH A O    1 
HETATM 1556 O O    . HOH C 3 .   ? 0.866   18.444  5.112   1.00 36.08 ? 567 HOH A O    1 
HETATM 1557 O O    . HOH C 3 .   ? 4.155   18.569  5.678   1.00 36.50 ? 568 HOH A O    1 
# 
loop_
_pdbx_poly_seq_scheme.asym_id 
_pdbx_poly_seq_scheme.entity_id 
_pdbx_poly_seq_scheme.seq_id 
_pdbx_poly_seq_scheme.mon_id 
_pdbx_poly_seq_scheme.ndb_seq_num 
_pdbx_poly_seq_scheme.pdb_seq_num 
_pdbx_poly_seq_scheme.auth_seq_num 
_pdbx_poly_seq_scheme.pdb_mon_id 
_pdbx_poly_seq_scheme.auth_mon_id 
_pdbx_poly_seq_scheme.pdb_strand_id 
_pdbx_poly_seq_scheme.pdb_ins_code 
_pdbx_poly_seq_scheme.hetero 
A 1 1   MET 1   -20 ?   ?   ?   A . n 
A 1 2   GLY 2   -19 ?   ?   ?   A . n 
A 1 3   SER 3   -18 ?   ?   ?   A . n 
A 1 4   SER 4   -17 ?   ?   ?   A . n 
A 1 5   HIS 5   -16 ?   ?   ?   A . n 
A 1 6   HIS 6   -15 ?   ?   ?   A . n 
A 1 7   HIS 7   -14 ?   ?   ?   A . n 
A 1 8   HIS 8   -13 ?   ?   ?   A . n 
A 1 9   HIS 9   -12 ?   ?   ?   A . n 
A 1 10  HIS 10  -11 ?   ?   ?   A . n 
A 1 11  SER 11  -10 ?   ?   ?   A . n 
A 1 12  SER 12  -9  ?   ?   ?   A . n 
A 1 13  GLY 13  -8  ?   ?   ?   A . n 
A 1 14  LEU 14  -7  ?   ?   ?   A . n 
A 1 15  VAL 15  -6  ?   ?   ?   A . n 
A 1 16  PRO 16  -5  ?   ?   ?   A . n 
A 1 17  ARG 17  -4  ?   ?   ?   A . n 
A 1 18  GLY 18  -3  ?   ?   ?   A . n 
A 1 19  SER 19  -2  ?   ?   ?   A . n 
A 1 20  HIS 20  -1  ?   ?   ?   A . n 
A 1 21  MET 21  0   ?   ?   ?   A . n 
A 1 22  ALA 22  1   ?   ?   ?   A . n 
A 1 23  GLU 23  2   ?   ?   ?   A . n 
A 1 24  GLN 24  3   ?   ?   ?   A . n 
A 1 25  ALA 25  4   4   ALA ALA A . n 
A 1 26  THR 26  5   5   THR THR A . n 
A 1 27  LYS 27  6   6   LYS LYS A . n 
A 1 28  SER 28  7   7   SER SER A . n 
A 1 29  VAL 29  8   8   VAL VAL A . n 
A 1 30  LEU 30  9   9   LEU LEU A . n 
A 1 31  PHE 31  10  10  PHE PHE A . n 
A 1 32  VAL 32  11  11  VAL VAL A . n 
A 1 33  CYS 33  12  12  CYS CYS A . n 
A 1 34  LEU 34  13  13  LEU LEU A . n 
A 1 35  GLY 35  14  14  GLY GLY A . n 
A 1 36  ASN 36  15  15  ASN ASN A . n 
A 1 37  ILE 37  16  16  ILE ILE A . n 
A 1 38  CYS 38  17  17  CYS CYS A . n 
A 1 39  ARG 39  18  18  ARG ARG A . n 
A 1 40  SER 40  19  19  SER SER A . n 
A 1 41  PRO 41  20  20  PRO PRO A . n 
A 1 42  ILE 42  21  21  ILE ILE A . n 
A 1 43  ALA 43  22  22  ALA ALA A . n 
A 1 44  GLU 44  23  23  GLU GLU A . n 
A 1 45  ALA 45  24  24  ALA ALA A . n 
A 1 46  VAL 46  25  25  VAL VAL A . n 
A 1 47  PHE 47  26  26  PHE PHE A . n 
A 1 48  ARG 48  27  27  ARG ARG A . n 
A 1 49  LYS 49  28  28  LYS LYS A . n 
A 1 50  LEU 50  29  29  LEU LEU A . n 
A 1 51  VAL 51  30  30  VAL VAL A . n 
A 1 52  THR 52  31  31  THR THR A . n 
A 1 53  ASP 53  32  32  ASP ASP A . n 
A 1 54  GLN 54  33  33  GLN GLN A . n 
A 1 55  ASN 55  34  34  ASN ASN A . n 
A 1 56  ILE 56  35  35  ILE ILE A . n 
A 1 57  SER 57  36  36  SER SER A . n 
A 1 58  GLU 58  37  37  GLU GLU A . n 
A 1 59  ASN 59  38  38  ASN ASN A . n 
A 1 60  TRP 60  39  39  TRP TRP A . n 
A 1 61  ARG 61  40  40  ARG ARG A . n 
A 1 62  VAL 62  41  41  VAL VAL A . n 
A 1 63  ASP 63  42  42  ASP ASP A . n 
A 1 64  SER 64  43  43  SER SER A . n 
A 1 65  ALA 65  44  44  ALA ALA A . n 
A 1 66  ALA 66  45  45  ALA ALA A . n 
A 1 67  THR 67  46  46  THR THR A . n 
A 1 68  SER 68  47  47  SER SER A . n 
A 1 69  GLY 69  48  48  GLY GLY A . n 
A 1 70  TYR 70  49  49  TYR TYR A . n 
A 1 71  GLU 71  50  50  GLU GLU A . n 
A 1 72  ILE 72  51  51  ILE ILE A . n 
A 1 73  GLY 73  52  52  GLY GLY A . n 
A 1 74  ASN 74  53  53  ASN ASN A . n 
A 1 75  PRO 75  54  54  PRO PRO A . n 
A 1 76  PRO 76  55  55  PRO PRO A . n 
A 1 77  ASP 77  56  56  ASP ASP A . n 
A 1 78  TYR 78  57  57  TYR TYR A . n 
A 1 79  ARG 79  58  58  ARG ARG A . n 
A 1 80  GLY 80  59  59  GLY GLY A . n 
A 1 81  GLN 81  60  60  GLN GLN A . n 
A 1 82  SER 82  61  61  SER SER A . n 
A 1 83  CYS 83  62  62  CYS CYS A . n 
A 1 84  MET 84  63  63  MET MET A . n 
A 1 85  LYS 85  64  64  LYS LYS A . n 
A 1 86  ARG 86  65  65  ARG ARG A . n 
A 1 87  HIS 87  66  66  HIS HIS A . n 
A 1 88  GLY 88  67  67  GLY GLY A . n 
A 1 89  ILE 89  68  68  ILE ILE A . n 
A 1 90  PRO 90  69  69  PRO PRO A . n 
A 1 91  MET 91  70  70  MET MET A . n 
A 1 92  SER 92  71  71  SER SER A . n 
A 1 93  HIS 93  72  72  HIS HIS A . n 
A 1 94  VAL 94  73  73  VAL VAL A . n 
A 1 95  ALA 95  74  74  ALA ALA A . n 
A 1 96  ARG 96  75  75  ARG ARG A . n 
A 1 97  GLN 97  76  76  GLN GLN A . n 
A 1 98  ILE 98  77  77  ILE ILE A . n 
A 1 99  THR 99  78  78  THR THR A . n 
A 1 100 LYS 100 79  79  LYS LYS A . n 
A 1 101 GLU 101 80  80  GLU GLU A . n 
A 1 102 ASP 102 81  81  ASP ASP A . n 
A 1 103 PHE 103 82  82  PHE PHE A . n 
A 1 104 ALA 104 83  83  ALA ALA A . n 
A 1 105 THR 105 84  84  THR THR A . n 
A 1 106 PHE 106 85  85  PHE PHE A . n 
A 1 107 ASP 107 86  86  ASP ASP A . n 
A 1 108 TYR 108 87  87  TYR TYR A . n 
A 1 109 ILE 109 88  88  ILE ILE A . n 
A 1 110 LEU 110 89  89  LEU LEU A . n 
A 1 111 CYS 111 90  90  CYS CYS A . n 
A 1 112 MET 112 91  91  MET MET A . n 
A 1 113 ASP 113 92  92  ASP ASP A . n 
A 1 114 GLU 114 93  93  GLU GLU A . n 
A 1 115 SER 115 94  94  SER SER A . n 
A 1 116 ASN 116 95  95  ASN ASN A . n 
A 1 117 LEU 117 96  96  LEU LEU A . n 
A 1 118 ARG 118 97  97  ARG ARG A . n 
A 1 119 ASP 119 98  98  ASP ASP A . n 
A 1 120 LEU 120 99  99  LEU LEU A . n 
A 1 121 ASN 121 100 100 ASN ASN A . n 
A 1 122 ARG 122 101 101 ARG ARG A . n 
A 1 123 LYS 123 102 102 LYS LYS A . n 
A 1 124 SER 124 103 103 SER SER A . n 
A 1 125 ASN 125 104 104 ASN ASN A . n 
A 1 126 GLN 126 105 105 GLN GLN A . n 
A 1 127 VAL 127 106 106 VAL VAL A . n 
A 1 128 LYS 128 107 107 LYS LYS A . n 
A 1 129 THR 129 108 108 THR THR A . n 
A 1 130 CYS 130 109 109 CYS CYS A . n 
A 1 131 LYS 131 110 110 LYS LYS A . n 
A 1 132 ALA 132 111 111 ALA ALA A . n 
A 1 133 LYS 133 112 112 LYS LYS A . n 
A 1 134 ILE 134 113 113 ILE ILE A . n 
A 1 135 GLU 135 114 114 GLU GLU A . n 
A 1 136 LEU 136 115 115 LEU LEU A . n 
A 1 137 LEU 137 116 116 LEU LEU A . n 
A 1 138 GLY 138 117 117 GLY GLY A . n 
A 1 139 SER 139 118 118 SER SER A . n 
A 1 140 TYR 140 119 119 TYR TYR A . n 
A 1 141 ASP 141 120 120 ASP ASP A . n 
A 1 142 PRO 142 121 121 PRO PRO A . n 
A 1 143 GLN 143 122 122 GLN GLN A . n 
A 1 144 LYS 144 123 123 LYS LYS A . n 
A 1 145 GLN 145 124 124 GLN GLN A . n 
A 1 146 LEU 146 125 125 LEU LEU A . n 
A 1 147 ILE 147 126 126 ILE ILE A . n 
A 1 148 ILE 148 127 127 ILE ILE A . n 
A 1 149 GLU 149 128 128 GLU GLU A . n 
A 1 150 ASP 150 129 129 ASP ASP A . n 
A 1 151 PRO 151 130 130 PRO PRO A . n 
A 1 152 TYR 152 131 131 TYR TYR A . n 
A 1 153 TYR 153 132 132 TYR TYR A . n 
A 1 154 GLY 154 133 133 GLY GLY A . n 
A 1 155 ASN 155 134 134 ASN ASN A . n 
A 1 156 ASP 156 135 135 ASP ASP A . n 
A 1 157 SER 157 136 136 SER SER A . n 
A 1 158 ASP 158 137 137 ASP ASP A . n 
A 1 159 PHE 159 138 138 PHE PHE A . n 
A 1 160 GLU 160 139 139 GLU GLU A . n 
A 1 161 THR 161 140 140 THR THR A . n 
A 1 162 VAL 162 141 141 VAL VAL A . n 
A 1 163 TYR 163 142 142 TYR TYR A . n 
A 1 164 GLN 164 143 143 GLN GLN A . n 
A 1 165 GLN 165 144 144 GLN GLN A . n 
A 1 166 CYS 166 145 145 CYS CYS A . n 
A 1 167 VAL 167 146 146 VAL VAL A . n 
A 1 168 ARG 168 147 147 ARG ARG A . n 
A 1 169 CYS 169 148 148 CYS CYS A . n 
A 1 170 CYS 170 149 149 CYS CYS A . n 
A 1 171 ARG 171 150 150 ARG ARG A . n 
A 1 172 ALA 172 151 151 ALA ALA A . n 
A 1 173 PHE 173 152 152 PHE PHE A . n 
A 1 174 LEU 174 153 153 LEU LEU A . n 
A 1 175 GLU 175 154 154 GLU GLU A . n 
A 1 176 LYS 176 155 155 LYS LYS A . n 
A 1 177 ALA 177 156 156 ALA ALA A . n 
A 1 178 HIS 178 157 157 HIS HIS A . n 
# 
loop_
_pdbx_nonpoly_scheme.asym_id 
_pdbx_nonpoly_scheme.entity_id 
_pdbx_nonpoly_scheme.mon_id 
_pdbx_nonpoly_scheme.ndb_seq_num 
_pdbx_nonpoly_scheme.pdb_seq_num 
_pdbx_nonpoly_scheme.auth_seq_num 
_pdbx_nonpoly_scheme.pdb_mon_id 
_pdbx_nonpoly_scheme.auth_mon_id 
_pdbx_nonpoly_scheme.pdb_strand_id 
_pdbx_nonpoly_scheme.pdb_ins_code 
B 2 6VY 1   200 200 6VY N05 A . 
C 3 HOH 1   301 489 HOH HOH A . 
C 3 HOH 2   302 534 HOH HOH A . 
C 3 HOH 3   303 419 HOH HOH A . 
C 3 HOH 4   304 543 HOH HOH A . 
C 3 HOH 5   305 483 HOH HOH A . 
C 3 HOH 6   306 480 HOH HOH A . 
C 3 HOH 7   307 442 HOH HOH A . 
C 3 HOH 8   308 454 HOH HOH A . 
C 3 HOH 9   309 395 HOH HOH A . 
C 3 HOH 10  310 356 HOH HOH A . 
C 3 HOH 11  311 516 HOH HOH A . 
C 3 HOH 12  312 393 HOH HOH A . 
C 3 HOH 13  313 407 HOH HOH A . 
C 3 HOH 14  314 417 HOH HOH A . 
C 3 HOH 15  315 333 HOH HOH A . 
C 3 HOH 16  316 403 HOH HOH A . 
C 3 HOH 17  317 341 HOH HOH A . 
C 3 HOH 18  318 379 HOH HOH A . 
C 3 HOH 19  319 488 HOH HOH A . 
C 3 HOH 20  320 533 HOH HOH A . 
C 3 HOH 21  321 316 HOH HOH A . 
C 3 HOH 22  322 508 HOH HOH A . 
C 3 HOH 23  323 390 HOH HOH A . 
C 3 HOH 24  324 474 HOH HOH A . 
C 3 HOH 25  325 406 HOH HOH A . 
C 3 HOH 26  326 319 HOH HOH A . 
C 3 HOH 27  327 515 HOH HOH A . 
C 3 HOH 28  328 520 HOH HOH A . 
C 3 HOH 29  329 564 HOH HOH A . 
C 3 HOH 30  330 343 HOH HOH A . 
C 3 HOH 31  331 435 HOH HOH A . 
C 3 HOH 32  332 539 HOH HOH A . 
C 3 HOH 33  333 396 HOH HOH A . 
C 3 HOH 34  334 312 HOH HOH A . 
C 3 HOH 35  335 384 HOH HOH A . 
C 3 HOH 36  336 470 HOH HOH A . 
C 3 HOH 37  337 545 HOH HOH A . 
C 3 HOH 38  338 478 HOH HOH A . 
C 3 HOH 39  339 530 HOH HOH A . 
C 3 HOH 40  340 350 HOH HOH A . 
C 3 HOH 41  341 309 HOH HOH A . 
C 3 HOH 42  342 376 HOH HOH A . 
C 3 HOH 43  343 368 HOH HOH A . 
C 3 HOH 44  344 303 HOH HOH A . 
C 3 HOH 45  345 348 HOH HOH A . 
C 3 HOH 46  346 495 HOH HOH A . 
C 3 HOH 47  347 317 HOH HOH A . 
C 3 HOH 48  348 380 HOH HOH A . 
C 3 HOH 49  349 433 HOH HOH A . 
C 3 HOH 50  350 458 HOH HOH A . 
C 3 HOH 51  351 311 HOH HOH A . 
C 3 HOH 52  352 363 HOH HOH A . 
C 3 HOH 53  353 327 HOH HOH A . 
C 3 HOH 54  354 339 HOH HOH A . 
C 3 HOH 55  355 541 HOH HOH A . 
C 3 HOH 56  356 360 HOH HOH A . 
C 3 HOH 57  357 437 HOH HOH A . 
C 3 HOH 58  358 524 HOH HOH A . 
C 3 HOH 59  359 336 HOH HOH A . 
C 3 HOH 60  360 444 HOH HOH A . 
C 3 HOH 61  361 399 HOH HOH A . 
C 3 HOH 62  362 326 HOH HOH A . 
C 3 HOH 63  363 362 HOH HOH A . 
C 3 HOH 64  364 351 HOH HOH A . 
C 3 HOH 65  365 472 HOH HOH A . 
C 3 HOH 66  366 345 HOH HOH A . 
C 3 HOH 67  367 357 HOH HOH A . 
C 3 HOH 68  368 340 HOH HOH A . 
C 3 HOH 69  369 315 HOH HOH A . 
C 3 HOH 70  370 392 HOH HOH A . 
C 3 HOH 71  371 324 HOH HOH A . 
C 3 HOH 72  372 381 HOH HOH A . 
C 3 HOH 73  373 318 HOH HOH A . 
C 3 HOH 74  374 427 HOH HOH A . 
C 3 HOH 75  375 308 HOH HOH A . 
C 3 HOH 76  376 334 HOH HOH A . 
C 3 HOH 77  377 405 HOH HOH A . 
C 3 HOH 78  378 450 HOH HOH A . 
C 3 HOH 79  379 494 HOH HOH A . 
C 3 HOH 80  380 320 HOH HOH A . 
C 3 HOH 81  381 354 HOH HOH A . 
C 3 HOH 82  382 342 HOH HOH A . 
C 3 HOH 83  383 372 HOH HOH A . 
C 3 HOH 84  384 347 HOH HOH A . 
C 3 HOH 85  385 330 HOH HOH A . 
C 3 HOH 86  386 304 HOH HOH A . 
C 3 HOH 87  387 387 HOH HOH A . 
C 3 HOH 88  388 301 HOH HOH A . 
C 3 HOH 89  389 331 HOH HOH A . 
C 3 HOH 90  390 385 HOH HOH A . 
C 3 HOH 91  391 307 HOH HOH A . 
C 3 HOH 92  392 567 HOH HOH A . 
C 3 HOH 93  393 310 HOH HOH A . 
C 3 HOH 94  394 394 HOH HOH A . 
C 3 HOH 95  395 481 HOH HOH A . 
C 3 HOH 96  396 335 HOH HOH A . 
C 3 HOH 97  397 382 HOH HOH A . 
C 3 HOH 98  398 562 HOH HOH A . 
C 3 HOH 99  399 430 HOH HOH A . 
C 3 HOH 100 400 353 HOH HOH A . 
C 3 HOH 101 401 375 HOH HOH A . 
C 3 HOH 102 402 325 HOH HOH A . 
C 3 HOH 103 403 358 HOH HOH A . 
C 3 HOH 104 404 452 HOH HOH A . 
C 3 HOH 105 405 447 HOH HOH A . 
C 3 HOH 106 406 550 HOH HOH A . 
C 3 HOH 107 407 337 HOH HOH A . 
C 3 HOH 108 408 557 HOH HOH A . 
C 3 HOH 109 409 500 HOH HOH A . 
C 3 HOH 110 410 378 HOH HOH A . 
C 3 HOH 111 411 329 HOH HOH A . 
C 3 HOH 112 412 346 HOH HOH A . 
C 3 HOH 113 413 371 HOH HOH A . 
C 3 HOH 114 414 420 HOH HOH A . 
C 3 HOH 115 415 535 HOH HOH A . 
C 3 HOH 116 416 468 HOH HOH A . 
C 3 HOH 117 417 306 HOH HOH A . 
C 3 HOH 118 418 415 HOH HOH A . 
C 3 HOH 119 419 561 HOH HOH A . 
C 3 HOH 120 420 425 HOH HOH A . 
C 3 HOH 121 421 313 HOH HOH A . 
C 3 HOH 122 422 369 HOH HOH A . 
C 3 HOH 123 423 374 HOH HOH A . 
C 3 HOH 124 424 538 HOH HOH A . 
C 3 HOH 125 425 496 HOH HOH A . 
C 3 HOH 126 426 344 HOH HOH A . 
C 3 HOH 127 427 338 HOH HOH A . 
C 3 HOH 128 428 475 HOH HOH A . 
C 3 HOH 129 429 323 HOH HOH A . 
C 3 HOH 130 430 436 HOH HOH A . 
C 3 HOH 131 431 502 HOH HOH A . 
C 3 HOH 132 432 547 HOH HOH A . 
C 3 HOH 133 433 408 HOH HOH A . 
C 3 HOH 134 434 514 HOH HOH A . 
C 3 HOH 135 435 506 HOH HOH A . 
C 3 HOH 136 436 349 HOH HOH A . 
C 3 HOH 137 437 361 HOH HOH A . 
C 3 HOH 138 438 525 HOH HOH A . 
C 3 HOH 139 439 365 HOH HOH A . 
C 3 HOH 140 440 485 HOH HOH A . 
C 3 HOH 141 441 532 HOH HOH A . 
C 3 HOH 142 442 359 HOH HOH A . 
C 3 HOH 143 443 386 HOH HOH A . 
C 3 HOH 144 444 314 HOH HOH A . 
C 3 HOH 145 445 552 HOH HOH A . 
C 3 HOH 146 446 305 HOH HOH A . 
C 3 HOH 147 447 321 HOH HOH A . 
C 3 HOH 148 448 352 HOH HOH A . 
C 3 HOH 149 449 398 HOH HOH A . 
C 3 HOH 150 450 377 HOH HOH A . 
C 3 HOH 151 451 445 HOH HOH A . 
C 3 HOH 152 452 328 HOH HOH A . 
C 3 HOH 153 453 423 HOH HOH A . 
C 3 HOH 154 454 388 HOH HOH A . 
C 3 HOH 155 455 513 HOH HOH A . 
C 3 HOH 156 456 548 HOH HOH A . 
C 3 HOH 157 457 551 HOH HOH A . 
C 3 HOH 158 458 426 HOH HOH A . 
C 3 HOH 159 459 448 HOH HOH A . 
C 3 HOH 160 460 503 HOH HOH A . 
C 3 HOH 161 461 416 HOH HOH A . 
C 3 HOH 162 462 565 HOH HOH A . 
C 3 HOH 163 463 566 HOH HOH A . 
C 3 HOH 164 464 404 HOH HOH A . 
C 3 HOH 165 465 443 HOH HOH A . 
C 3 HOH 166 466 322 HOH HOH A . 
C 3 HOH 167 467 544 HOH HOH A . 
C 3 HOH 168 468 512 HOH HOH A . 
C 3 HOH 169 469 424 HOH HOH A . 
C 3 HOH 170 470 367 HOH HOH A . 
C 3 HOH 171 471 476 HOH HOH A . 
C 3 HOH 172 472 463 HOH HOH A . 
C 3 HOH 173 473 391 HOH HOH A . 
C 3 HOH 174 474 412 HOH HOH A . 
C 3 HOH 175 475 431 HOH HOH A . 
C 3 HOH 176 476 302 HOH HOH A . 
C 3 HOH 177 477 465 HOH HOH A . 
C 3 HOH 178 478 556 HOH HOH A . 
C 3 HOH 179 479 389 HOH HOH A . 
C 3 HOH 180 480 471 HOH HOH A . 
C 3 HOH 181 481 438 HOH HOH A . 
C 3 HOH 182 482 549 HOH HOH A . 
C 3 HOH 183 483 441 HOH HOH A . 
C 3 HOH 184 484 510 HOH HOH A . 
C 3 HOH 185 485 531 HOH HOH A . 
C 3 HOH 186 486 529 HOH HOH A . 
C 3 HOH 187 487 402 HOH HOH A . 
C 3 HOH 188 488 479 HOH HOH A . 
C 3 HOH 189 489 469 HOH HOH A . 
C 3 HOH 190 490 559 HOH HOH A . 
C 3 HOH 191 491 519 HOH HOH A . 
C 3 HOH 192 492 473 HOH HOH A . 
C 3 HOH 193 493 490 HOH HOH A . 
C 3 HOH 194 494 449 HOH HOH A . 
C 3 HOH 195 495 455 HOH HOH A . 
C 3 HOH 196 496 466 HOH HOH A . 
C 3 HOH 197 497 528 HOH HOH A . 
C 3 HOH 198 498 536 HOH HOH A . 
C 3 HOH 199 499 440 HOH HOH A . 
C 3 HOH 200 500 486 HOH HOH A . 
C 3 HOH 201 501 522 HOH HOH A . 
C 3 HOH 202 502 413 HOH HOH A . 
C 3 HOH 203 503 432 HOH HOH A . 
C 3 HOH 204 504 451 HOH HOH A . 
C 3 HOH 205 505 411 HOH HOH A . 
C 3 HOH 206 506 527 HOH HOH A . 
C 3 HOH 207 507 457 HOH HOH A . 
C 3 HOH 208 508 370 HOH HOH A . 
C 3 HOH 209 509 456 HOH HOH A . 
C 3 HOH 210 510 555 HOH HOH A . 
C 3 HOH 211 511 554 HOH HOH A . 
C 3 HOH 212 512 429 HOH HOH A . 
C 3 HOH 213 513 453 HOH HOH A . 
C 3 HOH 214 514 542 HOH HOH A . 
C 3 HOH 215 515 568 HOH HOH A . 
C 3 HOH 216 516 563 HOH HOH A . 
C 3 HOH 217 517 546 HOH HOH A . 
C 3 HOH 218 518 482 HOH HOH A . 
C 3 HOH 219 519 434 HOH HOH A . 
C 3 HOH 220 520 467 HOH HOH A . 
C 3 HOH 221 521 507 HOH HOH A . 
C 3 HOH 222 522 553 HOH HOH A . 
C 3 HOH 223 523 446 HOH HOH A . 
C 3 HOH 224 524 461 HOH HOH A . 
C 3 HOH 225 525 499 HOH HOH A . 
C 3 HOH 226 526 497 HOH HOH A . 
C 3 HOH 227 527 355 HOH HOH A . 
C 3 HOH 228 528 366 HOH HOH A . 
C 3 HOH 229 529 400 HOH HOH A . 
C 3 HOH 230 530 501 HOH HOH A . 
C 3 HOH 231 531 421 HOH HOH A . 
C 3 HOH 232 532 477 HOH HOH A . 
C 3 HOH 233 533 383 HOH HOH A . 
C 3 HOH 234 534 422 HOH HOH A . 
C 3 HOH 235 535 459 HOH HOH A . 
C 3 HOH 236 536 504 HOH HOH A . 
C 3 HOH 237 537 498 HOH HOH A . 
C 3 HOH 238 538 428 HOH HOH A . 
C 3 HOH 239 539 540 HOH HOH A . 
C 3 HOH 240 540 517 HOH HOH A . 
C 3 HOH 241 541 418 HOH HOH A . 
C 3 HOH 242 542 397 HOH HOH A . 
C 3 HOH 243 543 537 HOH HOH A . 
C 3 HOH 244 544 373 HOH HOH A . 
C 3 HOH 245 545 526 HOH HOH A . 
C 3 HOH 246 546 492 HOH HOH A . 
C 3 HOH 247 547 523 HOH HOH A . 
C 3 HOH 248 548 332 HOH HOH A . 
C 3 HOH 249 549 439 HOH HOH A . 
C 3 HOH 250 550 410 HOH HOH A . 
C 3 HOH 251 551 462 HOH HOH A . 
C 3 HOH 252 552 364 HOH HOH A . 
C 3 HOH 253 553 521 HOH HOH A . 
C 3 HOH 254 554 414 HOH HOH A . 
C 3 HOH 255 555 487 HOH HOH A . 
C 3 HOH 256 556 509 HOH HOH A . 
C 3 HOH 257 557 558 HOH HOH A . 
C 3 HOH 258 558 560 HOH HOH A . 
C 3 HOH 259 559 484 HOH HOH A . 
C 3 HOH 260 560 518 HOH HOH A . 
C 3 HOH 261 561 464 HOH HOH A . 
C 3 HOH 262 562 511 HOH HOH A . 
C 3 HOH 263 563 460 HOH HOH A . 
C 3 HOH 264 564 409 HOH HOH A . 
C 3 HOH 265 565 505 HOH HOH A . 
C 3 HOH 266 566 401 HOH HOH A . 
C 3 HOH 267 567 491 HOH HOH A . 
C 3 HOH 268 568 493 HOH HOH A . 
# 
_pdbx_struct_assembly.id                   1 
_pdbx_struct_assembly.details              author_and_software_defined_assembly 
_pdbx_struct_assembly.method_details       PISA 
_pdbx_struct_assembly.oligomeric_details   monomeric 
_pdbx_struct_assembly.oligomeric_count     1 
# 
_pdbx_struct_assembly_gen.assembly_id       1 
_pdbx_struct_assembly_gen.oper_expression   1 
_pdbx_struct_assembly_gen.asym_id_list      A,B,C 
# 
loop_
_pdbx_struct_assembly_prop.biol_id 
_pdbx_struct_assembly_prop.type 
_pdbx_struct_assembly_prop.value 
_pdbx_struct_assembly_prop.details 
1 'ABSA (A^2)' 0    ? 
1 MORE         0    ? 
1 'SSA (A^2)'  7750 ? 
# 
_pdbx_struct_oper_list.id                   1 
_pdbx_struct_oper_list.type                 'identity operation' 
_pdbx_struct_oper_list.name                 1_555 
_pdbx_struct_oper_list.symmetry_operation   x,y,z 
_pdbx_struct_oper_list.matrix[1][1]         1.0000000000 
_pdbx_struct_oper_list.matrix[1][2]         0.0000000000 
_pdbx_struct_oper_list.matrix[1][3]         0.0000000000 
_pdbx_struct_oper_list.vector[1]            0.0000000000 
_pdbx_struct_oper_list.matrix[2][1]         0.0000000000 
_pdbx_struct_oper_list.matrix[2][2]         1.0000000000 
_pdbx_struct_oper_list.matrix[2][3]         0.0000000000 
_pdbx_struct_oper_list.vector[2]            0.0000000000 
_pdbx_struct_oper_list.matrix[3][1]         0.0000000000 
_pdbx_struct_oper_list.matrix[3][2]         0.0000000000 
_pdbx_struct_oper_list.matrix[3][3]         1.0000000000 
_pdbx_struct_oper_list.vector[3]            0.0000000000 
# 
loop_
_pdbx_audit_revision_history.ordinal 
_pdbx_audit_revision_history.data_content_type 
_pdbx_audit_revision_history.major_revision 
_pdbx_audit_revision_history.minor_revision 
_pdbx_audit_revision_history.revision_date 
1 'Structure model' 1 0 2016-10-12 
2 'Structure model' 1 1 2023-10-04 
# 
_pdbx_audit_revision_details.ordinal             1 
_pdbx_audit_revision_details.revision_ordinal    1 
_pdbx_audit_revision_details.data_content_type   'Structure model' 
_pdbx_audit_revision_details.provider            repository 
_pdbx_audit_revision_details.type                'Initial release' 
_pdbx_audit_revision_details.description         ? 
_pdbx_audit_revision_details.details             ? 
# 
loop_
_pdbx_audit_revision_group.ordinal 
_pdbx_audit_revision_group.revision_ordinal 
_pdbx_audit_revision_group.data_content_type 
_pdbx_audit_revision_group.group 
1 2 'Structure model' 'Data collection'        
2 2 'Structure model' 'Database references'    
3 2 'Structure model' 'Derived calculations'   
4 2 'Structure model' 'Refinement description' 
# 
loop_
_pdbx_audit_revision_category.ordinal 
_pdbx_audit_revision_category.revision_ordinal 
_pdbx_audit_revision_category.data_content_type 
_pdbx_audit_revision_category.category 
1 2 'Structure model' chem_comp_atom                
2 2 'Structure model' chem_comp_bond                
3 2 'Structure model' citation                      
4 2 'Structure model' database_2                    
5 2 'Structure model' pdbx_initial_refinement_model 
6 2 'Structure model' pdbx_struct_oper_list         
# 
loop_
_pdbx_audit_revision_item.ordinal 
_pdbx_audit_revision_item.revision_ordinal 
_pdbx_audit_revision_item.data_content_type 
_pdbx_audit_revision_item.item 
1 2 'Structure model' '_citation.journal_id_CSD'                  
2 2 'Structure model' '_database_2.pdbx_DOI'                      
3 2 'Structure model' '_database_2.pdbx_database_accession'       
4 2 'Structure model' '_pdbx_struct_oper_list.symmetry_operation' 
# 
loop_
_software.citation_id 
_software.classification 
_software.compiler_name 
_software.compiler_version 
_software.contact_author 
_software.contact_author_email 
_software.date 
_software.description 
_software.dependencies 
_software.hardware 
_software.language 
_software.location 
_software.mods 
_software.name 
_software.os 
_software.os_version 
_software.type 
_software.version 
_software.pdbx_ordinal 
? refinement       ? ? ? ? ? ? ? ? ? ? ? PHENIX   ? ? ? 1.7.1_743 1 
? 'data reduction' ? ? ? ? ? ? ? ? ? ? ? HKL-3000 ? ? ? .         2 
? 'data scaling'   ? ? ? ? ? ? ? ? ? ? ? HKL-3000 ? ? ? .         3 
? phasing          ? ? ? ? ? ? ? ? ? ? ? MOLREP   ? ? ? .         4 
# 
loop_
_pdbx_validate_close_contact.id 
_pdbx_validate_close_contact.PDB_model_num 
_pdbx_validate_close_contact.auth_atom_id_1 
_pdbx_validate_close_contact.auth_asym_id_1 
_pdbx_validate_close_contact.auth_comp_id_1 
_pdbx_validate_close_contact.auth_seq_id_1 
_pdbx_validate_close_contact.PDB_ins_code_1 
_pdbx_validate_close_contact.label_alt_id_1 
_pdbx_validate_close_contact.auth_atom_id_2 
_pdbx_validate_close_contact.auth_asym_id_2 
_pdbx_validate_close_contact.auth_comp_id_2 
_pdbx_validate_close_contact.auth_seq_id_2 
_pdbx_validate_close_contact.PDB_ins_code_2 
_pdbx_validate_close_contact.label_alt_id_2 
_pdbx_validate_close_contact.dist 
1 1 O   A HOH 425 ? ? O A HOH 485 ? ? 1.46 
2 1 OE1 A GLU 93  ? ? O A HOH 301 ? ? 2.11 
3 1 OD1 A ASP 98  ? ? O A HOH 302 ? ? 2.16 
# 
_pdbx_validate_torsion.id              1 
_pdbx_validate_torsion.PDB_model_num   1 
_pdbx_validate_torsion.auth_comp_id    CYS 
_pdbx_validate_torsion.auth_asym_id    A 
_pdbx_validate_torsion.auth_seq_id     17 
_pdbx_validate_torsion.PDB_ins_code    ? 
_pdbx_validate_torsion.label_alt_id    ? 
_pdbx_validate_torsion.phi             -132.73 
_pdbx_validate_torsion.psi             -77.62 
# 
loop_
_pdbx_distant_solvent_atoms.id 
_pdbx_distant_solvent_atoms.PDB_model_num 
_pdbx_distant_solvent_atoms.auth_atom_id 
_pdbx_distant_solvent_atoms.label_alt_id 
_pdbx_distant_solvent_atoms.auth_asym_id 
_pdbx_distant_solvent_atoms.auth_comp_id 
_pdbx_distant_solvent_atoms.auth_seq_id 
_pdbx_distant_solvent_atoms.PDB_ins_code 
_pdbx_distant_solvent_atoms.neighbor_macromolecule_distance 
_pdbx_distant_solvent_atoms.neighbor_ligand_distance 
1 1 O ? A HOH 567 ? 6.38 . 
2 1 O ? A HOH 568 ? 6.47 . 
# 
loop_
_pdbx_unobs_or_zero_occ_residues.id 
_pdbx_unobs_or_zero_occ_residues.PDB_model_num 
_pdbx_unobs_or_zero_occ_residues.polymer_flag 
_pdbx_unobs_or_zero_occ_residues.occupancy_flag 
_pdbx_unobs_or_zero_occ_residues.auth_asym_id 
_pdbx_unobs_or_zero_occ_residues.auth_comp_id 
_pdbx_unobs_or_zero_occ_residues.auth_seq_id 
_pdbx_unobs_or_zero_occ_residues.PDB_ins_code 
_pdbx_unobs_or_zero_occ_residues.label_asym_id 
_pdbx_unobs_or_zero_occ_residues.label_comp_id 
_pdbx_unobs_or_zero_occ_residues.label_seq_id 
1  1 Y 1 A MET -20 ? A MET 1  
2  1 Y 1 A GLY -19 ? A GLY 2  
3  1 Y 1 A SER -18 ? A SER 3  
4  1 Y 1 A SER -17 ? A SER 4  
5  1 Y 1 A HIS -16 ? A HIS 5  
6  1 Y 1 A HIS -15 ? A HIS 6  
7  1 Y 1 A HIS -14 ? A HIS 7  
8  1 Y 1 A HIS -13 ? A HIS 8  
9  1 Y 1 A HIS -12 ? A HIS 9  
10 1 Y 1 A HIS -11 ? A HIS 10 
11 1 Y 1 A SER -10 ? A SER 11 
12 1 Y 1 A SER -9  ? A SER 12 
13 1 Y 1 A GLY -8  ? A GLY 13 
14 1 Y 1 A LEU -7  ? A LEU 14 
15 1 Y 1 A VAL -6  ? A VAL 15 
16 1 Y 1 A PRO -5  ? A PRO 16 
17 1 Y 1 A ARG -4  ? A ARG 17 
18 1 Y 1 A GLY -3  ? A GLY 18 
19 1 Y 1 A SER -2  ? A SER 19 
20 1 Y 1 A HIS -1  ? A HIS 20 
21 1 Y 1 A MET 0   ? A MET 21 
22 1 Y 1 A ALA 1   ? A ALA 22 
23 1 Y 1 A GLU 2   ? A GLU 23 
24 1 Y 1 A GLN 3   ? A GLN 24 
# 
loop_
_chem_comp_atom.comp_id 
_chem_comp_atom.atom_id 
_chem_comp_atom.type_symbol 
_chem_comp_atom.pdbx_aromatic_flag 
_chem_comp_atom.pdbx_stereo_config 
_chem_comp_atom.pdbx_ordinal 
6VY N01  N N N 1   
6VY C02  C N N 2   
6VY O03  O N N 3   
6VY C04  C N S 4   
6VY C05  C Y N 5   
6VY C06  C Y N 6   
6VY C07  C Y N 7   
6VY C08  C Y N 8   
6VY C09  C Y N 9   
6VY C10  C Y N 10  
6VY S11  S N N 11  
6VY O12  O N N 12  
6VY O13  O N N 13  
6VY O14  O N N 14  
6VY C15  C Y N 15  
6VY C16  C Y N 16  
6VY C17  C Y N 17  
6VY C18  C Y N 18  
6VY C19  C Y N 19  
6VY C20  C Y N 20  
6VY H011 H N N 21  
6VY H041 H N N 22  
6VY H061 H N N 23  
6VY H071 H N N 24  
6VY H081 H N N 25  
6VY H091 H N N 26  
6VY H101 H N N 27  
6VY H2   H N N 28  
6VY H161 H N N 29  
6VY H171 H N N 30  
6VY H181 H N N 31  
6VY H191 H N N 32  
6VY H201 H N N 33  
ALA N    N N N 34  
ALA CA   C N S 35  
ALA C    C N N 36  
ALA O    O N N 37  
ALA CB   C N N 38  
ALA OXT  O N N 39  
ALA H    H N N 40  
ALA H2   H N N 41  
ALA HA   H N N 42  
ALA HB1  H N N 43  
ALA HB2  H N N 44  
ALA HB3  H N N 45  
ALA HXT  H N N 46  
ARG N    N N N 47  
ARG CA   C N S 48  
ARG C    C N N 49  
ARG O    O N N 50  
ARG CB   C N N 51  
ARG CG   C N N 52  
ARG CD   C N N 53  
ARG NE   N N N 54  
ARG CZ   C N N 55  
ARG NH1  N N N 56  
ARG NH2  N N N 57  
ARG OXT  O N N 58  
ARG H    H N N 59  
ARG H2   H N N 60  
ARG HA   H N N 61  
ARG HB2  H N N 62  
ARG HB3  H N N 63  
ARG HG2  H N N 64  
ARG HG3  H N N 65  
ARG HD2  H N N 66  
ARG HD3  H N N 67  
ARG HE   H N N 68  
ARG HH11 H N N 69  
ARG HH12 H N N 70  
ARG HH21 H N N 71  
ARG HH22 H N N 72  
ARG HXT  H N N 73  
ASN N    N N N 74  
ASN CA   C N S 75  
ASN C    C N N 76  
ASN O    O N N 77  
ASN CB   C N N 78  
ASN CG   C N N 79  
ASN OD1  O N N 80  
ASN ND2  N N N 81  
ASN OXT  O N N 82  
ASN H    H N N 83  
ASN H2   H N N 84  
ASN HA   H N N 85  
ASN HB2  H N N 86  
ASN HB3  H N N 87  
ASN HD21 H N N 88  
ASN HD22 H N N 89  
ASN HXT  H N N 90  
ASP N    N N N 91  
ASP CA   C N S 92  
ASP C    C N N 93  
ASP O    O N N 94  
ASP CB   C N N 95  
ASP CG   C N N 96  
ASP OD1  O N N 97  
ASP OD2  O N N 98  
ASP OXT  O N N 99  
ASP H    H N N 100 
ASP H2   H N N 101 
ASP HA   H N N 102 
ASP HB2  H N N 103 
ASP HB3  H N N 104 
ASP HD2  H N N 105 
ASP HXT  H N N 106 
CYS N    N N N 107 
CYS CA   C N R 108 
CYS C    C N N 109 
CYS O    O N N 110 
CYS CB   C N N 111 
CYS SG   S N N 112 
CYS OXT  O N N 113 
CYS H    H N N 114 
CYS H2   H N N 115 
CYS HA   H N N 116 
CYS HB2  H N N 117 
CYS HB3  H N N 118 
CYS HG   H N N 119 
CYS HXT  H N N 120 
GLN N    N N N 121 
GLN CA   C N S 122 
GLN C    C N N 123 
GLN O    O N N 124 
GLN CB   C N N 125 
GLN CG   C N N 126 
GLN CD   C N N 127 
GLN OE1  O N N 128 
GLN NE2  N N N 129 
GLN OXT  O N N 130 
GLN H    H N N 131 
GLN H2   H N N 132 
GLN HA   H N N 133 
GLN HB2  H N N 134 
GLN HB3  H N N 135 
GLN HG2  H N N 136 
GLN HG3  H N N 137 
GLN HE21 H N N 138 
GLN HE22 H N N 139 
GLN HXT  H N N 140 
GLU N    N N N 141 
GLU CA   C N S 142 
GLU C    C N N 143 
GLU O    O N N 144 
GLU CB   C N N 145 
GLU CG   C N N 146 
GLU CD   C N N 147 
GLU OE1  O N N 148 
GLU OE2  O N N 149 
GLU OXT  O N N 150 
GLU H    H N N 151 
GLU H2   H N N 152 
GLU HA   H N N 153 
GLU HB2  H N N 154 
GLU HB3  H N N 155 
GLU HG2  H N N 156 
GLU HG3  H N N 157 
GLU HE2  H N N 158 
GLU HXT  H N N 159 
GLY N    N N N 160 
GLY CA   C N N 161 
GLY C    C N N 162 
GLY O    O N N 163 
GLY OXT  O N N 164 
GLY H    H N N 165 
GLY H2   H N N 166 
GLY HA2  H N N 167 
GLY HA3  H N N 168 
GLY HXT  H N N 169 
HIS N    N N N 170 
HIS CA   C N S 171 
HIS C    C N N 172 
HIS O    O N N 173 
HIS CB   C N N 174 
HIS CG   C Y N 175 
HIS ND1  N Y N 176 
HIS CD2  C Y N 177 
HIS CE1  C Y N 178 
HIS NE2  N Y N 179 
HIS OXT  O N N 180 
HIS H    H N N 181 
HIS H2   H N N 182 
HIS HA   H N N 183 
HIS HB2  H N N 184 
HIS HB3  H N N 185 
HIS HD1  H N N 186 
HIS HD2  H N N 187 
HIS HE1  H N N 188 
HIS HE2  H N N 189 
HIS HXT  H N N 190 
HOH O    O N N 191 
HOH H1   H N N 192 
HOH H2   H N N 193 
ILE N    N N N 194 
ILE CA   C N S 195 
ILE C    C N N 196 
ILE O    O N N 197 
ILE CB   C N S 198 
ILE CG1  C N N 199 
ILE CG2  C N N 200 
ILE CD1  C N N 201 
ILE OXT  O N N 202 
ILE H    H N N 203 
ILE H2   H N N 204 
ILE HA   H N N 205 
ILE HB   H N N 206 
ILE HG12 H N N 207 
ILE HG13 H N N 208 
ILE HG21 H N N 209 
ILE HG22 H N N 210 
ILE HG23 H N N 211 
ILE HD11 H N N 212 
ILE HD12 H N N 213 
ILE HD13 H N N 214 
ILE HXT  H N N 215 
LEU N    N N N 216 
LEU CA   C N S 217 
LEU C    C N N 218 
LEU O    O N N 219 
LEU CB   C N N 220 
LEU CG   C N N 221 
LEU CD1  C N N 222 
LEU CD2  C N N 223 
LEU OXT  O N N 224 
LEU H    H N N 225 
LEU H2   H N N 226 
LEU HA   H N N 227 
LEU HB2  H N N 228 
LEU HB3  H N N 229 
LEU HG   H N N 230 
LEU HD11 H N N 231 
LEU HD12 H N N 232 
LEU HD13 H N N 233 
LEU HD21 H N N 234 
LEU HD22 H N N 235 
LEU HD23 H N N 236 
LEU HXT  H N N 237 
LYS N    N N N 238 
LYS CA   C N S 239 
LYS C    C N N 240 
LYS O    O N N 241 
LYS CB   C N N 242 
LYS CG   C N N 243 
LYS CD   C N N 244 
LYS CE   C N N 245 
LYS NZ   N N N 246 
LYS OXT  O N N 247 
LYS H    H N N 248 
LYS H2   H N N 249 
LYS HA   H N N 250 
LYS HB2  H N N 251 
LYS HB3  H N N 252 
LYS HG2  H N N 253 
LYS HG3  H N N 254 
LYS HD2  H N N 255 
LYS HD3  H N N 256 
LYS HE2  H N N 257 
LYS HE3  H N N 258 
LYS HZ1  H N N 259 
LYS HZ2  H N N 260 
LYS HZ3  H N N 261 
LYS HXT  H N N 262 
MET N    N N N 263 
MET CA   C N S 264 
MET C    C N N 265 
MET O    O N N 266 
MET CB   C N N 267 
MET CG   C N N 268 
MET SD   S N N 269 
MET CE   C N N 270 
MET OXT  O N N 271 
MET H    H N N 272 
MET H2   H N N 273 
MET HA   H N N 274 
MET HB2  H N N 275 
MET HB3  H N N 276 
MET HG2  H N N 277 
MET HG3  H N N 278 
MET HE1  H N N 279 
MET HE2  H N N 280 
MET HE3  H N N 281 
MET HXT  H N N 282 
PHE N    N N N 283 
PHE CA   C N S 284 
PHE C    C N N 285 
PHE O    O N N 286 
PHE CB   C N N 287 
PHE CG   C Y N 288 
PHE CD1  C Y N 289 
PHE CD2  C Y N 290 
PHE CE1  C Y N 291 
PHE CE2  C Y N 292 
PHE CZ   C Y N 293 
PHE OXT  O N N 294 
PHE H    H N N 295 
PHE H2   H N N 296 
PHE HA   H N N 297 
PHE HB2  H N N 298 
PHE HB3  H N N 299 
PHE HD1  H N N 300 
PHE HD2  H N N 301 
PHE HE1  H N N 302 
PHE HE2  H N N 303 
PHE HZ   H N N 304 
PHE HXT  H N N 305 
PRO N    N N N 306 
PRO CA   C N S 307 
PRO C    C N N 308 
PRO O    O N N 309 
PRO CB   C N N 310 
PRO CG   C N N 311 
PRO CD   C N N 312 
PRO OXT  O N N 313 
PRO H    H N N 314 
PRO HA   H N N 315 
PRO HB2  H N N 316 
PRO HB3  H N N 317 
PRO HG2  H N N 318 
PRO HG3  H N N 319 
PRO HD2  H N N 320 
PRO HD3  H N N 321 
PRO HXT  H N N 322 
SER N    N N N 323 
SER CA   C N S 324 
SER C    C N N 325 
SER O    O N N 326 
SER CB   C N N 327 
SER OG   O N N 328 
SER OXT  O N N 329 
SER H    H N N 330 
SER H2   H N N 331 
SER HA   H N N 332 
SER HB2  H N N 333 
SER HB3  H N N 334 
SER HG   H N N 335 
SER HXT  H N N 336 
THR N    N N N 337 
THR CA   C N S 338 
THR C    C N N 339 
THR O    O N N 340 
THR CB   C N R 341 
THR OG1  O N N 342 
THR CG2  C N N 343 
THR OXT  O N N 344 
THR H    H N N 345 
THR H2   H N N 346 
THR HA   H N N 347 
THR HB   H N N 348 
THR HG1  H N N 349 
THR HG21 H N N 350 
THR HG22 H N N 351 
THR HG23 H N N 352 
THR HXT  H N N 353 
TRP N    N N N 354 
TRP CA   C N S 355 
TRP C    C N N 356 
TRP O    O N N 357 
TRP CB   C N N 358 
TRP CG   C Y N 359 
TRP CD1  C Y N 360 
TRP CD2  C Y N 361 
TRP NE1  N Y N 362 
TRP CE2  C Y N 363 
TRP CE3  C Y N 364 
TRP CZ2  C Y N 365 
TRP CZ3  C Y N 366 
TRP CH2  C Y N 367 
TRP OXT  O N N 368 
TRP H    H N N 369 
TRP H2   H N N 370 
TRP HA   H N N 371 
TRP HB2  H N N 372 
TRP HB3  H N N 373 
TRP HD1  H N N 374 
TRP HE1  H N N 375 
TRP HE3  H N N 376 
TRP HZ2  H N N 377 
TRP HZ3  H N N 378 
TRP HH2  H N N 379 
TRP HXT  H N N 380 
TYR N    N N N 381 
TYR CA   C N S 382 
TYR C    C N N 383 
TYR O    O N N 384 
TYR CB   C N N 385 
TYR CG   C Y N 386 
TYR CD1  C Y N 387 
TYR CD2  C Y N 388 
TYR CE1  C Y N 389 
TYR CE2  C Y N 390 
TYR CZ   C Y N 391 
TYR OH   O N N 392 
TYR OXT  O N N 393 
TYR H    H N N 394 
TYR H2   H N N 395 
TYR HA   H N N 396 
TYR HB2  H N N 397 
TYR HB3  H N N 398 
TYR HD1  H N N 399 
TYR HD2  H N N 400 
TYR HE1  H N N 401 
TYR HE2  H N N 402 
TYR HH   H N N 403 
TYR HXT  H N N 404 
VAL N    N N N 405 
VAL CA   C N S 406 
VAL C    C N N 407 
VAL O    O N N 408 
VAL CB   C N N 409 
VAL CG1  C N N 410 
VAL CG2  C N N 411 
VAL OXT  O N N 412 
VAL H    H N N 413 
VAL H2   H N N 414 
VAL HA   H N N 415 
VAL HB   H N N 416 
VAL HG11 H N N 417 
VAL HG12 H N N 418 
VAL HG13 H N N 419 
VAL HG21 H N N 420 
VAL HG22 H N N 421 
VAL HG23 H N N 422 
VAL HXT  H N N 423 
# 
loop_
_chem_comp_bond.comp_id 
_chem_comp_bond.atom_id_1 
_chem_comp_bond.atom_id_2 
_chem_comp_bond.value_order 
_chem_comp_bond.pdbx_aromatic_flag 
_chem_comp_bond.pdbx_stereo_config 
_chem_comp_bond.pdbx_ordinal 
6VY N01 C02  sing N N 1   
6VY N01 C15  sing N N 2   
6VY C02 O03  doub N N 3   
6VY C02 C04  sing N N 4   
6VY C04 C05  sing N N 5   
6VY C04 S11  sing N N 6   
6VY C05 C06  doub Y N 7   
6VY C05 C10  sing Y N 8   
6VY C06 C07  sing Y N 9   
6VY C07 C08  doub Y N 10  
6VY C08 C09  sing Y N 11  
6VY C09 C10  doub Y N 12  
6VY S11 O12  doub N N 13  
6VY S11 O13  sing N N 14  
6VY S11 O14  doub N N 15  
6VY C15 C16  doub Y N 16  
6VY C15 C20  sing Y N 17  
6VY C16 C17  sing Y N 18  
6VY C17 C18  doub Y N 19  
6VY C18 C19  sing Y N 20  
6VY C19 C20  doub Y N 21  
6VY N01 H011 sing N N 22  
6VY C04 H041 sing N N 23  
6VY C06 H061 sing N N 24  
6VY C07 H071 sing N N 25  
6VY C08 H081 sing N N 26  
6VY C09 H091 sing N N 27  
6VY C10 H101 sing N N 28  
6VY O13 H2   sing N N 29  
6VY C16 H161 sing N N 30  
6VY C17 H171 sing N N 31  
6VY C18 H181 sing N N 32  
6VY C19 H191 sing N N 33  
6VY C20 H201 sing N N 34  
ALA N   CA   sing N N 35  
ALA N   H    sing N N 36  
ALA N   H2   sing N N 37  
ALA CA  C    sing N N 38  
ALA CA  CB   sing N N 39  
ALA CA  HA   sing N N 40  
ALA C   O    doub N N 41  
ALA C   OXT  sing N N 42  
ALA CB  HB1  sing N N 43  
ALA CB  HB2  sing N N 44  
ALA CB  HB3  sing N N 45  
ALA OXT HXT  sing N N 46  
ARG N   CA   sing N N 47  
ARG N   H    sing N N 48  
ARG N   H2   sing N N 49  
ARG CA  C    sing N N 50  
ARG CA  CB   sing N N 51  
ARG CA  HA   sing N N 52  
ARG C   O    doub N N 53  
ARG C   OXT  sing N N 54  
ARG CB  CG   sing N N 55  
ARG CB  HB2  sing N N 56  
ARG CB  HB3  sing N N 57  
ARG CG  CD   sing N N 58  
ARG CG  HG2  sing N N 59  
ARG CG  HG3  sing N N 60  
ARG CD  NE   sing N N 61  
ARG CD  HD2  sing N N 62  
ARG CD  HD3  sing N N 63  
ARG NE  CZ   sing N N 64  
ARG NE  HE   sing N N 65  
ARG CZ  NH1  sing N N 66  
ARG CZ  NH2  doub N N 67  
ARG NH1 HH11 sing N N 68  
ARG NH1 HH12 sing N N 69  
ARG NH2 HH21 sing N N 70  
ARG NH2 HH22 sing N N 71  
ARG OXT HXT  sing N N 72  
ASN N   CA   sing N N 73  
ASN N   H    sing N N 74  
ASN N   H2   sing N N 75  
ASN CA  C    sing N N 76  
ASN CA  CB   sing N N 77  
ASN CA  HA   sing N N 78  
ASN C   O    doub N N 79  
ASN C   OXT  sing N N 80  
ASN CB  CG   sing N N 81  
ASN CB  HB2  sing N N 82  
ASN CB  HB3  sing N N 83  
ASN CG  OD1  doub N N 84  
ASN CG  ND2  sing N N 85  
ASN ND2 HD21 sing N N 86  
ASN ND2 HD22 sing N N 87  
ASN OXT HXT  sing N N 88  
ASP N   CA   sing N N 89  
ASP N   H    sing N N 90  
ASP N   H2   sing N N 91  
ASP CA  C    sing N N 92  
ASP CA  CB   sing N N 93  
ASP CA  HA   sing N N 94  
ASP C   O    doub N N 95  
ASP C   OXT  sing N N 96  
ASP CB  CG   sing N N 97  
ASP CB  HB2  sing N N 98  
ASP CB  HB3  sing N N 99  
ASP CG  OD1  doub N N 100 
ASP CG  OD2  sing N N 101 
ASP OD2 HD2  sing N N 102 
ASP OXT HXT  sing N N 103 
CYS N   CA   sing N N 104 
CYS N   H    sing N N 105 
CYS N   H2   sing N N 106 
CYS CA  C    sing N N 107 
CYS CA  CB   sing N N 108 
CYS CA  HA   sing N N 109 
CYS C   O    doub N N 110 
CYS C   OXT  sing N N 111 
CYS CB  SG   sing N N 112 
CYS CB  HB2  sing N N 113 
CYS CB  HB3  sing N N 114 
CYS SG  HG   sing N N 115 
CYS OXT HXT  sing N N 116 
GLN N   CA   sing N N 117 
GLN N   H    sing N N 118 
GLN N   H2   sing N N 119 
GLN CA  C    sing N N 120 
GLN CA  CB   sing N N 121 
GLN CA  HA   sing N N 122 
GLN C   O    doub N N 123 
GLN C   OXT  sing N N 124 
GLN CB  CG   sing N N 125 
GLN CB  HB2  sing N N 126 
GLN CB  HB3  sing N N 127 
GLN CG  CD   sing N N 128 
GLN CG  HG2  sing N N 129 
GLN CG  HG3  sing N N 130 
GLN CD  OE1  doub N N 131 
GLN CD  NE2  sing N N 132 
GLN NE2 HE21 sing N N 133 
GLN NE2 HE22 sing N N 134 
GLN OXT HXT  sing N N 135 
GLU N   CA   sing N N 136 
GLU N   H    sing N N 137 
GLU N   H2   sing N N 138 
GLU CA  C    sing N N 139 
GLU CA  CB   sing N N 140 
GLU CA  HA   sing N N 141 
GLU C   O    doub N N 142 
GLU C   OXT  sing N N 143 
GLU CB  CG   sing N N 144 
GLU CB  HB2  sing N N 145 
GLU CB  HB3  sing N N 146 
GLU CG  CD   sing N N 147 
GLU CG  HG2  sing N N 148 
GLU CG  HG3  sing N N 149 
GLU CD  OE1  doub N N 150 
GLU CD  OE2  sing N N 151 
GLU OE2 HE2  sing N N 152 
GLU OXT HXT  sing N N 153 
GLY N   CA   sing N N 154 
GLY N   H    sing N N 155 
GLY N   H2   sing N N 156 
GLY CA  C    sing N N 157 
GLY CA  HA2  sing N N 158 
GLY CA  HA3  sing N N 159 
GLY C   O    doub N N 160 
GLY C   OXT  sing N N 161 
GLY OXT HXT  sing N N 162 
HIS N   CA   sing N N 163 
HIS N   H    sing N N 164 
HIS N   H2   sing N N 165 
HIS CA  C    sing N N 166 
HIS CA  CB   sing N N 167 
HIS CA  HA   sing N N 168 
HIS C   O    doub N N 169 
HIS C   OXT  sing N N 170 
HIS CB  CG   sing N N 171 
HIS CB  HB2  sing N N 172 
HIS CB  HB3  sing N N 173 
HIS CG  ND1  sing Y N 174 
HIS CG  CD2  doub Y N 175 
HIS ND1 CE1  doub Y N 176 
HIS ND1 HD1  sing N N 177 
HIS CD2 NE2  sing Y N 178 
HIS CD2 HD2  sing N N 179 
HIS CE1 NE2  sing Y N 180 
HIS CE1 HE1  sing N N 181 
HIS NE2 HE2  sing N N 182 
HIS OXT HXT  sing N N 183 
HOH O   H1   sing N N 184 
HOH O   H2   sing N N 185 
ILE N   CA   sing N N 186 
ILE N   H    sing N N 187 
ILE N   H2   sing N N 188 
ILE CA  C    sing N N 189 
ILE CA  CB   sing N N 190 
ILE CA  HA   sing N N 191 
ILE C   O    doub N N 192 
ILE C   OXT  sing N N 193 
ILE CB  CG1  sing N N 194 
ILE CB  CG2  sing N N 195 
ILE CB  HB   sing N N 196 
ILE CG1 CD1  sing N N 197 
ILE CG1 HG12 sing N N 198 
ILE CG1 HG13 sing N N 199 
ILE CG2 HG21 sing N N 200 
ILE CG2 HG22 sing N N 201 
ILE CG2 HG23 sing N N 202 
ILE CD1 HD11 sing N N 203 
ILE CD1 HD12 sing N N 204 
ILE CD1 HD13 sing N N 205 
ILE OXT HXT  sing N N 206 
LEU N   CA   sing N N 207 
LEU N   H    sing N N 208 
LEU N   H2   sing N N 209 
LEU CA  C    sing N N 210 
LEU CA  CB   sing N N 211 
LEU CA  HA   sing N N 212 
LEU C   O    doub N N 213 
LEU C   OXT  sing N N 214 
LEU CB  CG   sing N N 215 
LEU CB  HB2  sing N N 216 
LEU CB  HB3  sing N N 217 
LEU CG  CD1  sing N N 218 
LEU CG  CD2  sing N N 219 
LEU CG  HG   sing N N 220 
LEU CD1 HD11 sing N N 221 
LEU CD1 HD12 sing N N 222 
LEU CD1 HD13 sing N N 223 
LEU CD2 HD21 sing N N 224 
LEU CD2 HD22 sing N N 225 
LEU CD2 HD23 sing N N 226 
LEU OXT HXT  sing N N 227 
LYS N   CA   sing N N 228 
LYS N   H    sing N N 229 
LYS N   H2   sing N N 230 
LYS CA  C    sing N N 231 
LYS CA  CB   sing N N 232 
LYS CA  HA   sing N N 233 
LYS C   O    doub N N 234 
LYS C   OXT  sing N N 235 
LYS CB  CG   sing N N 236 
LYS CB  HB2  sing N N 237 
LYS CB  HB3  sing N N 238 
LYS CG  CD   sing N N 239 
LYS CG  HG2  sing N N 240 
LYS CG  HG3  sing N N 241 
LYS CD  CE   sing N N 242 
LYS CD  HD2  sing N N 243 
LYS CD  HD3  sing N N 244 
LYS CE  NZ   sing N N 245 
LYS CE  HE2  sing N N 246 
LYS CE  HE3  sing N N 247 
LYS NZ  HZ1  sing N N 248 
LYS NZ  HZ2  sing N N 249 
LYS NZ  HZ3  sing N N 250 
LYS OXT HXT  sing N N 251 
MET N   CA   sing N N 252 
MET N   H    sing N N 253 
MET N   H2   sing N N 254 
MET CA  C    sing N N 255 
MET CA  CB   sing N N 256 
MET CA  HA   sing N N 257 
MET C   O    doub N N 258 
MET C   OXT  sing N N 259 
MET CB  CG   sing N N 260 
MET CB  HB2  sing N N 261 
MET CB  HB3  sing N N 262 
MET CG  SD   sing N N 263 
MET CG  HG2  sing N N 264 
MET CG  HG3  sing N N 265 
MET SD  CE   sing N N 266 
MET CE  HE1  sing N N 267 
MET CE  HE2  sing N N 268 
MET CE  HE3  sing N N 269 
MET OXT HXT  sing N N 270 
PHE N   CA   sing N N 271 
PHE N   H    sing N N 272 
PHE N   H2   sing N N 273 
PHE CA  C    sing N N 274 
PHE CA  CB   sing N N 275 
PHE CA  HA   sing N N 276 
PHE C   O    doub N N 277 
PHE C   OXT  sing N N 278 
PHE CB  CG   sing N N 279 
PHE CB  HB2  sing N N 280 
PHE CB  HB3  sing N N 281 
PHE CG  CD1  doub Y N 282 
PHE CG  CD2  sing Y N 283 
PHE CD1 CE1  sing Y N 284 
PHE CD1 HD1  sing N N 285 
PHE CD2 CE2  doub Y N 286 
PHE CD2 HD2  sing N N 287 
PHE CE1 CZ   doub Y N 288 
PHE CE1 HE1  sing N N 289 
PHE CE2 CZ   sing Y N 290 
PHE CE2 HE2  sing N N 291 
PHE CZ  HZ   sing N N 292 
PHE OXT HXT  sing N N 293 
PRO N   CA   sing N N 294 
PRO N   CD   sing N N 295 
PRO N   H    sing N N 296 
PRO CA  C    sing N N 297 
PRO CA  CB   sing N N 298 
PRO CA  HA   sing N N 299 
PRO C   O    doub N N 300 
PRO C   OXT  sing N N 301 
PRO CB  CG   sing N N 302 
PRO CB  HB2  sing N N 303 
PRO CB  HB3  sing N N 304 
PRO CG  CD   sing N N 305 
PRO CG  HG2  sing N N 306 
PRO CG  HG3  sing N N 307 
PRO CD  HD2  sing N N 308 
PRO CD  HD3  sing N N 309 
PRO OXT HXT  sing N N 310 
SER N   CA   sing N N 311 
SER N   H    sing N N 312 
SER N   H2   sing N N 313 
SER CA  C    sing N N 314 
SER CA  CB   sing N N 315 
SER CA  HA   sing N N 316 
SER C   O    doub N N 317 
SER C   OXT  sing N N 318 
SER CB  OG   sing N N 319 
SER CB  HB2  sing N N 320 
SER CB  HB3  sing N N 321 
SER OG  HG   sing N N 322 
SER OXT HXT  sing N N 323 
THR N   CA   sing N N 324 
THR N   H    sing N N 325 
THR N   H2   sing N N 326 
THR CA  C    sing N N 327 
THR CA  CB   sing N N 328 
THR CA  HA   sing N N 329 
THR C   O    doub N N 330 
THR C   OXT  sing N N 331 
THR CB  OG1  sing N N 332 
THR CB  CG2  sing N N 333 
THR CB  HB   sing N N 334 
THR OG1 HG1  sing N N 335 
THR CG2 HG21 sing N N 336 
THR CG2 HG22 sing N N 337 
THR CG2 HG23 sing N N 338 
THR OXT HXT  sing N N 339 
TRP N   CA   sing N N 340 
TRP N   H    sing N N 341 
TRP N   H2   sing N N 342 
TRP CA  C    sing N N 343 
TRP CA  CB   sing N N 344 
TRP CA  HA   sing N N 345 
TRP C   O    doub N N 346 
TRP C   OXT  sing N N 347 
TRP CB  CG   sing N N 348 
TRP CB  HB2  sing N N 349 
TRP CB  HB3  sing N N 350 
TRP CG  CD1  doub Y N 351 
TRP CG  CD2  sing Y N 352 
TRP CD1 NE1  sing Y N 353 
TRP CD1 HD1  sing N N 354 
TRP CD2 CE2  doub Y N 355 
TRP CD2 CE3  sing Y N 356 
TRP NE1 CE2  sing Y N 357 
TRP NE1 HE1  sing N N 358 
TRP CE2 CZ2  sing Y N 359 
TRP CE3 CZ3  doub Y N 360 
TRP CE3 HE3  sing N N 361 
TRP CZ2 CH2  doub Y N 362 
TRP CZ2 HZ2  sing N N 363 
TRP CZ3 CH2  sing Y N 364 
TRP CZ3 HZ3  sing N N 365 
TRP CH2 HH2  sing N N 366 
TRP OXT HXT  sing N N 367 
TYR N   CA   sing N N 368 
TYR N   H    sing N N 369 
TYR N   H2   sing N N 370 
TYR CA  C    sing N N 371 
TYR CA  CB   sing N N 372 
TYR CA  HA   sing N N 373 
TYR C   O    doub N N 374 
TYR C   OXT  sing N N 375 
TYR CB  CG   sing N N 376 
TYR CB  HB2  sing N N 377 
TYR CB  HB3  sing N N 378 
TYR CG  CD1  doub Y N 379 
TYR CG  CD2  sing Y N 380 
TYR CD1 CE1  sing Y N 381 
TYR CD1 HD1  sing N N 382 
TYR CD2 CE2  doub Y N 383 
TYR CD2 HD2  sing N N 384 
TYR CE1 CZ   doub Y N 385 
TYR CE1 HE1  sing N N 386 
TYR CE2 CZ   sing Y N 387 
TYR CE2 HE2  sing N N 388 
TYR CZ  OH   sing N N 389 
TYR OH  HH   sing N N 390 
TYR OXT HXT  sing N N 391 
VAL N   CA   sing N N 392 
VAL N   H    sing N N 393 
VAL N   H2   sing N N 394 
VAL CA  C    sing N N 395 
VAL CA  CB   sing N N 396 
VAL CA  HA   sing N N 397 
VAL C   O    doub N N 398 
VAL C   OXT  sing N N 399 
VAL CB  CG1  sing N N 400 
VAL CB  CG2  sing N N 401 
VAL CB  HB   sing N N 402 
VAL CG1 HG11 sing N N 403 
VAL CG1 HG12 sing N N 404 
VAL CG1 HG13 sing N N 405 
VAL CG2 HG21 sing N N 406 
VAL CG2 HG22 sing N N 407 
VAL CG2 HG23 sing N N 408 
VAL OXT HXT  sing N N 409 
# 
loop_
_pdbx_entity_nonpoly.entity_id 
_pdbx_entity_nonpoly.name 
_pdbx_entity_nonpoly.comp_id 
2 '(1~{S})-2-oxidanylidene-1-phenyl-2-phenylazanyl-ethanesulfonic acid' 6VY 
3 water                                                                 HOH 
# 
_pdbx_initial_refinement_model.id               1 
_pdbx_initial_refinement_model.entity_id_list   ? 
_pdbx_initial_refinement_model.type             'experimental model' 
_pdbx_initial_refinement_model.source_name      PDB 
_pdbx_initial_refinement_model.accession_code   5PNT 
_pdbx_initial_refinement_model.details          ? 
# 
